data_5BJZ
#
_entry.id   5BJZ
#
_cell.length_a   98.390
_cell.length_b   87.590
_cell.length_c   114.650
_cell.angle_alpha   90.000
_cell.angle_beta   114.290
_cell.angle_gamma   90.000
#
_symmetry.space_group_name_H-M   'P 1 21 1'
#
loop_
_entity.id
_entity.type
_entity.pdbx_description
1 polymer 'Maltose-binding periplasmic protein'
2 polymer 'Synthetic antibody, Fab fragment, Heavy Chain'
3 polymer 'Synthetic antibody, Fab fragment, Light Chain'
4 branched alpha-D-glucopyranose-(1-4)-alpha-D-glucopyranose
5 non-polymer GLYCEROL
6 non-polymer '4-(2-HYDROXYETHYL)-1-PIPERAZINE ETHANESULFONIC ACID'
7 non-polymer 'CHLORIDE ION'
8 water water
#
loop_
_entity_poly.entity_id
_entity_poly.type
_entity_poly.pdbx_seq_one_letter_code
_entity_poly.pdbx_strand_id
1 'polypeptide(L)'
;MKHHHHHHHHHHSSDYKDDDDKGENLYFQGSKIEEGKLVIWINGDKGYNGLAEVGKKFEKDTGIKVTVEHPDKLEEKFPQ
VAATGDGPDIIFWAHDRFGGYAQSGLLAEITPDKAFQDKLYPFTWDAVRYNGKLIAYPIAVEALSLIYNKDLLPNPPKTW
EEIPALDKELKAKGKSALMFNLQEPYFTWPLIAADGGYAFKYENGKYDIKDVGVDNAGAKAGLTFLVDLIKNKHMNADTD
YSIAEAAFNKGETAMTINGPWAWSNIDTSKVNYGVTVLPTFKGQPSKPFVGVLSAGINAASPNKELAKEFLENYLLTDEG
LEAVNKDKPLGAVALKSYEEELAKDPRIAATMENAQKGEIMPNIPQMSAFWYAVRTAVINAASGRQTVDEALKDAQTN
;
B,A
2 'polypeptide(L)'
;EISEVQLVESGGGLVQPGGSLRLSCAASGFNLSSSSIHWVRQAPGKGLEWVASIYSYYGSTSYADSVKGRFTISADTSKN
TAYLQMNSLRAEDTAVYYCAREYHSYWSYSWWPRVGLDYWGQGTLVTVSSASTKGPSVFPLAPSSKSTSGGTAALGCLVK
DYFPEPVTVSWNSGALTSGVHTFPAVLQSSGLYSLSSVVTVPSSSLGTQTYICNVNHKPSNTKVDKKVEPKSCDKTHT
;
C,D
3 'polypeptide(L)'
;SDIQMTQSPSSLSASVGDRVTITCRASQSVSSAVAWYQQKPGKAPKLLIYSASSLYSGVPSRFSGSRSGTDFTLTISSLQ
PEDFATYYCQQASLTALLTFGQGTKVEIKRTVAAPSVFIFPPSDSQLKSGTASVVCLLNNFYPREAKVQWKVDNALQSGN
SQESVTEQDSKDSTYSLSSTLTLSKADYEKHKVYACEVTHQGLSSPVTKSFNRGEC
;
L,H
#
# COMPACT_ATOMS: atom_id res chain seq x y z
N LYS A 32 -7.56 15.21 -74.07
CA LYS A 32 -8.82 15.19 -73.34
C LYS A 32 -8.94 13.90 -72.54
N ILE A 33 -9.52 14.01 -71.35
CA ILE A 33 -9.73 12.91 -70.43
C ILE A 33 -11.09 12.28 -70.73
N GLU A 34 -11.14 10.95 -70.70
CA GLU A 34 -12.35 10.21 -71.08
C GLU A 34 -13.47 10.41 -70.06
N GLU A 35 -14.67 10.74 -70.56
CA GLU A 35 -15.82 10.97 -69.69
C GLU A 35 -16.52 9.66 -69.34
N GLY A 36 -17.02 9.57 -68.12
CA GLY A 36 -17.76 8.40 -67.69
C GLY A 36 -16.96 7.34 -66.98
N LYS A 37 -15.76 7.66 -66.50
CA LYS A 37 -14.94 6.71 -65.75
C LYS A 37 -13.91 7.49 -64.97
N LEU A 38 -13.23 6.81 -64.04
CA LEU A 38 -12.20 7.46 -63.24
C LEU A 38 -10.85 6.80 -63.46
N VAL A 39 -9.84 7.62 -63.69
CA VAL A 39 -8.44 7.21 -63.69
C VAL A 39 -7.77 7.87 -62.49
N ILE A 40 -7.10 7.05 -61.67
CA ILE A 40 -6.44 7.50 -60.46
C ILE A 40 -4.96 7.15 -60.53
N TRP A 41 -4.10 8.11 -60.19
CA TRP A 41 -2.66 7.89 -60.02
C TRP A 41 -2.31 7.95 -58.53
N ILE A 42 -1.53 6.97 -58.07
CA ILE A 42 -1.00 6.94 -56.72
C ILE A 42 0.37 6.29 -56.76
N ASN A 43 1.24 6.66 -55.82
CA ASN A 43 2.62 6.18 -55.86
C ASN A 43 2.69 4.67 -55.63
N GLY A 44 3.70 4.05 -56.23
CA GLY A 44 3.84 2.59 -56.22
C GLY A 44 4.11 1.99 -54.85
N ASP A 45 4.51 2.80 -53.88
CA ASP A 45 4.74 2.26 -52.54
C ASP A 45 3.49 2.28 -51.68
N LYS A 46 2.37 2.77 -52.19
CA LYS A 46 1.13 2.83 -51.43
C LYS A 46 0.24 1.63 -51.77
N GLY A 47 -0.87 1.52 -51.04
CA GLY A 47 -1.78 0.41 -51.22
C GLY A 47 -2.70 0.56 -52.42
N TYR A 48 -2.13 0.51 -53.62
CA TYR A 48 -2.95 0.75 -54.80
C TYR A 48 -3.88 -0.42 -55.11
N ASN A 49 -3.51 -1.64 -54.73
CA ASN A 49 -4.45 -2.75 -54.92
C ASN A 49 -5.64 -2.63 -54.00
N GLY A 50 -5.42 -2.19 -52.76
CA GLY A 50 -6.54 -1.94 -51.87
C GLY A 50 -7.41 -0.78 -52.34
N LEU A 51 -6.77 0.29 -52.82
CA LEU A 51 -7.52 1.39 -53.40
C LEU A 51 -8.34 0.92 -54.59
N ALA A 52 -7.81 0.00 -55.39
CA ALA A 52 -8.58 -0.55 -56.51
C ALA A 52 -9.79 -1.34 -56.03
N GLU A 53 -9.71 -1.94 -54.84
CA GLU A 53 -10.88 -2.62 -54.29
C GLU A 53 -11.99 -1.63 -53.95
N VAL A 54 -11.63 -0.43 -53.48
CA VAL A 54 -12.65 0.61 -53.28
C VAL A 54 -13.25 1.01 -54.61
N GLY A 55 -12.46 1.00 -55.68
CA GLY A 55 -13.00 1.32 -56.99
C GLY A 55 -13.91 0.23 -57.54
N LYS A 56 -13.69 -1.03 -57.13
CA LYS A 56 -14.61 -2.09 -57.54
C LYS A 56 -15.93 -1.99 -56.81
N LYS A 57 -15.92 -1.56 -55.55
CA LYS A 57 -17.15 -1.26 -54.84
C LYS A 57 -17.89 -0.09 -55.50
N PHE A 58 -17.16 0.96 -55.88
CA PHE A 58 -17.76 2.07 -56.61
C PHE A 58 -18.39 1.58 -57.92
N GLU A 59 -17.71 0.67 -58.61
CA GLU A 59 -18.25 0.14 -59.86
C GLU A 59 -19.46 -0.75 -59.60
N LYS A 60 -19.49 -1.46 -58.48
CA LYS A 60 -20.66 -2.30 -58.20
C LYS A 60 -21.91 -1.44 -57.97
N ASP A 61 -21.76 -0.31 -57.28
CA ASP A 61 -22.93 0.51 -56.92
C ASP A 61 -23.38 1.41 -58.06
N THR A 62 -22.46 1.94 -58.86
CA THR A 62 -22.78 2.94 -59.85
C THR A 62 -22.55 2.50 -61.30
N GLY A 63 -21.82 1.41 -61.52
CA GLY A 63 -21.44 1.00 -62.86
C GLY A 63 -20.22 1.70 -63.43
N ILE A 64 -19.57 2.58 -62.67
CA ILE A 64 -18.47 3.40 -63.16
C ILE A 64 -17.15 2.67 -62.86
N LYS A 65 -16.37 2.41 -63.91
CA LYS A 65 -15.11 1.71 -63.75
C LYS A 65 -14.04 2.64 -63.21
N VAL A 66 -13.28 2.17 -62.23
CA VAL A 66 -12.18 2.93 -61.64
C VAL A 66 -10.89 2.20 -61.97
N THR A 67 -9.96 2.90 -62.63
CA THR A 67 -8.67 2.36 -63.03
C THR A 67 -7.57 3.04 -62.20
N VAL A 68 -6.85 2.25 -61.40
CA VAL A 68 -5.77 2.75 -60.54
C VAL A 68 -4.44 2.43 -61.20
N GLU A 69 -3.59 3.46 -61.36
CA GLU A 69 -2.26 3.31 -61.94
C GLU A 69 -1.23 3.91 -60.99
N HIS A 70 0.01 3.39 -61.09
CA HIS A 70 1.13 3.88 -60.27
C HIS A 70 2.35 4.11 -61.18
N PRO A 71 2.29 5.10 -62.05
CA PRO A 71 3.43 5.35 -62.94
C PRO A 71 4.63 5.87 -62.18
N ASP A 72 5.81 5.63 -62.78
CA ASP A 72 7.06 6.09 -62.20
C ASP A 72 7.14 7.61 -62.27
N LYS A 73 7.73 8.19 -61.23
CA LYS A 73 7.92 9.64 -61.12
CA LYS A 73 7.92 9.65 -61.17
C LYS A 73 6.62 10.39 -61.45
N LEU A 74 5.52 9.90 -60.87
CA LEU A 74 4.22 10.50 -61.18
C LEU A 74 4.10 11.93 -60.66
N GLU A 75 4.87 12.31 -59.63
CA GLU A 75 4.81 13.69 -59.16
C GLU A 75 5.49 14.66 -60.12
N GLU A 76 6.34 14.13 -61.01
CA GLU A 76 6.90 14.92 -62.10
C GLU A 76 6.10 14.78 -63.38
N LYS A 77 5.48 13.62 -63.60
CA LYS A 77 4.70 13.43 -64.82
C LYS A 77 3.38 14.20 -64.76
N PHE A 78 2.74 14.23 -63.59
CA PHE A 78 1.43 14.88 -63.50
C PHE A 78 1.45 16.34 -63.94
N PRO A 79 2.35 17.20 -63.45
CA PRO A 79 2.34 18.59 -63.93
C PRO A 79 2.58 18.72 -65.43
N GLN A 80 3.27 17.75 -66.05
CA GLN A 80 3.54 17.82 -67.49
C GLN A 80 2.31 17.47 -68.32
N VAL A 81 1.62 16.37 -67.98
CA VAL A 81 0.47 15.98 -68.79
C VAL A 81 -0.76 16.82 -68.43
N ALA A 82 -0.92 17.18 -67.15
CA ALA A 82 -2.07 17.98 -66.74
C ALA A 82 -2.04 19.38 -67.33
N ALA A 83 -0.84 19.94 -67.53
CA ALA A 83 -0.75 21.27 -68.12
C ALA A 83 -1.39 21.32 -69.50
N THR A 84 -1.29 20.24 -70.26
CA THR A 84 -1.86 20.19 -71.61
C THR A 84 -3.29 19.66 -71.63
N GLY A 85 -3.92 19.47 -70.46
CA GLY A 85 -5.30 19.03 -70.43
C GLY A 85 -5.49 17.53 -70.40
N ASP A 86 -4.43 16.77 -70.14
CA ASP A 86 -4.45 15.31 -70.05
C ASP A 86 -4.26 14.88 -68.59
N GLY A 87 -3.96 13.60 -68.40
CA GLY A 87 -3.63 13.10 -67.09
C GLY A 87 -4.78 12.36 -66.43
N PRO A 88 -4.61 12.03 -65.16
CA PRO A 88 -5.65 11.29 -64.44
C PRO A 88 -6.76 12.23 -63.95
N ASP A 89 -7.89 11.62 -63.60
CA ASP A 89 -8.95 12.40 -62.97
C ASP A 89 -8.54 12.82 -61.55
N ILE A 90 -7.88 11.92 -60.82
CA ILE A 90 -7.49 12.13 -59.43
C ILE A 90 -6.02 11.79 -59.28
N ILE A 91 -5.28 12.63 -58.56
CA ILE A 91 -3.87 12.36 -58.27
C ILE A 91 -3.67 12.35 -56.76
N PHE A 92 -2.98 11.31 -56.28
CA PHE A 92 -2.61 11.18 -54.87
C PHE A 92 -1.13 11.49 -54.69
N TRP A 93 -0.81 12.35 -53.73
CA TRP A 93 0.58 12.60 -53.33
C TRP A 93 0.54 13.27 -51.96
N ALA A 94 1.70 13.30 -51.29
CA ALA A 94 1.80 14.10 -50.09
C ALA A 94 1.52 15.57 -50.42
N HIS A 95 1.05 16.30 -49.41
CA HIS A 95 0.49 17.64 -49.65
C HIS A 95 1.52 18.65 -50.14
N ASP A 96 2.84 18.36 -49.99
CA ASP A 96 3.84 19.39 -50.25
C ASP A 96 3.92 19.77 -51.73
N ARG A 97 3.50 18.91 -52.66
CA ARG A 97 3.59 19.23 -54.08
C ARG A 97 2.38 19.96 -54.62
N PHE A 98 1.27 20.04 -53.87
CA PHE A 98 0.02 20.54 -54.44
C PHE A 98 0.00 22.06 -54.59
N GLY A 99 0.80 22.79 -53.83
CA GLY A 99 0.85 24.23 -54.02
C GLY A 99 1.39 24.61 -55.39
N GLY A 100 2.44 23.92 -55.85
CA GLY A 100 2.91 24.14 -57.21
C GLY A 100 1.89 23.78 -58.26
N TYR A 101 1.18 22.66 -58.07
CA TYR A 101 0.11 22.30 -58.99
C TYR A 101 -1.00 23.36 -58.99
N ALA A 102 -1.36 23.86 -57.81
CA ALA A 102 -2.43 24.87 -57.74
C ALA A 102 -2.01 26.17 -58.39
N GLN A 103 -0.76 26.61 -58.18
CA GLN A 103 -0.31 27.86 -58.79
C GLN A 103 -0.40 27.81 -60.31
N SER A 104 -0.13 26.65 -60.92
CA SER A 104 -0.22 26.44 -62.36
C SER A 104 -1.63 26.20 -62.86
N GLY A 105 -2.64 26.24 -61.98
CA GLY A 105 -4.01 26.04 -62.39
C GLY A 105 -4.39 24.61 -62.72
N LEU A 106 -3.67 23.62 -62.20
CA LEU A 106 -3.86 22.23 -62.62
C LEU A 106 -4.89 21.47 -61.80
N LEU A 107 -5.43 22.09 -60.74
CA LEU A 107 -6.32 21.44 -59.79
C LEU A 107 -7.67 22.16 -59.70
N ALA A 108 -8.72 21.37 -59.55
CA ALA A 108 -10.04 21.92 -59.26
C ALA A 108 -10.16 22.26 -57.78
N GLU A 109 -10.77 23.41 -57.48
CA GLU A 109 -11.12 23.69 -56.09
C GLU A 109 -12.15 22.67 -55.62
N ILE A 110 -11.91 22.03 -54.50
CA ILE A 110 -12.85 21.02 -54.03
C ILE A 110 -13.99 21.72 -53.29
N THR A 111 -15.13 21.02 -53.18
CA THR A 111 -16.35 21.62 -52.63
C THR A 111 -17.00 20.73 -51.56
N PRO A 112 -16.27 20.32 -50.51
CA PRO A 112 -16.93 19.63 -49.40
C PRO A 112 -17.75 20.62 -48.57
N ASP A 113 -18.95 20.19 -48.16
CA ASP A 113 -19.74 21.10 -47.34
C ASP A 113 -19.22 21.08 -45.91
N LYS A 114 -19.81 21.91 -45.05
CA LYS A 114 -19.34 22.04 -43.68
C LYS A 114 -19.47 20.73 -42.92
N ALA A 115 -20.56 19.98 -43.15
CA ALA A 115 -20.72 18.70 -42.47
C ALA A 115 -19.63 17.72 -42.87
N PHE A 116 -19.20 17.73 -44.14
CA PHE A 116 -18.10 16.81 -44.50
C PHE A 116 -16.78 17.28 -43.90
N GLN A 117 -16.51 18.59 -43.91
CA GLN A 117 -15.25 19.07 -43.35
C GLN A 117 -15.13 18.73 -41.87
N ASP A 118 -16.25 18.72 -41.16
CA ASP A 118 -16.27 18.34 -39.74
C ASP A 118 -15.98 16.86 -39.53
N LYS A 119 -15.84 16.07 -40.58
CA LYS A 119 -15.52 14.66 -40.47
C LYS A 119 -14.02 14.38 -40.43
N LEU A 120 -13.16 15.35 -40.76
CA LEU A 120 -11.72 15.20 -40.76
C LEU A 120 -11.07 16.17 -39.77
N TYR A 121 -9.85 15.87 -39.34
CA TYR A 121 -9.18 16.71 -38.36
C TYR A 121 -8.85 18.08 -38.94
N PRO A 122 -9.05 19.16 -38.16
CA PRO A 122 -8.80 20.51 -38.71
C PRO A 122 -7.38 20.70 -39.23
N PHE A 123 -6.37 20.20 -38.54
CA PHE A 123 -5.01 20.40 -39.01
C PHE A 123 -4.75 19.70 -40.35
N THR A 124 -5.50 18.65 -40.68
CA THR A 124 -5.28 18.06 -42.00
C THR A 124 -5.88 18.94 -43.10
N TRP A 125 -6.96 19.69 -42.80
CA TRP A 125 -7.49 20.64 -43.79
C TRP A 125 -6.51 21.81 -43.99
N ASP A 126 -5.83 22.24 -42.92
CA ASP A 126 -4.84 23.30 -43.05
C ASP A 126 -3.72 22.89 -44.00
N ALA A 127 -3.39 21.60 -44.06
CA ALA A 127 -2.28 21.19 -44.92
C ALA A 127 -2.60 21.35 -46.41
N VAL A 128 -3.88 21.28 -46.78
CA VAL A 128 -4.29 21.33 -48.18
C VAL A 128 -4.93 22.68 -48.53
N ARG A 129 -4.68 23.74 -47.76
CA ARG A 129 -5.13 25.09 -48.12
C ARG A 129 -4.00 25.78 -48.88
N TYR A 130 -4.34 26.42 -50.00
CA TYR A 130 -3.39 27.21 -50.76
C TYR A 130 -4.08 28.48 -51.21
N ASN A 131 -3.50 29.63 -50.86
CA ASN A 131 -4.10 30.92 -51.17
C ASN A 131 -5.54 31.00 -50.66
N GLY A 132 -5.76 30.43 -49.46
CA GLY A 132 -7.05 30.48 -48.81
C GLY A 132 -8.03 29.38 -49.18
N LYS A 133 -7.79 28.63 -50.26
CA LYS A 133 -8.74 27.68 -50.81
C LYS A 133 -8.31 26.25 -50.55
N LEU A 134 -9.30 25.35 -50.41
CA LEU A 134 -9.03 23.92 -50.34
C LEU A 134 -8.77 23.37 -51.74
N ILE A 135 -7.62 22.74 -51.93
CA ILE A 135 -7.18 22.24 -53.23
CA ILE A 135 -7.19 22.25 -53.23
C ILE A 135 -7.08 20.73 -53.29
N ALA A 136 -7.39 20.02 -52.20
CA ALA A 136 -7.31 18.57 -52.21
C ALA A 136 -7.98 18.02 -50.95
N TYR A 137 -8.31 16.73 -50.99
CA TYR A 137 -8.86 16.02 -49.83
C TYR A 137 -7.72 15.39 -49.03
N PRO A 138 -7.60 15.69 -47.74
CA PRO A 138 -6.61 14.96 -46.94
C PRO A 138 -7.05 13.52 -46.70
N ILE A 139 -6.09 12.61 -46.76
CA ILE A 139 -6.34 11.17 -46.58
C ILE A 139 -5.70 10.67 -45.29
N ALA A 140 -4.40 10.91 -45.10
CA ALA A 140 -3.68 10.29 -43.99
C ALA A 140 -2.42 11.09 -43.65
N VAL A 141 -2.02 10.99 -42.38
CA VAL A 141 -0.81 11.66 -41.90
C VAL A 141 0.31 10.62 -41.84
N GLU A 142 1.45 10.98 -42.40
CA GLU A 142 2.62 10.11 -42.52
C GLU A 142 3.82 10.75 -41.82
N ALA A 143 4.58 9.95 -41.09
CA ALA A 143 5.87 10.38 -40.58
C ALA A 143 6.79 9.18 -40.55
N LEU A 144 8.08 9.43 -40.69
CA LEU A 144 9.08 8.36 -40.61
C LEU A 144 9.27 7.95 -39.16
N SER A 145 9.50 6.65 -38.95
CA SER A 145 9.86 6.14 -37.65
C SER A 145 11.11 5.28 -37.81
N LEU A 146 11.72 4.98 -36.67
CA LEU A 146 12.81 4.02 -36.60
C LEU A 146 12.19 2.64 -36.47
N ILE A 147 12.57 1.72 -37.36
CA ILE A 147 12.07 0.36 -37.34
C ILE A 147 13.24 -0.55 -37.01
N TYR A 148 13.07 -1.40 -35.99
CA TYR A 148 14.17 -2.19 -35.48
C TYR A 148 13.77 -3.66 -35.31
N ASN A 149 14.76 -4.54 -35.46
CA ASN A 149 14.60 -5.97 -35.30
C ASN A 149 14.76 -6.32 -33.82
N LYS A 150 13.67 -6.72 -33.19
CA LYS A 150 13.71 -6.98 -31.75
C LYS A 150 14.63 -8.15 -31.39
N ASP A 151 14.75 -9.15 -32.28
CA ASP A 151 15.62 -10.27 -31.99
C ASP A 151 17.09 -9.85 -32.01
N LEU A 152 17.49 -9.06 -32.99
CA LEU A 152 18.86 -8.59 -33.06
C LEU A 152 19.14 -7.45 -32.08
N LEU A 153 18.11 -6.69 -31.70
CA LEU A 153 18.31 -5.44 -30.98
C LEU A 153 17.09 -5.15 -30.12
N PRO A 154 17.01 -5.74 -28.93
CA PRO A 154 15.84 -5.50 -28.06
C PRO A 154 15.78 -4.10 -27.48
N ASN A 155 16.92 -3.42 -27.36
CA ASN A 155 16.98 -2.03 -26.86
C ASN A 155 17.58 -1.15 -27.94
N PRO A 156 16.77 -0.63 -28.86
CA PRO A 156 17.32 0.20 -29.93
C PRO A 156 17.90 1.47 -29.37
N PRO A 157 18.89 2.07 -30.06
CA PRO A 157 19.56 3.24 -29.50
C PRO A 157 18.69 4.49 -29.52
N LYS A 158 18.94 5.36 -28.54
CA LYS A 158 18.23 6.62 -28.40
C LYS A 158 18.89 7.78 -29.13
N THR A 159 20.18 7.64 -29.48
CA THR A 159 20.94 8.71 -30.12
C THR A 159 21.56 8.20 -31.41
N TRP A 160 21.69 9.11 -32.39
CA TRP A 160 22.49 8.79 -33.58
C TRP A 160 23.94 8.52 -33.22
N GLU A 161 24.45 9.17 -32.17
CA GLU A 161 25.88 9.14 -31.88
C GLU A 161 26.37 7.74 -31.50
N GLU A 162 25.49 6.88 -30.98
CA GLU A 162 25.93 5.57 -30.54
C GLU A 162 25.80 4.49 -31.61
N ILE A 163 25.38 4.85 -32.82
CA ILE A 163 25.18 3.90 -33.90
C ILE A 163 26.52 3.37 -34.43
N PRO A 164 27.57 4.19 -34.57
CA PRO A 164 28.86 3.61 -35.03
C PRO A 164 29.36 2.45 -34.16
N ALA A 165 29.32 2.60 -32.84
CA ALA A 165 29.78 1.51 -31.98
C ALA A 165 28.88 0.29 -32.10
N LEU A 166 27.57 0.51 -32.23
CA LEU A 166 26.65 -0.61 -32.42
C LEU A 166 26.96 -1.35 -33.71
N ASP A 167 27.27 -0.62 -34.79
CA ASP A 167 27.57 -1.27 -36.05
C ASP A 167 28.84 -2.10 -35.97
N LYS A 168 29.90 -1.52 -35.36
CA LYS A 168 31.13 -2.28 -35.16
CA LYS A 168 31.13 -2.27 -35.15
C LYS A 168 30.86 -3.58 -34.41
N GLU A 169 29.93 -3.56 -33.45
CA GLU A 169 29.60 -4.77 -32.72
C GLU A 169 28.86 -5.77 -33.61
N LEU A 170 27.86 -5.30 -34.36
CA LEU A 170 27.06 -6.19 -35.19
C LEU A 170 27.84 -6.70 -36.40
N LYS A 171 28.80 -5.92 -36.91
CA LYS A 171 29.60 -6.40 -38.04
C LYS A 171 30.43 -7.60 -37.65
N ALA A 172 30.81 -7.72 -36.36
CA ALA A 172 31.52 -8.90 -35.90
C ALA A 172 30.65 -10.15 -36.04
N LYS A 173 29.33 -10.00 -36.03
CA LYS A 173 28.40 -11.11 -36.17
C LYS A 173 27.83 -11.21 -37.58
N GLY A 174 28.44 -10.53 -38.55
CA GLY A 174 27.96 -10.59 -39.92
C GLY A 174 26.72 -9.78 -40.21
N LYS A 175 26.35 -8.85 -39.34
CA LYS A 175 25.17 -8.01 -39.48
C LYS A 175 25.61 -6.55 -39.61
N SER A 176 24.63 -5.65 -39.66
CA SER A 176 24.91 -4.23 -39.63
C SER A 176 23.86 -3.53 -38.77
N ALA A 177 24.17 -2.31 -38.37
CA ALA A 177 23.28 -1.60 -37.45
C ALA A 177 22.07 -1.00 -38.21
N LEU A 178 22.33 -0.27 -39.29
CA LEU A 178 21.30 0.58 -39.89
C LEU A 178 21.45 0.67 -41.40
N MET A 179 20.33 0.50 -42.11
CA MET A 179 20.30 0.73 -43.54
C MET A 179 18.98 1.42 -43.87
N PHE A 180 19.05 2.53 -44.60
CA PHE A 180 17.85 3.18 -45.09
C PHE A 180 18.19 3.86 -46.40
N ASN A 181 17.15 4.40 -47.05
CA ASN A 181 17.26 4.92 -48.40
C ASN A 181 18.06 6.23 -48.41
N LEU A 182 19.25 6.20 -48.98
CA LEU A 182 20.09 7.39 -49.12
C LEU A 182 19.91 8.09 -50.47
N GLN A 183 19.01 7.62 -51.32
CA GLN A 183 18.79 8.27 -52.60
C GLN A 183 17.73 9.37 -52.55
N GLU A 184 16.89 9.39 -51.52
CA GLU A 184 15.81 10.38 -51.40
C GLU A 184 15.97 11.22 -50.14
N PRO A 185 16.07 12.55 -50.26
CA PRO A 185 16.35 13.38 -49.07
C PRO A 185 15.28 13.36 -48.01
N TYR A 186 14.07 12.87 -48.32
CA TYR A 186 13.04 12.73 -47.30
C TYR A 186 13.53 11.92 -46.11
N PHE A 187 14.36 10.90 -46.38
CA PHE A 187 14.82 9.98 -45.35
C PHE A 187 16.00 10.53 -44.56
N THR A 188 16.79 11.41 -45.16
CA THR A 188 17.88 12.02 -44.43
C THR A 188 17.50 13.35 -43.79
N TRP A 189 16.38 13.96 -44.20
CA TRP A 189 15.98 15.24 -43.63
C TRP A 189 15.81 15.24 -42.10
N PRO A 190 15.23 14.23 -41.46
CA PRO A 190 15.09 14.29 -39.99
C PRO A 190 16.41 14.57 -39.26
N LEU A 191 17.51 14.01 -39.74
CA LEU A 191 18.82 14.24 -39.14
C LEU A 191 19.37 15.62 -39.47
N ILE A 192 19.22 16.05 -40.73
CA ILE A 192 19.68 17.37 -41.14
C ILE A 192 18.96 18.46 -40.37
N ALA A 193 17.66 18.28 -40.14
CA ALA A 193 16.89 19.32 -39.47
C ALA A 193 17.03 19.28 -37.95
N ALA A 194 17.59 18.20 -37.39
CA ALA A 194 17.63 18.05 -35.93
C ALA A 194 18.33 19.22 -35.25
N ASP A 195 19.55 19.53 -35.67
CA ASP A 195 20.36 20.55 -35.02
C ASP A 195 20.13 21.96 -35.56
N GLY A 196 19.12 22.17 -36.41
CA GLY A 196 18.90 23.53 -36.88
C GLY A 196 18.57 23.76 -38.35
N GLY A 197 18.75 22.77 -39.22
CA GLY A 197 18.45 22.96 -40.62
C GLY A 197 16.96 23.15 -40.88
N TYR A 198 16.63 23.95 -41.90
CA TYR A 198 15.24 24.18 -42.22
C TYR A 198 15.12 24.42 -43.72
N ALA A 199 13.87 24.41 -44.20
CA ALA A 199 13.58 24.64 -45.61
C ALA A 199 13.51 26.14 -45.90
N PHE A 200 12.38 26.77 -45.59
CA PHE A 200 12.18 28.20 -45.80
C PHE A 200 11.84 28.89 -44.49
N LYS A 201 12.37 30.10 -44.31
CA LYS A 201 12.12 30.88 -43.11
C LYS A 201 10.70 31.43 -43.14
N TYR A 202 9.97 31.23 -42.06
CA TYR A 202 8.62 31.77 -41.91
C TYR A 202 8.65 32.87 -40.87
N GLU A 203 8.19 34.07 -41.22
CA GLU A 203 8.26 35.19 -40.29
C GLU A 203 7.09 36.14 -40.53
N ASN A 204 6.42 36.52 -39.45
CA ASN A 204 5.32 37.48 -39.50
C ASN A 204 4.28 37.11 -40.57
N GLY A 205 3.76 35.89 -40.44
CA GLY A 205 2.67 35.41 -41.27
C GLY A 205 2.97 35.10 -42.72
N LYS A 206 4.24 34.87 -43.08
CA LYS A 206 4.58 34.52 -44.45
C LYS A 206 5.98 33.94 -44.50
N TYR A 207 6.26 33.25 -45.61
CA TYR A 207 7.58 32.72 -45.89
C TYR A 207 8.46 33.74 -46.60
N ASP A 208 9.76 33.68 -46.31
CA ASP A 208 10.78 34.38 -47.08
C ASP A 208 11.46 33.30 -47.91
N ILE A 209 11.04 33.15 -49.17
CA ILE A 209 11.57 32.08 -50.00
C ILE A 209 13.03 32.26 -50.36
N LYS A 210 13.61 33.43 -50.11
CA LYS A 210 15.03 33.65 -50.31
C LYS A 210 15.87 33.27 -49.10
N ASP A 211 15.24 32.93 -47.97
CA ASP A 211 15.94 32.56 -46.75
C ASP A 211 15.80 31.04 -46.58
N VAL A 212 16.80 30.31 -47.07
CA VAL A 212 16.79 28.85 -47.08
C VAL A 212 17.79 28.36 -46.05
N GLY A 213 17.40 27.34 -45.27
CA GLY A 213 18.26 26.89 -44.19
C GLY A 213 18.95 25.55 -44.43
N VAL A 214 19.33 25.28 -45.68
CA VAL A 214 19.95 24.00 -45.99
C VAL A 214 21.45 23.98 -45.74
N ASP A 215 22.08 25.14 -45.52
CA ASP A 215 23.52 25.19 -45.37
C ASP A 215 23.95 25.94 -44.11
N ASN A 216 23.10 26.01 -43.08
CA ASN A 216 23.51 26.64 -41.84
C ASN A 216 24.28 25.64 -40.99
N ALA A 217 24.66 26.06 -39.77
CA ALA A 217 25.46 25.20 -38.92
C ALA A 217 24.74 23.90 -38.59
N GLY A 218 23.43 23.98 -38.31
CA GLY A 218 22.70 22.78 -37.95
C GLY A 218 22.61 21.77 -39.08
N ALA A 219 22.35 22.24 -40.31
CA ALA A 219 22.29 21.33 -41.44
C ALA A 219 23.65 20.70 -41.71
N LYS A 220 24.71 21.50 -41.69
CA LYS A 220 26.05 20.98 -41.94
CA LYS A 220 26.05 20.98 -41.92
C LYS A 220 26.40 19.89 -40.93
N ALA A 221 26.06 20.10 -39.65
CA ALA A 221 26.40 19.11 -38.64
C ALA A 221 25.72 17.78 -38.92
N GLY A 222 24.43 17.82 -39.29
CA GLY A 222 23.70 16.58 -39.56
C GLY A 222 24.22 15.85 -40.79
N LEU A 223 24.45 16.58 -41.89
CA LEU A 223 24.97 15.93 -43.09
C LEU A 223 26.39 15.42 -42.90
N THR A 224 27.21 16.14 -42.12
CA THR A 224 28.54 15.65 -41.82
C THR A 224 28.48 14.32 -41.08
N PHE A 225 27.56 14.18 -40.13
CA PHE A 225 27.46 12.91 -39.40
C PHE A 225 27.07 11.78 -40.32
N LEU A 226 26.21 12.05 -41.30
CA LEU A 226 25.83 11.02 -42.27
C LEU A 226 27.03 10.61 -43.12
N VAL A 227 27.82 11.59 -43.58
CA VAL A 227 28.97 11.31 -44.43
C VAL A 227 30.03 10.53 -43.66
N ASP A 228 30.21 10.84 -42.36
CA ASP A 228 31.16 10.09 -41.56
C ASP A 228 30.73 8.64 -41.38
N LEU A 229 29.43 8.41 -41.20
CA LEU A 229 28.93 7.04 -41.17
C LEU A 229 29.31 6.30 -42.46
N ILE A 230 29.35 7.00 -43.58
CA ILE A 230 29.69 6.36 -44.85
C ILE A 230 31.20 6.23 -45.01
N LYS A 231 31.94 7.29 -44.66
CA LYS A 231 33.40 7.22 -44.74
C LYS A 231 33.96 6.08 -43.90
N ASN A 232 33.41 5.85 -42.71
CA ASN A 232 33.83 4.77 -41.84
C ASN A 232 33.10 3.45 -42.10
N LYS A 233 32.44 3.34 -43.26
CA LYS A 233 31.86 2.09 -43.75
C LYS A 233 30.78 1.52 -42.84
N HIS A 234 30.12 2.40 -42.07
CA HIS A 234 28.93 1.98 -41.33
C HIS A 234 27.68 2.01 -42.21
N MET A 235 27.72 2.71 -43.33
CA MET A 235 26.68 2.68 -44.36
C MET A 235 27.34 2.78 -45.71
N ASN A 236 26.56 2.49 -46.75
CA ASN A 236 27.02 2.51 -48.15
C ASN A 236 26.25 3.58 -48.90
N ALA A 237 26.97 4.44 -49.62
CA ALA A 237 26.33 5.57 -50.32
C ALA A 237 25.34 5.11 -51.40
N ASP A 238 25.48 3.89 -51.90
CA ASP A 238 24.63 3.40 -52.97
C ASP A 238 23.31 2.84 -52.48
N THR A 239 23.10 2.72 -51.17
CA THR A 239 21.89 2.10 -50.65
C THR A 239 20.65 2.89 -51.05
N ASP A 240 19.67 2.21 -51.62
CA ASP A 240 18.41 2.80 -52.04
C ASP A 240 17.25 2.14 -51.26
N TYR A 241 16.02 2.42 -51.68
CA TYR A 241 14.86 1.90 -50.95
C TYR A 241 14.82 0.38 -50.99
N SER A 242 14.98 -0.19 -52.19
CA SER A 242 14.86 -1.64 -52.35
C SER A 242 15.94 -2.38 -51.57
N ILE A 243 17.18 -1.88 -51.60
CA ILE A 243 18.27 -2.57 -50.92
C ILE A 243 18.08 -2.55 -49.42
N ALA A 244 17.71 -1.40 -48.86
CA ALA A 244 17.53 -1.34 -47.40
C ALA A 244 16.34 -2.18 -46.97
N GLU A 245 15.26 -2.17 -47.76
CA GLU A 245 14.09 -2.98 -47.43
C GLU A 245 14.45 -4.47 -47.43
N ALA A 246 15.15 -4.93 -48.46
CA ALA A 246 15.53 -6.34 -48.51
C ALA A 246 16.42 -6.72 -47.32
N ALA A 247 17.38 -5.86 -46.98
CA ALA A 247 18.31 -6.18 -45.90
C ALA A 247 17.60 -6.27 -44.55
N PHE A 248 16.66 -5.36 -44.28
CA PHE A 248 15.95 -5.43 -43.00
C PHE A 248 14.99 -6.62 -42.97
N ASN A 249 14.27 -6.86 -44.06
CA ASN A 249 13.28 -7.93 -44.07
C ASN A 249 13.89 -9.32 -44.13
N LYS A 250 15.19 -9.45 -44.35
CA LYS A 250 15.87 -10.73 -44.23
C LYS A 250 16.69 -10.84 -42.95
N GLY A 251 16.60 -9.87 -42.05
CA GLY A 251 17.34 -9.93 -40.80
C GLY A 251 18.83 -9.68 -40.91
N GLU A 252 19.28 -8.98 -41.96
CA GLU A 252 20.69 -8.67 -42.13
C GLU A 252 21.10 -7.36 -41.49
N THR A 253 20.16 -6.42 -41.30
CA THR A 253 20.44 -5.18 -40.63
C THR A 253 19.44 -5.02 -39.48
N ALA A 254 19.89 -4.39 -38.39
CA ALA A 254 19.06 -4.32 -37.19
C ALA A 254 18.07 -3.17 -37.21
N MET A 255 18.26 -2.17 -38.07
CA MET A 255 17.35 -1.03 -38.09
C MET A 255 17.17 -0.53 -39.51
N THR A 256 16.03 0.09 -39.74
CA THR A 256 15.81 0.87 -40.96
C THR A 256 14.95 2.06 -40.55
N ILE A 257 14.76 2.98 -41.49
CA ILE A 257 13.94 4.16 -41.28
C ILE A 257 12.93 4.18 -42.41
N ASN A 258 11.65 4.13 -42.06
CA ASN A 258 10.64 4.06 -43.10
C ASN A 258 9.30 4.52 -42.54
N GLY A 259 8.32 4.63 -43.43
CA GLY A 259 7.00 5.05 -43.02
C GLY A 259 6.05 3.87 -42.94
N PRO A 260 4.78 4.16 -42.64
CA PRO A 260 3.79 3.09 -42.43
C PRO A 260 3.55 2.18 -43.63
N TRP A 261 3.71 2.68 -44.86
CA TRP A 261 3.47 1.88 -46.03
C TRP A 261 4.37 0.64 -46.07
N ALA A 262 5.52 0.70 -45.43
CA ALA A 262 6.46 -0.41 -45.50
C ALA A 262 6.14 -1.53 -44.51
N TRP A 263 5.24 -1.33 -43.54
CA TRP A 263 5.05 -2.33 -42.50
C TRP A 263 4.50 -3.65 -43.05
N SER A 264 3.69 -3.61 -44.11
CA SER A 264 3.02 -4.83 -44.55
C SER A 264 4.01 -5.84 -45.13
N ASN A 265 5.01 -5.37 -45.87
CA ASN A 265 6.07 -6.26 -46.35
C ASN A 265 6.91 -6.82 -45.21
N ILE A 266 7.07 -6.07 -44.12
CA ILE A 266 7.78 -6.62 -42.96
C ILE A 266 6.93 -7.69 -42.29
N ASP A 267 5.60 -7.49 -42.25
CA ASP A 267 4.72 -8.53 -41.72
C ASP A 267 4.87 -9.83 -42.49
N THR A 268 5.00 -9.75 -43.82
CA THR A 268 5.14 -10.96 -44.64
C THR A 268 6.46 -11.69 -44.38
N SER A 269 7.54 -10.95 -44.08
CA SER A 269 8.84 -11.55 -43.84
C SER A 269 8.95 -12.22 -42.47
N LYS A 270 8.00 -11.99 -41.58
CA LYS A 270 7.96 -12.56 -40.23
C LYS A 270 9.12 -12.10 -39.34
N VAL A 271 9.84 -11.04 -39.72
CA VAL A 271 10.80 -10.44 -38.80
C VAL A 271 10.04 -9.89 -37.59
N ASN A 272 10.62 -10.08 -36.40
CA ASN A 272 10.01 -9.62 -35.16
C ASN A 272 10.41 -8.16 -34.95
N TYR A 273 9.63 -7.23 -35.50
CA TYR A 273 10.04 -5.84 -35.58
C TYR A 273 9.25 -4.97 -34.61
N GLY A 274 9.83 -3.80 -34.32
CA GLY A 274 9.16 -2.77 -33.56
C GLY A 274 9.29 -1.43 -34.26
N VAL A 275 8.41 -0.51 -33.87
CA VAL A 275 8.34 0.84 -34.41
C VAL A 275 8.48 1.80 -33.23
N THR A 276 9.46 2.69 -33.29
CA THR A 276 9.76 3.56 -32.16
C THR A 276 10.27 4.90 -32.66
N VAL A 277 10.69 5.73 -31.71
CA VAL A 277 11.04 7.12 -31.99
C VAL A 277 12.42 7.16 -32.66
N LEU A 278 12.57 8.06 -33.63
CA LEU A 278 13.85 8.26 -34.27
C LEU A 278 14.88 8.70 -33.23
N PRO A 279 16.16 8.40 -33.45
CA PRO A 279 17.17 8.78 -32.47
C PRO A 279 17.38 10.29 -32.45
N THR A 280 17.88 10.76 -31.32
CA THR A 280 18.23 12.17 -31.19
C THR A 280 19.61 12.44 -31.81
N PHE A 281 19.87 13.71 -32.10
CA PHE A 281 21.17 14.14 -32.61
C PHE A 281 21.61 15.39 -31.86
N LYS A 282 22.78 15.30 -31.21
CA LYS A 282 23.27 16.35 -30.32
C LYS A 282 22.22 16.70 -29.25
N GLY A 283 21.54 15.67 -28.76
CA GLY A 283 20.56 15.86 -27.71
C GLY A 283 19.20 16.36 -28.17
N GLN A 284 19.03 16.62 -29.46
CA GLN A 284 17.77 17.13 -29.96
C GLN A 284 17.04 16.06 -30.76
N PRO A 285 15.70 16.05 -30.75
CA PRO A 285 14.98 15.02 -31.48
C PRO A 285 15.19 15.18 -32.97
N SER A 286 15.18 14.06 -33.68
CA SER A 286 15.09 14.12 -35.14
C SER A 286 13.78 14.81 -35.52
N LYS A 287 13.82 15.61 -36.59
CA LYS A 287 12.69 16.46 -37.01
C LYS A 287 12.20 16.05 -38.39
N PRO A 288 11.47 14.95 -38.49
CA PRO A 288 10.99 14.52 -39.81
C PRO A 288 9.95 15.48 -40.34
N PHE A 289 9.98 15.68 -41.65
CA PHE A 289 8.86 16.35 -42.29
C PHE A 289 7.62 15.47 -42.19
N VAL A 290 6.48 16.07 -41.85
CA VAL A 290 5.22 15.35 -41.78
C VAL A 290 4.48 15.59 -43.10
N GLY A 291 4.04 14.51 -43.73
CA GLY A 291 3.31 14.57 -44.98
C GLY A 291 1.86 14.19 -44.75
N VAL A 292 0.97 14.82 -45.49
CA VAL A 292 -0.45 14.48 -45.49
C VAL A 292 -0.74 13.96 -46.89
N LEU A 293 -0.93 12.65 -46.99
CA LEU A 293 -1.36 12.07 -48.25
C LEU A 293 -2.68 12.69 -48.63
N SER A 294 -2.78 13.20 -49.85
CA SER A 294 -3.93 13.99 -50.26
C SER A 294 -4.30 13.63 -51.69
N ALA A 295 -5.57 13.89 -52.02
CA ALA A 295 -6.14 13.55 -53.30
C ALA A 295 -6.66 14.80 -53.96
N GLY A 296 -6.07 15.16 -55.11
CA GLY A 296 -6.48 16.33 -55.86
C GLY A 296 -7.25 15.92 -57.11
N ILE A 297 -8.13 16.81 -57.56
CA ILE A 297 -8.97 16.56 -58.74
C ILE A 297 -8.41 17.40 -59.89
N ASN A 298 -8.10 16.73 -60.99
CA ASN A 298 -7.55 17.37 -62.18
C ASN A 298 -8.51 18.44 -62.68
N ALA A 299 -8.00 19.66 -62.85
CA ALA A 299 -8.84 20.72 -63.38
C ALA A 299 -9.37 20.38 -64.78
N ALA A 300 -8.69 19.53 -65.51
CA ALA A 300 -9.16 19.15 -66.84
C ALA A 300 -10.16 18.00 -66.82
N SER A 301 -10.45 17.43 -65.64
CA SER A 301 -11.32 16.25 -65.60
C SER A 301 -12.76 16.62 -65.93
N PRO A 302 -13.43 15.86 -66.78
CA PRO A 302 -14.88 15.98 -66.94
C PRO A 302 -15.70 15.11 -65.99
N ASN A 303 -15.06 14.53 -64.98
CA ASN A 303 -15.71 13.63 -64.04
C ASN A 303 -15.61 14.13 -62.60
N LYS A 304 -15.63 15.47 -62.42
CA LYS A 304 -15.41 16.04 -61.11
C LYS A 304 -16.51 15.63 -60.13
N GLU A 305 -17.76 15.53 -60.59
CA GLU A 305 -18.84 15.07 -59.71
C GLU A 305 -18.64 13.62 -59.29
N LEU A 306 -18.25 12.75 -60.23
CA LEU A 306 -17.92 11.37 -59.89
C LEU A 306 -16.74 11.30 -58.94
N ALA A 307 -15.69 12.08 -59.21
CA ALA A 307 -14.52 12.09 -58.33
C ALA A 307 -14.86 12.50 -56.91
N LYS A 308 -15.70 13.54 -56.76
CA LYS A 308 -16.15 13.96 -55.44
C LYS A 308 -16.91 12.84 -54.73
N GLU A 309 -17.82 12.19 -55.45
CA GLU A 309 -18.60 11.11 -54.86
C GLU A 309 -17.70 9.95 -54.45
N PHE A 310 -16.72 9.59 -55.28
CA PHE A 310 -15.80 8.51 -54.94
C PHE A 310 -15.00 8.85 -53.69
N LEU A 311 -14.44 10.06 -53.64
CA LEU A 311 -13.55 10.40 -52.54
C LEU A 311 -14.31 10.63 -51.24
N GLU A 312 -15.45 11.33 -51.29
CA GLU A 312 -16.17 11.66 -50.06
C GLU A 312 -16.95 10.47 -49.50
N ASN A 313 -17.63 9.72 -50.36
CA ASN A 313 -18.58 8.71 -49.90
C ASN A 313 -18.09 7.27 -50.06
N TYR A 314 -16.91 7.04 -50.64
CA TYR A 314 -16.37 5.69 -50.74
C TYR A 314 -15.00 5.58 -50.10
N LEU A 315 -14.05 6.44 -50.47
CA LEU A 315 -12.71 6.32 -49.87
C LEU A 315 -12.71 6.79 -48.42
N LEU A 316 -13.15 8.03 -48.16
CA LEU A 316 -13.09 8.63 -46.83
C LEU A 316 -14.28 8.17 -45.96
N THR A 317 -14.39 6.85 -45.84
CA THR A 317 -15.29 6.15 -44.93
C THR A 317 -14.47 5.14 -44.15
N ASP A 318 -15.05 4.62 -43.06
CA ASP A 318 -14.37 3.58 -42.29
C ASP A 318 -14.02 2.38 -43.16
N GLU A 319 -14.94 1.97 -44.04
CA GLU A 319 -14.68 0.76 -44.82
C GLU A 319 -13.76 1.01 -46.01
N GLY A 320 -13.75 2.23 -46.56
CA GLY A 320 -12.82 2.53 -47.63
C GLY A 320 -11.38 2.61 -47.12
N LEU A 321 -11.16 3.33 -46.03
CA LEU A 321 -9.82 3.43 -45.47
C LEU A 321 -9.32 2.07 -44.97
N GLU A 322 -10.23 1.27 -44.41
CA GLU A 322 -9.85 -0.07 -43.99
C GLU A 322 -9.33 -0.88 -45.16
N ALA A 323 -10.01 -0.81 -46.30
CA ALA A 323 -9.60 -1.59 -47.47
C ALA A 323 -8.23 -1.18 -47.97
N VAL A 324 -7.94 0.12 -48.01
CA VAL A 324 -6.61 0.53 -48.44
C VAL A 324 -5.57 0.12 -47.39
N ASN A 325 -5.92 0.28 -46.12
CA ASN A 325 -5.00 -0.01 -45.02
C ASN A 325 -4.60 -1.48 -44.98
N LYS A 326 -5.53 -2.39 -45.32
CA LYS A 326 -5.20 -3.82 -45.29
C LYS A 326 -4.13 -4.17 -46.31
N ASP A 327 -4.10 -3.46 -47.43
CA ASP A 327 -3.06 -3.62 -48.44
C ASP A 327 -1.73 -3.06 -47.91
N LYS A 328 -1.66 -1.72 -47.71
CA LYS A 328 -0.47 -1.04 -47.18
C LYS A 328 -0.93 0.03 -46.19
N PRO A 329 -0.45 0.01 -44.94
CA PRO A 329 -0.96 0.96 -43.95
C PRO A 329 -0.74 2.41 -44.35
N LEU A 330 -1.80 3.22 -44.18
CA LEU A 330 -1.81 4.63 -44.55
C LEU A 330 -1.14 5.51 -43.51
N GLY A 331 -1.03 5.05 -42.27
CA GLY A 331 -0.63 5.92 -41.20
C GLY A 331 -1.86 6.40 -40.45
N ALA A 332 -1.81 7.62 -39.93
CA ALA A 332 -2.91 8.17 -39.13
C ALA A 332 -3.91 8.80 -40.09
N VAL A 333 -4.95 8.04 -40.44
CA VAL A 333 -5.94 8.51 -41.40
C VAL A 333 -6.67 9.73 -40.84
N ALA A 334 -7.08 10.62 -41.75
CA ALA A 334 -7.60 11.93 -41.38
C ALA A 334 -9.04 11.89 -40.88
N LEU A 335 -9.71 10.73 -40.98
CA LEU A 335 -11.14 10.62 -40.66
C LEU A 335 -11.33 10.41 -39.16
N LYS A 336 -12.05 11.35 -38.50
CA LYS A 336 -12.21 11.31 -37.03
C LYS A 336 -12.77 9.99 -36.54
N SER A 337 -13.74 9.42 -37.26
CA SER A 337 -14.43 8.22 -36.78
C SER A 337 -13.51 7.00 -36.73
N TYR A 338 -12.31 7.09 -37.28
CA TYR A 338 -11.36 5.99 -37.29
C TYR A 338 -10.36 6.06 -36.14
N GLU A 339 -10.39 7.12 -35.33
CA GLU A 339 -9.30 7.26 -34.36
C GLU A 339 -9.32 6.15 -33.31
N GLU A 340 -10.51 5.67 -32.93
CA GLU A 340 -10.58 4.57 -31.97
C GLU A 340 -9.86 3.33 -32.48
N GLU A 341 -10.00 3.05 -33.77
CA GLU A 341 -9.32 1.90 -34.37
C GLU A 341 -7.82 2.14 -34.49
N LEU A 342 -7.40 3.36 -34.85
CA LEU A 342 -5.99 3.69 -34.89
C LEU A 342 -5.32 3.48 -33.53
N ALA A 343 -6.00 3.87 -32.46
CA ALA A 343 -5.40 3.80 -31.12
C ALA A 343 -5.08 2.36 -30.71
N LYS A 344 -5.72 1.37 -31.31
CA LYS A 344 -5.41 -0.04 -31.08
C LYS A 344 -4.13 -0.50 -31.76
N ASP A 345 -3.58 0.30 -32.70
CA ASP A 345 -2.36 -0.02 -33.43
C ASP A 345 -1.18 0.74 -32.83
N PRO A 346 -0.32 0.10 -32.03
CA PRO A 346 0.77 0.83 -31.38
C PRO A 346 1.80 1.40 -32.36
N ARG A 347 1.87 0.89 -33.59
CA ARG A 347 2.75 1.48 -34.58
C ARG A 347 2.28 2.88 -34.97
N ILE A 348 0.97 3.15 -34.85
CA ILE A 348 0.45 4.48 -35.18
C ILE A 348 0.79 5.48 -34.09
N ALA A 349 0.70 5.10 -32.81
CA ALA A 349 1.14 5.98 -31.73
C ALA A 349 2.62 6.36 -31.88
N ALA A 350 3.45 5.40 -32.30
CA ALA A 350 4.85 5.70 -32.53
C ALA A 350 5.00 6.67 -33.72
N THR A 351 4.22 6.44 -34.77
CA THR A 351 4.23 7.36 -35.91
C THR A 351 3.87 8.78 -35.47
N MET A 352 2.83 8.90 -34.64
CA MET A 352 2.40 10.22 -34.21
C MET A 352 3.31 10.82 -33.15
N GLU A 353 4.15 10.01 -32.49
CA GLU A 353 5.14 10.61 -31.60
C GLU A 353 6.28 11.22 -32.41
N ASN A 354 6.69 10.57 -33.49
CA ASN A 354 7.67 11.19 -34.37
C ASN A 354 7.09 12.40 -35.08
N ALA A 355 5.80 12.35 -35.44
CA ALA A 355 5.18 13.53 -36.04
C ALA A 355 5.10 14.69 -35.05
N GLN A 356 4.88 14.39 -33.76
CA GLN A 356 4.85 15.43 -32.72
C GLN A 356 6.16 16.19 -32.65
N LYS A 357 7.27 15.52 -32.94
CA LYS A 357 8.57 16.15 -32.92
C LYS A 357 8.98 16.69 -34.29
N GLY A 358 8.09 16.64 -35.27
CA GLY A 358 8.42 17.13 -36.59
C GLY A 358 7.59 18.33 -36.99
N GLU A 359 7.61 18.67 -38.27
CA GLU A 359 6.87 19.80 -38.80
C GLU A 359 6.14 19.39 -40.06
N ILE A 360 4.92 19.90 -40.22
CA ILE A 360 4.17 19.70 -41.45
C ILE A 360 4.86 20.45 -42.58
N MET A 361 5.09 19.77 -43.68
CA MET A 361 5.79 20.38 -44.80
C MET A 361 5.08 21.64 -45.29
N PRO A 362 5.81 22.64 -45.76
CA PRO A 362 5.17 23.69 -46.54
C PRO A 362 4.61 23.10 -47.82
N ASN A 363 3.62 23.77 -48.40
CA ASN A 363 3.10 23.35 -49.69
C ASN A 363 3.39 24.37 -50.78
N ILE A 364 4.26 25.35 -50.52
CA ILE A 364 4.49 26.42 -51.49
C ILE A 364 5.13 25.89 -52.76
N PRO A 365 4.95 26.58 -53.89
CA PRO A 365 5.52 26.09 -55.15
C PRO A 365 7.02 25.86 -55.11
N GLN A 366 7.75 26.54 -54.23
CA GLN A 366 9.20 26.37 -54.23
C GLN A 366 9.65 25.03 -53.64
N MET A 367 8.73 24.16 -53.20
CA MET A 367 9.16 22.95 -52.50
C MET A 367 9.86 21.97 -53.44
N SER A 368 9.40 21.86 -54.70
CA SER A 368 10.06 20.93 -55.61
C SER A 368 11.50 21.34 -55.85
N ALA A 369 11.78 22.64 -55.91
CA ALA A 369 13.16 23.10 -56.07
C ALA A 369 13.98 22.84 -54.82
N PHE A 370 13.36 22.99 -53.65
CA PHE A 370 14.04 22.66 -52.41
C PHE A 370 14.44 21.20 -52.38
N TRP A 371 13.51 20.30 -52.73
CA TRP A 371 13.81 18.88 -52.67
C TRP A 371 14.88 18.49 -53.67
N TYR A 372 14.81 19.01 -54.90
CA TYR A 372 15.83 18.69 -55.89
C TYR A 372 17.21 19.13 -55.42
N ALA A 373 17.29 20.25 -54.71
CA ALA A 373 18.57 20.76 -54.25
C ALA A 373 19.13 19.93 -53.11
N VAL A 374 18.28 19.52 -52.17
CA VAL A 374 18.77 18.70 -51.07
C VAL A 374 19.15 17.31 -51.59
N ARG A 375 18.41 16.79 -52.56
CA ARG A 375 18.71 15.47 -53.12
C ARG A 375 20.09 15.43 -53.77
N THR A 376 20.44 16.47 -54.52
CA THR A 376 21.75 16.52 -55.17
C THR A 376 22.87 16.69 -54.15
N ALA A 377 22.63 17.50 -53.12
CA ALA A 377 23.65 17.75 -52.10
C ALA A 377 23.94 16.50 -51.28
N VAL A 378 22.90 15.73 -50.95
CA VAL A 378 23.13 14.52 -50.16
C VAL A 378 23.86 13.48 -50.98
N ILE A 379 23.49 13.33 -52.26
CA ILE A 379 24.11 12.34 -53.13
C ILE A 379 25.57 12.70 -53.42
N ASN A 380 25.85 13.99 -53.64
CA ASN A 380 27.22 14.39 -53.93
C ASN A 380 28.10 14.28 -52.71
N ALA A 381 27.59 14.64 -51.54
CA ALA A 381 28.39 14.53 -50.32
C ALA A 381 28.60 13.08 -49.93
N ALA A 382 27.54 12.27 -49.97
CA ALA A 382 27.66 10.88 -49.55
C ALA A 382 28.63 10.11 -50.45
N SER A 383 28.68 10.44 -51.74
CA SER A 383 29.56 9.74 -52.66
C SER A 383 31.00 10.22 -52.58
N GLY A 384 31.25 11.43 -52.08
CA GLY A 384 32.58 11.96 -51.98
C GLY A 384 33.01 12.85 -53.13
N ARG A 385 32.18 13.01 -54.16
CA ARG A 385 32.53 13.90 -55.26
C ARG A 385 32.63 15.36 -54.83
N GLN A 386 31.94 15.72 -53.74
CA GLN A 386 32.04 17.04 -53.13
C GLN A 386 32.11 16.88 -51.62
N THR A 387 32.73 17.86 -50.98
CA THR A 387 32.66 17.93 -49.53
C THR A 387 31.27 18.40 -49.09
N VAL A 388 31.03 18.33 -47.77
CA VAL A 388 29.75 18.76 -47.24
C VAL A 388 29.54 20.25 -47.50
N ASP A 389 30.57 21.06 -47.27
CA ASP A 389 30.44 22.50 -47.48
C ASP A 389 30.17 22.84 -48.93
N GLU A 390 30.87 22.18 -49.87
CA GLU A 390 30.65 22.44 -51.29
C GLU A 390 29.26 22.02 -51.74
N ALA A 391 28.77 20.88 -51.24
CA ALA A 391 27.49 20.38 -51.71
C ALA A 391 26.35 21.25 -51.20
N LEU A 392 26.37 21.60 -49.91
CA LEU A 392 25.30 22.43 -49.35
C LEU A 392 25.38 23.86 -49.86
N LYS A 393 26.57 24.34 -50.17
CA LYS A 393 26.69 25.65 -50.80
C LYS A 393 26.04 25.65 -52.18
N ASP A 394 26.16 24.54 -52.91
CA ASP A 394 25.49 24.42 -54.20
C ASP A 394 23.97 24.28 -54.04
N ALA A 395 23.53 23.66 -52.95
CA ALA A 395 22.09 23.57 -52.69
C ALA A 395 21.50 24.93 -52.31
N GLN A 396 22.32 25.79 -51.70
CA GLN A 396 21.92 27.14 -51.35
C GLN A 396 21.85 28.01 -52.62
N GLU B 4 26.10 -13.47 27.62
CA GLU B 4 26.68 -14.58 28.37
C GLU B 4 25.76 -15.79 28.36
N VAL B 5 24.45 -15.56 28.24
CA VAL B 5 23.48 -16.65 28.16
C VAL B 5 23.44 -17.18 26.73
N GLN B 6 23.58 -18.50 26.59
CA GLN B 6 23.39 -19.09 25.28
C GLN B 6 23.02 -20.56 25.42
N LEU B 7 22.42 -21.08 24.36
CA LEU B 7 22.05 -22.48 24.23
C LEU B 7 22.70 -23.02 22.98
N VAL B 8 23.14 -24.27 23.03
CA VAL B 8 23.77 -24.93 21.89
C VAL B 8 23.10 -26.28 21.70
N GLU B 9 22.49 -26.49 20.53
CA GLU B 9 21.94 -27.79 20.18
C GLU B 9 23.02 -28.64 19.53
N SER B 10 22.88 -29.96 19.66
CA SER B 10 23.75 -30.90 18.99
C SER B 10 23.03 -32.23 18.88
N GLY B 11 23.61 -33.13 18.08
CA GLY B 11 23.07 -34.46 17.91
C GLY B 11 22.25 -34.66 16.66
N GLY B 12 22.05 -33.64 15.83
CA GLY B 12 21.31 -33.83 14.60
C GLY B 12 22.06 -34.69 13.61
N GLY B 13 21.33 -35.22 12.63
CA GLY B 13 21.94 -36.04 11.59
C GLY B 13 20.89 -36.84 10.85
N LEU B 14 21.34 -37.92 10.21
CA LEU B 14 20.45 -38.80 9.46
C LEU B 14 19.92 -39.91 10.35
N VAL B 15 18.72 -40.38 10.04
CA VAL B 15 18.15 -41.52 10.75
C VAL B 15 17.13 -42.19 9.84
N GLN B 16 17.07 -43.51 9.91
CA GLN B 16 16.10 -44.24 9.12
C GLN B 16 14.70 -44.13 9.72
N PRO B 17 13.66 -44.21 8.89
CA PRO B 17 12.29 -44.23 9.42
C PRO B 17 12.10 -45.38 10.40
N GLY B 18 11.43 -45.10 11.50
CA GLY B 18 11.33 -46.02 12.62
C GLY B 18 12.48 -45.93 13.60
N GLY B 19 13.50 -45.14 13.31
CA GLY B 19 14.71 -45.09 14.12
C GLY B 19 14.62 -44.10 15.28
N SER B 20 15.74 -43.97 16.00
CA SER B 20 15.82 -43.15 17.19
CA SER B 20 15.83 -43.16 17.19
C SER B 20 17.02 -42.21 17.12
N LEU B 21 16.86 -41.05 17.75
CA LEU B 21 17.91 -40.05 17.83
C LEU B 21 17.72 -39.25 19.11
N ARG B 22 18.81 -38.93 19.79
CA ARG B 22 18.77 -38.10 20.98
C ARG B 22 19.45 -36.76 20.70
N LEU B 23 18.73 -35.65 20.90
CA LEU B 23 19.29 -34.31 20.81
C LEU B 23 19.73 -33.82 22.18
N SER B 24 20.72 -32.91 22.19
CA SER B 24 21.21 -32.27 23.41
C SER B 24 21.11 -30.77 23.27
N CYS B 25 20.91 -30.11 24.40
CA CYS B 25 20.83 -28.65 24.47
C CYS B 25 21.68 -28.21 25.66
N ALA B 26 22.88 -27.70 25.38
CA ALA B 26 23.81 -27.33 26.44
C ALA B 26 23.65 -25.85 26.77
N ALA B 27 23.34 -25.55 28.02
CA ALA B 27 23.15 -24.18 28.46
C ALA B 27 24.39 -23.66 29.19
N SER B 28 24.65 -22.36 29.02
CA SER B 28 25.71 -21.71 29.76
C SER B 28 25.31 -20.28 30.07
N GLY B 29 25.80 -19.77 31.19
CA GLY B 29 25.51 -18.41 31.61
C GLY B 29 24.26 -18.25 32.44
N PHE B 30 23.53 -19.33 32.67
CA PHE B 30 22.40 -19.31 33.59
C PHE B 30 22.19 -20.73 34.08
N ASN B 31 21.42 -20.86 35.14
CA ASN B 31 21.08 -22.15 35.70
C ASN B 31 19.83 -22.67 35.00
N LEU B 32 19.98 -23.74 34.23
CA LEU B 32 18.85 -24.25 33.44
C LEU B 32 17.73 -24.75 34.34
N SER B 33 18.05 -25.20 35.56
CA SER B 33 17.05 -25.80 36.42
C SER B 33 16.05 -24.77 36.96
N SER B 34 16.39 -23.49 36.97
CA SER B 34 15.44 -22.47 37.40
C SER B 34 14.63 -21.89 36.25
N SER B 35 14.83 -22.38 35.02
CA SER B 35 14.10 -21.95 33.84
C SER B 35 13.21 -23.07 33.32
N SER B 36 12.23 -22.70 32.50
CA SER B 36 11.54 -23.68 31.67
C SER B 36 12.32 -23.90 30.39
N ILE B 37 12.26 -25.11 29.86
CA ILE B 37 13.01 -25.47 28.65
C ILE B 37 12.03 -26.05 27.64
N HIS B 38 12.09 -25.54 26.40
CA HIS B 38 11.18 -25.90 25.31
C HIS B 38 11.95 -26.35 24.09
N TRP B 39 11.43 -27.40 23.42
CA TRP B 39 11.90 -27.79 22.09
C TRP B 39 10.87 -27.34 21.04
N VAL B 40 11.35 -26.65 20.01
CA VAL B 40 10.54 -26.14 18.92
C VAL B 40 11.21 -26.53 17.61
N ARG B 41 10.43 -26.97 16.62
CA ARG B 41 11.02 -27.43 15.37
C ARG B 41 10.40 -26.66 14.22
N GLN B 42 11.10 -26.72 13.07
CA GLN B 42 10.72 -25.96 11.88
C GLN B 42 11.08 -26.80 10.68
N ALA B 43 10.06 -27.33 9.99
CA ALA B 43 10.29 -28.09 8.78
C ALA B 43 10.78 -27.14 7.68
N PRO B 44 11.56 -27.66 6.71
CA PRO B 44 12.11 -26.79 5.64
C PRO B 44 11.05 -25.96 4.93
N GLY B 45 11.18 -24.64 5.00
CA GLY B 45 10.25 -23.74 4.36
C GLY B 45 8.91 -23.55 5.06
N LYS B 46 8.74 -24.12 6.27
CA LYS B 46 7.48 -24.07 7.00
C LYS B 46 7.61 -23.21 8.26
N GLY B 47 6.56 -23.22 9.08
CA GLY B 47 6.52 -22.40 10.28
C GLY B 47 7.08 -23.10 11.52
N LEU B 48 7.00 -22.42 12.66
CA LEU B 48 7.45 -23.00 13.92
C LEU B 48 6.40 -23.93 14.48
N GLU B 49 6.84 -25.07 15.01
CA GLU B 49 5.95 -26.04 15.67
C GLU B 49 6.55 -26.42 17.01
N TRP B 50 5.84 -26.11 18.10
CA TRP B 50 6.25 -26.53 19.44
C TRP B 50 6.12 -28.04 19.59
N VAL B 51 7.10 -28.65 20.30
CA VAL B 51 7.24 -30.10 20.42
C VAL B 51 7.07 -30.57 21.87
N ALA B 52 7.76 -29.92 22.82
CA ALA B 52 7.82 -30.44 24.19
C ALA B 52 8.37 -29.39 25.13
N SER B 53 8.10 -29.56 26.44
CA SER B 53 8.49 -28.59 27.45
C SER B 53 8.71 -29.28 28.80
N ILE B 54 9.65 -28.75 29.58
CA ILE B 54 9.68 -28.90 31.04
C ILE B 54 9.25 -27.54 31.58
N TYR B 55 8.08 -27.47 32.22
CA TYR B 55 7.44 -26.17 32.43
C TYR B 55 7.15 -25.77 33.87
N SER B 56 7.47 -26.60 34.88
CA SER B 56 7.14 -26.23 36.26
C SER B 56 8.31 -26.48 37.19
N TYR B 57 8.24 -25.82 38.34
CA TYR B 57 9.19 -26.07 39.42
C TYR B 57 9.30 -27.57 39.76
N TYR B 58 8.19 -28.30 39.69
CA TYR B 58 8.20 -29.70 40.11
C TYR B 58 8.60 -30.65 38.99
N GLY B 59 8.98 -30.14 37.82
CA GLY B 59 9.48 -30.96 36.73
C GLY B 59 8.46 -31.48 35.76
N SER B 60 7.27 -30.89 35.69
CA SER B 60 6.23 -31.43 34.84
C SER B 60 6.60 -31.21 33.38
N THR B 61 6.18 -32.15 32.55
CA THR B 61 6.45 -32.09 31.11
C THR B 61 5.14 -32.13 30.34
N SER B 62 5.18 -31.58 29.13
CA SER B 62 4.02 -31.61 28.24
C SER B 62 4.53 -31.75 26.81
N TYR B 63 3.66 -32.27 25.91
CA TYR B 63 4.04 -32.65 24.55
C TYR B 63 2.98 -32.25 23.54
N ALA B 64 3.42 -31.91 22.33
CA ALA B 64 2.48 -31.82 21.21
C ALA B 64 1.88 -33.19 20.91
N ASP B 65 0.62 -33.17 20.47
CA ASP B 65 -0.09 -34.42 20.17
C ASP B 65 0.64 -35.24 19.13
N SER B 66 1.33 -34.59 18.19
CA SER B 66 1.97 -35.29 17.06
C SER B 66 3.21 -36.07 17.46
N VAL B 67 3.77 -35.84 18.66
CA VAL B 67 4.94 -36.56 19.12
C VAL B 67 4.66 -37.33 20.40
N LYS B 68 3.44 -37.28 20.91
CA LYS B 68 3.14 -37.89 22.20
C LYS B 68 3.32 -39.40 22.11
N GLY B 69 3.97 -39.99 23.11
CA GLY B 69 4.29 -41.39 23.09
C GLY B 69 5.52 -41.77 22.30
N ARG B 70 6.07 -40.87 21.48
CA ARG B 70 7.31 -41.10 20.73
C ARG B 70 8.49 -40.30 21.25
N PHE B 71 8.27 -39.05 21.71
CA PHE B 71 9.37 -38.20 22.17
C PHE B 71 9.35 -38.07 23.69
N THR B 72 10.52 -37.98 24.29
CA THR B 72 10.67 -37.71 25.73
C THR B 72 11.65 -36.57 25.94
N ILE B 73 11.20 -35.51 26.65
CA ILE B 73 12.08 -34.42 27.05
C ILE B 73 12.61 -34.72 28.45
N SER B 74 13.86 -34.36 28.71
CA SER B 74 14.49 -34.60 30.01
C SER B 74 15.62 -33.61 30.19
N ALA B 75 16.27 -33.64 31.36
CA ALA B 75 17.36 -32.72 31.65
C ALA B 75 18.31 -33.37 32.66
N ASP B 76 19.54 -32.85 32.68
CA ASP B 76 20.55 -33.25 33.66
C ASP B 76 21.06 -31.97 34.30
N THR B 77 20.64 -31.71 35.55
CA THR B 77 21.04 -30.49 36.23
CA THR B 77 21.05 -30.48 36.22
C THR B 77 22.56 -30.41 36.39
N SER B 78 23.22 -31.56 36.64
CA SER B 78 24.64 -31.55 36.94
C SER B 78 25.49 -31.08 35.77
N LYS B 79 25.00 -31.21 34.53
CA LYS B 79 25.74 -30.69 33.40
C LYS B 79 25.02 -29.58 32.66
N ASN B 80 23.94 -29.04 33.23
CA ASN B 80 23.26 -27.85 32.69
C ASN B 80 22.79 -28.08 31.26
N THR B 81 22.22 -29.26 31.01
CA THR B 81 21.87 -29.72 29.67
C THR B 81 20.45 -30.26 29.65
N ALA B 82 19.74 -30.01 28.55
CA ALA B 82 18.45 -30.65 28.32
C ALA B 82 18.55 -31.58 27.11
N TYR B 83 17.56 -32.47 27.00
CA TYR B 83 17.58 -33.52 25.98
C TYR B 83 16.20 -33.71 25.38
N LEU B 84 16.21 -34.23 24.16
CA LEU B 84 15.00 -34.67 23.45
C LEU B 84 15.28 -36.06 22.89
N GLN B 85 14.73 -37.10 23.52
CA GLN B 85 14.83 -38.45 22.95
C GLN B 85 13.71 -38.64 21.94
N MET B 86 14.06 -38.99 20.70
CA MET B 86 13.07 -39.12 19.64
C MET B 86 13.07 -40.56 19.15
N ASN B 87 11.94 -41.24 19.29
CA ASN B 87 11.81 -42.63 18.88
C ASN B 87 10.71 -42.74 17.83
N SER B 88 10.73 -43.86 17.10
CA SER B 88 9.74 -44.15 16.06
C SER B 88 9.64 -42.99 15.06
N LEU B 89 10.79 -42.50 14.65
CA LEU B 89 10.87 -41.31 13.82
C LEU B 89 10.24 -41.54 12.45
N ARG B 90 9.58 -40.51 11.93
CA ARG B 90 8.88 -40.55 10.65
C ARG B 90 9.39 -39.44 9.73
N ALA B 91 9.00 -39.56 8.46
CA ALA B 91 9.41 -38.57 7.47
C ALA B 91 8.98 -37.16 7.87
N GLU B 92 7.74 -37.01 8.36
CA GLU B 92 7.21 -35.71 8.78
C GLU B 92 7.97 -35.08 9.94
N ASP B 93 8.91 -35.82 10.57
CA ASP B 93 9.69 -35.29 11.68
C ASP B 93 10.96 -34.57 11.20
N THR B 94 11.28 -34.66 9.92
CA THR B 94 12.43 -33.95 9.37
C THR B 94 12.24 -32.44 9.58
N ALA B 95 13.23 -31.79 10.20
CA ALA B 95 13.11 -30.39 10.56
C ALA B 95 14.42 -29.96 11.20
N VAL B 96 14.54 -28.64 11.38
CA VAL B 96 15.53 -28.06 12.28
C VAL B 96 14.92 -28.00 13.67
N TYR B 97 15.66 -28.47 14.67
CA TYR B 97 15.15 -28.56 16.04
C TYR B 97 15.85 -27.51 16.91
N TYR B 98 15.05 -26.62 17.50
CA TYR B 98 15.55 -25.56 18.36
C TYR B 98 15.23 -25.88 19.81
N CYS B 99 16.17 -25.55 20.68
CA CYS B 99 15.87 -25.49 22.10
CA CYS B 99 15.94 -25.50 22.11
C CYS B 99 15.83 -24.02 22.51
N ALA B 100 14.90 -23.71 23.43
CA ALA B 100 14.69 -22.33 23.87
C ALA B 100 14.30 -22.30 25.33
N ARG B 101 14.73 -21.25 26.04
CA ARG B 101 14.44 -21.15 27.45
C ARG B 101 13.43 -20.04 27.73
N GLU B 102 12.66 -20.22 28.80
CA GLU B 102 11.65 -19.28 29.24
C GLU B 102 11.87 -19.04 30.72
N TYR B 103 12.01 -17.77 31.11
CA TYR B 103 12.30 -17.48 32.52
C TYR B 103 11.71 -16.13 32.90
N HIS B 104 11.12 -16.08 34.09
CA HIS B 104 10.64 -14.82 34.65
C HIS B 104 11.26 -14.63 36.03
N SER B 105 11.88 -13.46 36.24
CA SER B 105 12.64 -13.23 37.45
C SER B 105 11.78 -13.26 38.71
N TYR B 106 10.47 -13.04 38.58
CA TYR B 106 9.56 -13.11 39.71
C TYR B 106 8.93 -14.50 39.89
N TRP B 107 9.40 -15.51 39.16
CA TRP B 107 8.93 -16.87 39.41
C TRP B 107 9.34 -17.31 40.82
N SER B 108 8.51 -18.16 41.40
CA SER B 108 8.75 -18.69 42.75
C SER B 108 8.58 -20.19 42.67
N TYR B 109 7.94 -20.85 43.64
CA TYR B 109 7.50 -22.22 43.38
C TYR B 109 6.42 -22.25 42.30
N SER B 110 5.71 -21.13 42.11
CA SER B 110 4.75 -20.97 41.04
C SER B 110 5.44 -20.32 39.85
N TRP B 111 5.43 -21.00 38.70
CA TRP B 111 6.04 -20.46 37.49
C TRP B 111 4.98 -19.78 36.63
N TRP B 112 4.43 -18.70 37.18
CA TRP B 112 3.44 -17.82 36.59
C TRP B 112 3.93 -16.39 36.71
N PRO B 113 3.67 -15.52 35.71
CA PRO B 113 3.01 -15.84 34.43
C PRO B 113 3.93 -16.48 33.41
N ARG B 114 3.36 -16.98 32.32
CA ARG B 114 4.16 -17.54 31.23
C ARG B 114 4.59 -16.41 30.31
N VAL B 115 5.88 -16.37 30.00
CA VAL B 115 6.43 -15.24 29.26
C VAL B 115 7.08 -15.74 27.97
N GLY B 116 7.87 -14.88 27.33
CA GLY B 116 8.39 -15.23 26.04
C GLY B 116 9.59 -16.16 26.12
N LEU B 117 9.87 -16.81 25.01
CA LEU B 117 11.08 -17.61 24.85
C LEU B 117 12.18 -16.67 24.41
N ASP B 118 13.08 -16.31 25.33
CA ASP B 118 13.98 -15.19 25.10
C ASP B 118 15.34 -15.59 24.55
N TYR B 119 15.80 -16.82 24.79
CA TYR B 119 17.07 -17.30 24.25
C TYR B 119 16.84 -18.60 23.50
N TRP B 120 17.33 -18.66 22.26
CA TRP B 120 17.22 -19.83 21.41
C TRP B 120 18.62 -20.28 20.97
N GLY B 121 18.78 -21.59 20.76
CA GLY B 121 19.97 -22.09 20.11
C GLY B 121 19.95 -21.79 18.62
N GLN B 122 21.01 -22.21 17.93
CA GLN B 122 21.11 -22.05 16.48
C GLN B 122 20.31 -23.10 15.70
N GLY B 123 19.92 -24.18 16.35
CA GLY B 123 19.16 -25.25 15.71
C GLY B 123 20.07 -26.36 15.18
N THR B 124 19.49 -27.55 15.05
CA THR B 124 20.20 -28.72 14.53
C THR B 124 19.26 -29.50 13.61
N LEU B 125 19.73 -29.80 12.40
CA LEU B 125 18.86 -30.38 11.38
C LEU B 125 18.76 -31.90 11.55
N VAL B 126 17.54 -32.42 11.45
CA VAL B 126 17.26 -33.86 11.56
C VAL B 126 16.55 -34.29 10.28
N THR B 127 17.12 -35.28 9.59
CA THR B 127 16.54 -35.80 8.34
C THR B 127 16.19 -37.26 8.52
N VAL B 128 14.91 -37.59 8.41
CA VAL B 128 14.42 -38.95 8.54
C VAL B 128 14.12 -39.47 7.15
N SER B 129 14.92 -40.43 6.69
CA SER B 129 14.80 -40.93 5.32
C SER B 129 15.59 -42.22 5.18
N SER B 130 15.12 -43.06 4.26
CA SER B 130 15.84 -44.29 3.92
C SER B 130 16.82 -44.10 2.76
N ALA B 131 16.97 -42.89 2.23
CA ALA B 131 17.86 -42.70 1.10
C ALA B 131 19.32 -42.76 1.54
N SER B 132 20.18 -43.15 0.60
CA SER B 132 21.62 -43.22 0.84
C SER B 132 22.31 -41.92 0.47
N THR B 133 23.36 -41.61 1.21
CA THR B 133 24.14 -40.40 0.97
C THR B 133 24.74 -40.43 -0.44
N LYS B 134 24.56 -39.34 -1.18
CA LYS B 134 24.91 -39.31 -2.59
C LYS B 134 25.16 -37.87 -3.00
N GLY B 135 26.25 -37.63 -3.73
CA GLY B 135 26.49 -36.34 -4.33
C GLY B 135 25.66 -36.16 -5.59
N PRO B 136 25.52 -34.93 -6.07
CA PRO B 136 24.64 -34.68 -7.22
C PRO B 136 25.33 -34.92 -8.54
N SER B 137 24.50 -35.20 -9.54
CA SER B 137 24.89 -35.01 -10.94
C SER B 137 24.60 -33.57 -11.31
N VAL B 138 25.52 -32.97 -12.07
CA VAL B 138 25.43 -31.55 -12.41
C VAL B 138 25.33 -31.43 -13.93
N PHE B 139 24.27 -30.78 -14.40
CA PHE B 139 24.01 -30.69 -15.82
C PHE B 139 23.93 -29.23 -16.25
N PRO B 140 24.47 -28.88 -17.42
CA PRO B 140 24.39 -27.47 -17.86
C PRO B 140 22.99 -27.07 -18.26
N LEU B 141 22.63 -25.83 -17.91
CA LEU B 141 21.46 -25.12 -18.43
C LEU B 141 22.03 -24.09 -19.40
N ALA B 142 22.16 -24.49 -20.68
CA ALA B 142 23.01 -23.82 -21.65
C ALA B 142 22.31 -22.59 -22.24
N PRO B 143 23.02 -21.47 -22.34
CA PRO B 143 22.39 -20.25 -22.86
C PRO B 143 22.10 -20.35 -24.35
N SER B 144 21.31 -19.38 -24.81
CA SER B 144 20.83 -19.36 -26.19
C SER B 144 21.94 -18.98 -27.15
N SER B 145 22.04 -19.73 -28.24
CA SER B 145 23.03 -19.45 -29.28
C SER B 145 22.58 -18.28 -30.14
N THR B 148 22.28 -10.92 -31.45
CA THR B 148 21.75 -9.97 -30.47
C THR B 148 22.84 -9.06 -29.92
N SER B 149 22.52 -7.78 -29.78
CA SER B 149 23.40 -6.81 -29.14
C SER B 149 22.68 -6.18 -27.96
N GLY B 150 23.43 -5.88 -26.91
CA GLY B 150 22.83 -5.28 -25.73
C GLY B 150 21.85 -6.17 -25.01
N GLY B 151 21.85 -7.48 -25.30
CA GLY B 151 20.93 -8.39 -24.66
C GLY B 151 21.48 -8.93 -23.35
N THR B 152 20.61 -9.65 -22.65
CA THR B 152 20.99 -10.36 -21.42
C THR B 152 20.66 -11.83 -21.62
N ALA B 153 21.60 -12.69 -21.26
CA ALA B 153 21.44 -14.13 -21.38
C ALA B 153 21.43 -14.76 -20.00
N ALA B 154 20.74 -15.89 -19.87
CA ALA B 154 20.70 -16.65 -18.63
C ALA B 154 21.41 -17.98 -18.83
N LEU B 155 22.13 -18.42 -17.81
CA LEU B 155 22.68 -19.77 -17.85
C LEU B 155 22.67 -20.32 -16.43
N GLY B 156 22.89 -21.63 -16.32
CA GLY B 156 22.81 -22.23 -15.01
C GLY B 156 23.33 -23.65 -14.98
N CYS B 157 23.19 -24.27 -13.81
CA CYS B 157 23.36 -25.72 -13.73
C CYS B 157 22.23 -26.31 -12.91
N LEU B 158 21.76 -27.46 -13.36
CA LEU B 158 20.78 -28.27 -12.63
C LEU B 158 21.55 -29.25 -11.76
N VAL B 159 21.29 -29.20 -10.47
CA VAL B 159 22.00 -29.96 -9.45
C VAL B 159 21.02 -31.01 -8.96
N LYS B 160 21.18 -32.24 -9.41
CA LYS B 160 20.08 -33.21 -9.34
C LYS B 160 20.51 -34.47 -8.60
N ASP B 161 19.58 -34.99 -7.79
CA ASP B 161 19.69 -36.32 -7.20
C ASP B 161 20.80 -36.42 -6.17
N TYR B 162 20.78 -35.55 -5.17
CA TYR B 162 21.70 -35.67 -4.05
C TYR B 162 20.90 -35.90 -2.78
N PHE B 163 21.61 -36.27 -1.71
CA PHE B 163 20.99 -36.53 -0.42
C PHE B 163 22.10 -36.67 0.63
N PRO B 164 21.96 -36.05 1.81
CA PRO B 164 20.85 -35.15 2.17
C PRO B 164 21.19 -33.69 1.86
N GLU B 165 20.30 -32.77 2.27
CA GLU B 165 20.64 -31.35 2.33
C GLU B 165 21.80 -31.13 3.29
N PRO B 166 22.59 -30.06 3.10
CA PRO B 166 22.46 -29.11 2.00
C PRO B 166 23.54 -29.24 0.92
N VAL B 167 23.40 -28.44 -0.15
CA VAL B 167 24.44 -28.29 -1.15
C VAL B 167 24.78 -26.80 -1.23
N THR B 168 25.97 -26.49 -1.75
CA THR B 168 26.35 -25.11 -2.02
C THR B 168 26.77 -24.97 -3.48
N VAL B 169 26.38 -23.86 -4.11
CA VAL B 169 26.74 -23.59 -5.49
C VAL B 169 27.42 -22.23 -5.56
N SER B 170 28.59 -22.16 -6.17
CA SER B 170 29.20 -20.89 -6.50
CA SER B 170 29.25 -20.91 -6.49
C SER B 170 29.48 -20.86 -7.99
N TRP B 171 29.82 -19.67 -8.48
CA TRP B 171 30.11 -19.46 -9.89
C TRP B 171 31.50 -18.84 -9.99
N ASN B 172 32.31 -19.38 -10.91
CA ASN B 172 33.66 -18.87 -11.16
C ASN B 172 34.45 -18.76 -9.86
N SER B 173 34.33 -19.79 -9.03
CA SER B 173 35.11 -19.94 -7.80
C SER B 173 34.83 -18.79 -6.83
N GLY B 174 33.61 -18.25 -6.89
CA GLY B 174 33.18 -17.22 -5.98
C GLY B 174 33.42 -15.81 -6.45
N ALA B 175 34.04 -15.64 -7.62
CA ALA B 175 34.25 -14.32 -8.19
C ALA B 175 32.98 -13.75 -8.80
N LEU B 176 31.98 -14.58 -9.07
CA LEU B 176 30.74 -14.15 -9.70
C LEU B 176 29.60 -14.41 -8.73
N THR B 177 29.06 -13.33 -8.13
CA THR B 177 27.89 -13.45 -7.26
C THR B 177 26.75 -12.52 -7.63
N SER B 178 27.01 -11.42 -8.32
CA SER B 178 25.93 -10.54 -8.79
C SER B 178 25.07 -11.27 -9.82
N GLY B 179 23.75 -11.22 -9.62
CA GLY B 179 22.83 -11.86 -10.54
C GLY B 179 22.70 -13.36 -10.40
N VAL B 180 23.24 -13.95 -9.33
CA VAL B 180 23.11 -15.38 -9.10
C VAL B 180 21.84 -15.65 -8.32
N HIS B 181 21.05 -16.63 -8.76
CA HIS B 181 19.91 -17.12 -8.01
C HIS B 181 20.03 -18.64 -7.88
N THR B 182 20.08 -19.11 -6.64
CA THR B 182 20.12 -20.54 -6.36
C THR B 182 18.81 -20.86 -5.65
N PHE B 183 17.98 -21.66 -6.30
CA PHE B 183 16.63 -21.91 -5.83
C PHE B 183 16.62 -22.93 -4.69
N PRO B 184 15.64 -22.85 -3.80
CA PRO B 184 15.52 -23.88 -2.75
C PRO B 184 15.32 -25.25 -3.37
N ALA B 185 15.96 -26.24 -2.77
CA ALA B 185 15.84 -27.61 -3.26
C ALA B 185 14.41 -28.12 -3.12
N VAL B 186 14.05 -29.08 -3.95
CA VAL B 186 12.78 -29.79 -3.84
C VAL B 186 13.07 -31.27 -3.61
N LEU B 187 12.28 -31.89 -2.73
CA LEU B 187 12.42 -33.31 -2.44
C LEU B 187 11.63 -34.09 -3.47
N GLN B 188 12.31 -34.89 -4.28
CA GLN B 188 11.63 -35.63 -5.32
C GLN B 188 11.03 -36.91 -4.75
N SER B 189 10.13 -37.52 -5.52
CA SER B 189 9.49 -38.75 -5.03
C SER B 189 10.48 -39.90 -4.89
N SER B 190 11.65 -39.80 -5.53
CA SER B 190 12.71 -40.78 -5.35
C SER B 190 13.37 -40.70 -3.98
N GLY B 191 13.08 -39.68 -3.19
CA GLY B 191 13.81 -39.45 -1.98
C GLY B 191 15.06 -38.61 -2.14
N LEU B 192 15.33 -38.09 -3.32
CA LEU B 192 16.54 -37.31 -3.57
C LEU B 192 16.17 -35.86 -3.84
N TYR B 193 17.07 -34.94 -3.49
CA TYR B 193 16.83 -33.52 -3.69
C TYR B 193 17.31 -33.09 -5.07
N SER B 194 16.75 -31.99 -5.56
CA SER B 194 17.13 -31.37 -6.83
C SER B 194 17.01 -29.85 -6.71
N LEU B 195 17.92 -29.12 -7.34
CA LEU B 195 17.74 -27.67 -7.46
C LEU B 195 18.49 -27.16 -8.68
N SER B 196 18.25 -25.90 -9.02
CA SER B 196 18.99 -25.23 -10.07
CA SER B 196 18.97 -25.22 -10.08
C SER B 196 19.61 -23.95 -9.53
N SER B 197 20.72 -23.55 -10.16
CA SER B 197 21.36 -22.27 -9.89
C SER B 197 21.53 -21.61 -11.24
N VAL B 198 21.16 -20.33 -11.32
CA VAL B 198 21.20 -19.60 -12.58
C VAL B 198 21.87 -18.25 -12.35
N VAL B 199 22.33 -17.65 -13.44
CA VAL B 199 22.93 -16.32 -13.39
C VAL B 199 22.70 -15.67 -14.75
N THR B 200 22.50 -14.36 -14.75
CA THR B 200 22.37 -13.60 -15.99
C THR B 200 23.67 -12.86 -16.26
N VAL B 201 24.06 -12.82 -17.53
CA VAL B 201 25.33 -12.26 -17.96
C VAL B 201 25.08 -11.41 -19.21
N PRO B 202 25.96 -10.47 -19.53
CA PRO B 202 25.79 -9.74 -20.78
C PRO B 202 25.88 -10.68 -21.97
N SER B 203 24.91 -10.55 -22.89
CA SER B 203 24.88 -11.45 -24.04
C SER B 203 26.18 -11.40 -24.84
N SER B 204 26.91 -10.28 -24.81
CA SER B 204 28.15 -10.18 -25.56
C SER B 204 29.29 -10.98 -24.94
N SER B 205 29.16 -11.40 -23.68
CA SER B 205 30.23 -12.13 -23.02
C SER B 205 30.19 -13.64 -23.29
N LEU B 206 29.17 -14.13 -23.98
CA LEU B 206 28.97 -15.58 -24.09
C LEU B 206 30.08 -16.27 -24.86
N GLY B 207 30.79 -15.56 -25.73
CA GLY B 207 31.87 -16.19 -26.47
C GLY B 207 33.26 -15.85 -25.96
N THR B 208 33.36 -14.89 -25.04
CA THR B 208 34.66 -14.39 -24.58
C THR B 208 34.85 -14.50 -23.07
N GLN B 209 33.92 -15.14 -22.36
CA GLN B 209 34.08 -15.37 -20.93
C GLN B 209 33.65 -16.79 -20.61
N THR B 210 34.37 -17.43 -19.69
CA THR B 210 34.04 -18.77 -19.23
C THR B 210 33.22 -18.70 -17.95
N TYR B 211 32.14 -19.49 -17.89
CA TYR B 211 31.31 -19.58 -16.70
C TYR B 211 31.30 -21.01 -16.21
N ILE B 212 31.66 -21.19 -14.95
CA ILE B 212 31.76 -22.50 -14.33
C ILE B 212 30.98 -22.43 -13.04
N CYS B 213 30.13 -23.43 -12.81
CA CYS B 213 29.47 -23.54 -11.52
C CYS B 213 30.21 -24.57 -10.69
N ASN B 214 30.42 -24.25 -9.42
CA ASN B 214 31.16 -25.09 -8.47
C ASN B 214 30.17 -25.60 -7.45
N VAL B 215 30.00 -26.92 -7.38
CA VAL B 215 29.01 -27.54 -6.53
C VAL B 215 29.72 -28.33 -5.45
N ASN B 216 29.38 -28.05 -4.19
CA ASN B 216 29.99 -28.71 -3.04
CA ASN B 216 29.99 -28.71 -3.04
C ASN B 216 28.90 -29.40 -2.24
N HIS B 217 29.08 -30.70 -2.01
CA HIS B 217 28.18 -31.50 -1.18
C HIS B 217 29.01 -32.05 -0.02
N LYS B 218 28.88 -31.41 1.15
CA LYS B 218 29.68 -31.81 2.30
C LYS B 218 29.36 -33.22 2.79
N PRO B 219 28.09 -33.63 2.94
CA PRO B 219 27.82 -34.98 3.48
C PRO B 219 28.50 -36.08 2.70
N SER B 220 28.74 -35.89 1.40
CA SER B 220 29.40 -36.88 0.57
C SER B 220 30.83 -36.51 0.23
N ASN B 221 31.33 -35.37 0.73
CA ASN B 221 32.67 -34.87 0.41
C ASN B 221 32.91 -34.85 -1.09
N THR B 222 31.93 -34.35 -1.83
CA THR B 222 31.97 -34.30 -3.28
C THR B 222 32.07 -32.85 -3.74
N LYS B 223 32.86 -32.63 -4.79
CA LYS B 223 32.99 -31.32 -5.43
C LYS B 223 32.94 -31.52 -6.94
N VAL B 224 32.06 -30.77 -7.61
CA VAL B 224 31.90 -30.82 -9.07
C VAL B 224 32.11 -29.43 -9.62
N ASP B 225 32.89 -29.33 -10.71
CA ASP B 225 32.98 -28.10 -11.49
C ASP B 225 32.48 -28.39 -12.89
N LYS B 226 31.55 -27.56 -13.36
CA LYS B 226 30.90 -27.77 -14.66
C LYS B 226 30.96 -26.48 -15.45
N LYS B 227 31.64 -26.52 -16.59
CA LYS B 227 31.60 -25.40 -17.51
C LYS B 227 30.26 -25.38 -18.23
N VAL B 228 29.66 -24.19 -18.35
CA VAL B 228 28.37 -24.00 -18.99
C VAL B 228 28.60 -23.08 -20.18
N GLU B 229 28.40 -23.61 -21.38
CA GLU B 229 28.60 -22.81 -22.60
C GLU B 229 27.44 -23.03 -23.56
N PRO B 230 27.16 -22.05 -24.43
CA PRO B 230 26.08 -22.23 -25.41
C PRO B 230 26.36 -23.38 -26.36
N LYS B 231 25.28 -23.96 -26.89
CA LYS B 231 25.39 -25.04 -27.87
C LYS B 231 25.86 -24.49 -29.22
N SER B 232 26.34 -25.41 -30.06
CA SER B 232 26.93 -25.07 -31.35
C SER B 232 25.91 -25.32 -32.45
N CYS B 233 25.23 -24.27 -32.87
CA CYS B 233 24.29 -24.36 -33.99
C CYS B 233 24.94 -23.85 -35.27
N GLN C 4 -5.79 -23.32 18.82
CA GLN C 4 -5.32 -22.67 17.60
C GLN C 4 -5.08 -21.18 17.78
N MET C 5 -4.13 -20.66 17.00
CA MET C 5 -3.81 -19.24 16.92
C MET C 5 -3.79 -18.90 15.43
N THR C 6 -4.93 -18.47 14.90
CA THR C 6 -5.07 -18.19 13.47
C THR C 6 -4.45 -16.82 13.17
N GLN C 7 -3.33 -16.83 12.46
CA GLN C 7 -2.58 -15.61 12.17
C GLN C 7 -2.94 -15.09 10.78
N SER C 8 -3.17 -13.77 10.69
CA SER C 8 -3.53 -13.10 9.46
CA SER C 8 -3.53 -13.09 9.46
C SER C 8 -2.84 -11.75 9.38
N PRO C 9 -2.37 -11.32 8.19
CA PRO C 9 -2.39 -12.11 6.95
C PRO C 9 -1.15 -12.98 6.85
N SER C 10 -1.11 -13.90 5.89
CA SER C 10 0.07 -14.73 5.71
C SER C 10 1.24 -13.94 5.10
N SER C 11 0.94 -12.90 4.34
CA SER C 11 1.98 -12.07 3.74
CA SER C 11 1.99 -12.06 3.77
C SER C 11 1.43 -10.66 3.56
N LEU C 12 2.34 -9.69 3.49
CA LEU C 12 1.96 -8.32 3.22
C LEU C 12 3.18 -7.57 2.71
N SER C 13 2.93 -6.63 1.81
CA SER C 13 3.95 -5.77 1.23
CA SER C 13 3.98 -5.79 1.25
C SER C 13 3.84 -4.37 1.80
N ALA C 14 4.96 -3.78 2.20
CA ALA C 14 4.95 -2.46 2.81
C ALA C 14 6.26 -1.74 2.49
N SER C 15 6.29 -0.45 2.80
CA SER C 15 7.47 0.38 2.60
C SER C 15 7.96 0.96 3.92
N VAL C 16 9.23 1.37 3.93
CA VAL C 16 9.79 2.08 5.07
C VAL C 16 8.89 3.23 5.45
N GLY C 17 8.61 3.37 6.74
CA GLY C 17 7.73 4.39 7.25
C GLY C 17 6.27 4.00 7.37
N ASP C 18 5.88 2.83 6.86
CA ASP C 18 4.48 2.42 6.96
C ASP C 18 4.15 1.92 8.36
N ARG C 19 2.84 1.90 8.64
CA ARG C 19 2.29 1.31 9.86
CA ARG C 19 2.28 1.31 9.86
C ARG C 19 1.76 -0.07 9.51
N VAL C 20 2.21 -1.08 10.26
CA VAL C 20 1.91 -2.48 9.97
C VAL C 20 1.30 -3.10 11.21
N THR C 21 0.17 -3.79 11.03
CA THR C 21 -0.44 -4.57 12.11
C THR C 21 -0.69 -5.99 11.65
N ILE C 22 -0.37 -6.93 12.53
CA ILE C 22 -0.58 -8.35 12.32
C ILE C 22 -1.44 -8.84 13.48
N THR C 23 -2.41 -9.70 13.19
CA THR C 23 -3.38 -10.12 14.20
C THR C 23 -3.41 -11.64 14.30
N CYS C 24 -3.54 -12.15 15.53
CA CYS C 24 -3.76 -13.56 15.81
C CYS C 24 -5.03 -13.73 16.63
N ARG C 25 -5.81 -14.74 16.28
CA ARG C 25 -7.11 -14.98 16.87
C ARG C 25 -7.05 -16.23 17.73
N ALA C 26 -7.31 -16.07 19.03
CA ALA C 26 -7.32 -17.22 19.94
C ALA C 26 -8.71 -17.82 19.99
N SER C 27 -8.78 -19.15 20.11
CA SER C 27 -10.03 -19.89 20.06
C SER C 27 -10.26 -20.59 21.39
N GLN C 28 -11.41 -20.34 22.02
CA GLN C 28 -11.81 -21.01 23.27
C GLN C 28 -10.68 -20.97 24.31
N SER C 29 -10.05 -19.80 24.44
CA SER C 29 -8.92 -19.61 25.34
C SER C 29 -9.09 -18.31 26.10
N VAL C 30 -8.74 -18.31 27.38
CA VAL C 30 -8.78 -17.10 28.18
C VAL C 30 -7.39 -16.64 28.60
N SER C 31 -6.34 -17.24 28.03
CA SER C 31 -4.97 -16.88 28.36
C SER C 31 -4.54 -15.60 27.67
N SER C 32 -3.86 -14.72 28.40
CA SER C 32 -3.18 -13.58 27.83
C SER C 32 -1.68 -13.78 27.73
N ALA C 33 -1.21 -15.03 27.80
CA ALA C 33 0.21 -15.30 27.61
C ALA C 33 0.48 -15.44 26.12
N VAL C 34 0.54 -14.30 25.44
CA VAL C 34 0.74 -14.26 24.00
C VAL C 34 2.03 -13.49 23.73
N ALA C 35 2.90 -14.08 22.92
CA ALA C 35 4.20 -13.51 22.61
C ALA C 35 4.35 -13.38 21.10
N TRP C 36 5.29 -12.54 20.68
CA TRP C 36 5.54 -12.30 19.27
C TRP C 36 7.03 -12.42 18.98
N TYR C 37 7.35 -13.06 17.84
CA TYR C 37 8.73 -13.36 17.44
C TYR C 37 9.00 -12.87 16.02
N GLN C 38 10.22 -12.41 15.78
CA GLN C 38 10.72 -12.07 14.45
C GLN C 38 11.77 -13.09 14.03
N GLN C 39 11.73 -13.53 12.76
CA GLN C 39 12.71 -14.49 12.24
C GLN C 39 13.17 -14.08 10.85
N LYS C 40 14.49 -13.95 10.67
CA LYS C 40 15.08 -13.71 9.36
C LYS C 40 15.65 -15.01 8.78
N PRO C 41 15.81 -15.10 7.45
CA PRO C 41 16.17 -16.40 6.84
C PRO C 41 17.46 -16.98 7.39
N GLY C 42 17.42 -18.28 7.69
CA GLY C 42 18.58 -18.97 8.22
C GLY C 42 18.94 -18.65 9.66
N LYS C 43 18.08 -17.97 10.40
CA LYS C 43 18.38 -17.57 11.77
C LYS C 43 17.28 -18.05 12.71
N ALA C 44 17.61 -18.10 13.99
CA ALA C 44 16.63 -18.43 15.02
C ALA C 44 15.66 -17.26 15.22
N PRO C 45 14.46 -17.53 15.73
CA PRO C 45 13.54 -16.43 16.06
C PRO C 45 14.06 -15.57 17.20
N LYS C 46 13.52 -14.35 17.28
CA LYS C 46 13.90 -13.37 18.28
C LYS C 46 12.65 -12.80 18.94
N LEU C 47 12.63 -12.82 20.27
CA LEU C 47 11.50 -12.35 21.04
C LEU C 47 11.31 -10.83 20.92
N LEU C 48 10.07 -10.40 20.75
CA LEU C 48 9.69 -9.00 20.61
C LEU C 48 8.75 -8.51 21.70
N ILE C 49 7.64 -9.21 21.91
CA ILE C 49 6.59 -8.87 22.86
C ILE C 49 6.29 -10.14 23.63
N TYR C 50 5.95 -10.00 24.91
CA TYR C 50 5.40 -11.10 25.70
C TYR C 50 4.27 -10.55 26.55
N SER C 51 3.45 -11.48 27.07
CA SER C 51 2.29 -11.14 27.91
C SER C 51 1.36 -10.16 27.19
N ALA C 52 1.15 -10.41 25.89
CA ALA C 52 0.27 -9.65 25.02
C ALA C 52 0.84 -8.26 24.69
N SER C 53 1.38 -7.54 25.69
CA SER C 53 1.71 -6.13 25.48
C SER C 53 3.01 -5.64 26.11
N SER C 54 3.76 -6.48 26.80
CA SER C 54 5.02 -6.04 27.38
C SER C 54 6.15 -6.12 26.37
N LEU C 55 6.86 -4.99 26.20
CA LEU C 55 7.96 -4.91 25.27
C LEU C 55 9.21 -5.55 25.87
N TYR C 56 9.81 -6.49 25.13
CA TYR C 56 11.00 -7.17 25.63
C TYR C 56 12.20 -6.23 25.61
N SER C 57 13.01 -6.30 26.67
CA SER C 57 14.17 -5.44 26.83
C SER C 57 15.03 -5.42 25.57
N GLY C 58 15.37 -4.21 25.12
CA GLY C 58 16.19 -4.04 23.94
C GLY C 58 15.44 -3.87 22.64
N VAL C 59 14.17 -4.22 22.59
CA VAL C 59 13.40 -4.15 21.34
C VAL C 59 12.95 -2.70 21.13
N PRO C 60 13.12 -2.15 19.93
CA PRO C 60 12.74 -0.74 19.73
C PRO C 60 11.28 -0.47 20.07
N SER C 61 11.02 0.76 20.52
CA SER C 61 9.69 1.19 20.96
C SER C 61 8.64 1.14 19.85
N ARG C 62 9.05 1.12 18.57
CA ARG C 62 8.07 1.11 17.48
C ARG C 62 7.27 -0.20 17.42
N PHE C 63 7.67 -1.23 18.16
CA PHE C 63 6.93 -2.48 18.23
C PHE C 63 5.98 -2.44 19.42
N SER C 64 4.72 -2.80 19.21
CA SER C 64 3.82 -2.83 20.35
C SER C 64 2.79 -3.94 20.19
N GLY C 65 2.26 -4.41 21.32
CA GLY C 65 1.23 -5.44 21.32
C GLY C 65 0.02 -5.03 22.12
N SER C 66 -1.14 -5.58 21.74
CA SER C 66 -2.39 -5.28 22.39
CA SER C 66 -2.39 -5.28 22.39
C SER C 66 -3.36 -6.43 22.20
N ARG C 67 -4.35 -6.51 23.08
CA ARG C 67 -5.43 -7.49 23.01
C ARG C 67 -6.76 -6.77 22.83
N SER C 68 -7.61 -7.32 21.97
CA SER C 68 -8.98 -6.84 21.77
C SER C 68 -9.89 -8.05 21.71
N GLY C 69 -10.56 -8.36 22.81
CA GLY C 69 -11.34 -9.58 22.89
C GLY C 69 -10.45 -10.80 22.68
N THR C 70 -10.82 -11.63 21.70
CA THR C 70 -10.06 -12.82 21.37
C THR C 70 -8.94 -12.56 20.36
N ASP C 71 -8.70 -11.32 19.95
CA ASP C 71 -7.73 -11.01 18.91
C ASP C 71 -6.51 -10.29 19.50
N PHE C 72 -5.33 -10.82 19.21
CA PHE C 72 -4.07 -10.22 19.63
C PHE C 72 -3.37 -9.61 18.42
N THR C 73 -2.87 -8.40 18.58
CA THR C 73 -2.28 -7.66 17.47
C THR C 73 -0.85 -7.23 17.81
N LEU C 74 0.04 -7.35 16.82
CA LEU C 74 1.37 -6.77 16.84
C LEU C 74 1.36 -5.55 15.91
N THR C 75 1.82 -4.41 16.40
CA THR C 75 1.89 -3.20 15.58
C THR C 75 3.33 -2.71 15.48
N ILE C 76 3.73 -2.34 14.27
CA ILE C 76 4.97 -1.61 14.03
C ILE C 76 4.54 -0.22 13.57
N SER C 77 4.79 0.79 14.39
CA SER C 77 4.22 2.12 14.09
C SER C 77 4.89 2.76 12.89
N SER C 78 6.17 2.47 12.65
CA SER C 78 6.93 3.08 11.55
C SER C 78 7.97 2.08 11.07
N LEU C 79 7.69 1.40 9.96
CA LEU C 79 8.53 0.31 9.47
C LEU C 79 9.92 0.81 9.09
N GLN C 80 10.95 0.10 9.55
CA GLN C 80 12.36 0.37 9.25
C GLN C 80 12.96 -0.71 8.34
N PRO C 81 14.06 -0.43 7.66
CA PRO C 81 14.63 -1.43 6.74
C PRO C 81 14.98 -2.75 7.41
N GLU C 82 15.36 -2.74 8.69
CA GLU C 82 15.72 -3.97 9.37
C GLU C 82 14.51 -4.77 9.84
N ASP C 83 13.29 -4.30 9.55
CA ASP C 83 12.04 -4.92 9.98
C ASP C 83 11.47 -5.92 8.99
N PHE C 84 11.98 -5.96 7.76
CA PHE C 84 11.48 -6.94 6.80
C PHE C 84 11.93 -8.32 7.21
N ALA C 85 10.96 -9.24 7.38
CA ALA C 85 11.16 -10.50 8.06
C ALA C 85 9.83 -11.24 8.17
N THR C 86 9.85 -12.40 8.82
CA THR C 86 8.64 -13.17 9.12
C THR C 86 8.36 -13.05 10.61
N TYR C 87 7.09 -12.86 10.96
CA TYR C 87 6.67 -12.67 12.33
C TYR C 87 5.75 -13.81 12.75
N TYR C 88 5.95 -14.32 13.98
CA TYR C 88 5.12 -15.38 14.53
C TYR C 88 4.51 -14.94 15.86
N CYS C 89 3.23 -15.23 16.05
CA CYS C 89 2.63 -15.14 17.37
C CYS C 89 2.66 -16.52 18.03
N GLN C 90 2.46 -16.50 19.36
CA GLN C 90 2.61 -17.71 20.16
C GLN C 90 1.76 -17.54 21.40
N GLN C 91 1.00 -18.59 21.75
CA GLN C 91 0.22 -18.58 23.00
C GLN C 91 0.67 -19.74 23.88
N ALA C 92 0.71 -19.47 25.20
CA ALA C 92 0.88 -20.51 26.22
C ALA C 92 -0.49 -20.73 26.87
N SER C 93 -1.06 -21.91 26.65
CA SER C 93 -2.40 -22.15 27.15
C SER C 93 -2.34 -22.44 28.65
N LEU C 94 -3.50 -22.33 29.29
CA LEU C 94 -3.59 -22.66 30.72
C LEU C 94 -3.31 -24.13 30.99
N THR C 95 -3.37 -24.97 29.96
CA THR C 95 -3.06 -26.38 30.07
C THR C 95 -1.60 -26.68 29.78
N ALA C 96 -0.75 -25.65 29.72
CA ALA C 96 0.70 -25.77 29.58
C ALA C 96 1.13 -26.29 28.20
N LEU C 97 0.35 -25.98 27.18
CA LEU C 97 0.72 -26.27 25.80
C LEU C 97 1.10 -24.95 25.12
N LEU C 98 1.98 -25.04 24.12
CA LEU C 98 2.36 -23.88 23.32
C LEU C 98 1.80 -24.03 21.91
N THR C 99 1.34 -22.93 21.34
CA THR C 99 0.83 -22.92 19.96
C THR C 99 1.43 -21.74 19.23
N PHE C 100 2.00 -21.97 18.05
CA PHE C 100 2.50 -20.89 17.21
C PHE C 100 1.53 -20.61 16.08
N GLY C 101 1.36 -19.32 15.76
CA GLY C 101 0.65 -18.96 14.56
C GLY C 101 1.42 -19.39 13.32
N GLN C 102 0.72 -19.38 12.18
CA GLN C 102 1.31 -19.83 10.92
C GLN C 102 2.40 -18.88 10.40
N GLY C 103 2.41 -17.63 10.84
CA GLY C 103 3.46 -16.69 10.48
C GLY C 103 3.03 -15.71 9.42
N THR C 104 3.68 -14.54 9.41
CA THR C 104 3.38 -13.47 8.45
C THR C 104 4.69 -12.98 7.84
N LYS C 105 4.81 -13.09 6.52
CA LYS C 105 5.94 -12.50 5.81
C LYS C 105 5.68 -11.02 5.60
N VAL C 106 6.61 -10.17 6.07
CA VAL C 106 6.54 -8.73 5.79
C VAL C 106 7.61 -8.43 4.74
N GLU C 107 7.16 -8.14 3.51
CA GLU C 107 8.05 -8.00 2.36
C GLU C 107 8.15 -6.54 1.89
N ILE C 108 9.17 -6.26 1.08
CA ILE C 108 9.46 -4.92 0.60
C ILE C 108 8.64 -4.62 -0.64
N LYS C 109 7.89 -3.52 -0.61
CA LYS C 109 7.12 -3.08 -1.75
C LYS C 109 8.01 -2.36 -2.74
N ARG C 110 7.80 -2.64 -4.03
N ARG C 110 7.80 -2.64 -4.03
CA ARG C 110 8.51 -1.96 -5.10
CA ARG C 110 8.51 -1.94 -5.09
C ARG C 110 7.61 -1.94 -6.34
C ARG C 110 7.60 -1.88 -6.31
N THR C 111 8.11 -1.31 -7.40
CA THR C 111 7.33 -1.21 -8.62
C THR C 111 7.22 -2.57 -9.30
N VAL C 112 6.13 -2.73 -10.06
CA VAL C 112 5.93 -3.97 -10.81
C VAL C 112 7.08 -4.19 -11.77
N ALA C 113 7.49 -5.44 -11.91
CA ALA C 113 8.56 -5.79 -12.85
C ALA C 113 8.20 -7.11 -13.52
N ALA C 114 8.15 -7.08 -14.84
CA ALA C 114 7.87 -8.25 -15.66
C ALA C 114 9.06 -9.20 -15.65
N PRO C 115 8.82 -10.51 -15.62
CA PRO C 115 9.94 -11.46 -15.65
C PRO C 115 10.59 -11.55 -17.03
N SER C 116 11.89 -11.82 -17.01
CA SER C 116 12.57 -12.33 -18.19
C SER C 116 12.43 -13.85 -18.18
N VAL C 117 12.03 -14.41 -19.31
CA VAL C 117 11.70 -15.83 -19.41
C VAL C 117 12.74 -16.53 -20.26
N PHE C 118 13.19 -17.71 -19.81
CA PHE C 118 14.15 -18.52 -20.54
C PHE C 118 13.77 -19.99 -20.42
N ILE C 119 14.04 -20.77 -21.46
CA ILE C 119 13.75 -22.20 -21.43
C ILE C 119 15.01 -22.97 -21.79
N PHE C 120 15.25 -24.07 -21.09
CA PHE C 120 16.47 -24.86 -21.23
C PHE C 120 16.14 -26.31 -21.56
N PRO C 121 16.60 -26.84 -22.69
CA PRO C 121 16.41 -28.26 -22.99
C PRO C 121 17.23 -29.12 -22.05
N PRO C 122 16.91 -30.41 -21.95
CA PRO C 122 17.79 -31.33 -21.22
C PRO C 122 19.13 -31.46 -21.93
N SER C 123 20.19 -31.60 -21.14
CA SER C 123 21.51 -31.72 -21.73
C SER C 123 21.75 -33.13 -22.25
N ASP C 124 22.59 -33.22 -23.29
CA ASP C 124 22.97 -34.53 -23.79
C ASP C 124 23.47 -35.42 -22.66
N SER C 125 24.19 -34.86 -21.69
CA SER C 125 24.76 -35.71 -20.65
C SER C 125 23.69 -36.25 -19.71
N GLN C 126 22.62 -35.48 -19.44
CA GLN C 126 21.51 -36.05 -18.64
C GLN C 126 20.82 -37.18 -19.39
N LEU C 127 20.53 -36.99 -20.68
CA LEU C 127 19.85 -38.01 -21.47
C LEU C 127 20.65 -39.31 -21.48
N LYS C 128 21.96 -39.21 -21.72
CA LYS C 128 22.80 -40.40 -21.71
C LYS C 128 22.74 -41.10 -20.35
N SER C 129 22.52 -40.34 -19.26
CA SER C 129 22.37 -40.95 -17.94
C SER C 129 21.00 -41.57 -17.73
N GLY C 130 20.06 -41.32 -18.64
CA GLY C 130 18.79 -42.00 -18.65
C GLY C 130 17.53 -41.24 -18.19
N THR C 131 17.56 -39.91 -18.11
CA THR C 131 16.41 -39.14 -17.65
C THR C 131 16.39 -37.80 -18.38
N ALA C 132 15.31 -37.03 -18.18
CA ALA C 132 15.15 -35.77 -18.91
C ALA C 132 14.44 -34.72 -18.07
N SER C 133 15.04 -33.54 -17.96
CA SER C 133 14.45 -32.40 -17.24
C SER C 133 14.46 -31.17 -18.14
N VAL C 134 13.29 -30.55 -18.32
CA VAL C 134 13.16 -29.28 -19.04
C VAL C 134 12.89 -28.19 -18.00
N VAL C 135 13.61 -27.07 -18.10
CA VAL C 135 13.58 -26.02 -17.09
C VAL C 135 13.16 -24.71 -17.72
N CYS C 136 12.20 -24.02 -17.10
CA CYS C 136 11.73 -22.71 -17.50
C CYS C 136 12.03 -21.75 -16.36
N LEU C 137 12.77 -20.69 -16.65
CA LEU C 137 13.22 -19.73 -15.66
C LEU C 137 12.47 -18.42 -15.83
N LEU C 138 11.92 -17.92 -14.73
CA LEU C 138 11.36 -16.57 -14.68
C LEU C 138 12.26 -15.73 -13.80
N ASN C 139 12.87 -14.69 -14.36
CA ASN C 139 13.91 -13.95 -13.65
C ASN C 139 13.48 -12.54 -13.29
N ASN C 140 13.69 -12.17 -12.03
CA ASN C 140 13.69 -10.79 -11.56
C ASN C 140 12.34 -10.09 -11.78
N PHE C 141 11.28 -10.69 -11.24
CA PHE C 141 9.95 -10.12 -11.39
C PHE C 141 9.36 -9.71 -10.05
N TYR C 142 8.29 -8.90 -10.11
CA TYR C 142 7.57 -8.40 -8.95
C TYR C 142 6.18 -7.95 -9.37
N PRO C 143 5.12 -8.32 -8.62
CA PRO C 143 5.15 -9.12 -7.40
C PRO C 143 5.24 -10.62 -7.63
N ARG C 144 5.17 -11.39 -6.53
CA ARG C 144 5.46 -12.82 -6.56
C ARG C 144 4.49 -13.61 -7.43
N GLU C 145 3.24 -13.17 -7.55
CA GLU C 145 2.24 -13.98 -8.21
C GLU C 145 2.56 -14.15 -9.70
N ALA C 146 2.49 -15.39 -10.20
CA ALA C 146 2.84 -15.71 -11.58
C ALA C 146 2.34 -17.09 -11.92
N LYS C 147 1.97 -17.29 -13.19
CA LYS C 147 1.51 -18.58 -13.67
C LYS C 147 2.43 -19.10 -14.76
N VAL C 148 2.78 -20.38 -14.68
CA VAL C 148 3.64 -21.04 -15.65
C VAL C 148 2.90 -22.25 -16.21
N GLN C 149 2.78 -22.32 -17.53
CA GLN C 149 2.04 -23.34 -18.24
C GLN C 149 2.97 -24.11 -19.18
N TRP C 150 2.99 -25.44 -19.07
CA TRP C 150 3.78 -26.29 -19.96
C TRP C 150 2.91 -26.95 -21.02
N LYS C 151 3.41 -26.97 -22.27
CA LYS C 151 2.76 -27.70 -23.35
C LYS C 151 3.79 -28.49 -24.15
N VAL C 152 3.53 -29.77 -24.35
CA VAL C 152 4.38 -30.65 -25.15
C VAL C 152 3.57 -31.04 -26.39
N ASP C 153 4.02 -30.56 -27.55
CA ASP C 153 3.27 -30.69 -28.81
C ASP C 153 1.84 -30.16 -28.65
N ASN C 154 1.73 -28.93 -28.14
CA ASN C 154 0.47 -28.24 -27.88
C ASN C 154 -0.47 -29.04 -26.99
N ALA C 155 0.04 -29.99 -26.22
CA ALA C 155 -0.76 -30.75 -25.27
C ALA C 155 -0.40 -30.28 -23.88
N LEU C 156 -1.42 -29.84 -23.13
CA LEU C 156 -1.22 -29.24 -21.81
C LEU C 156 -0.72 -30.27 -20.82
N GLN C 157 0.37 -29.94 -20.12
CA GLN C 157 0.98 -30.87 -19.17
C GLN C 157 0.43 -30.60 -17.77
N SER C 158 0.05 -31.66 -17.07
CA SER C 158 -0.50 -31.56 -15.73
CA SER C 158 -0.49 -31.55 -15.73
C SER C 158 0.12 -32.62 -14.84
N GLY C 159 0.57 -32.22 -13.65
CA GLY C 159 1.07 -33.13 -12.65
C GLY C 159 2.52 -33.55 -12.75
N ASN C 160 3.26 -33.08 -13.76
CA ASN C 160 4.65 -33.49 -13.95
C ASN C 160 5.61 -32.30 -13.89
N SER C 161 5.19 -31.19 -13.30
CA SER C 161 5.99 -29.99 -13.10
C SER C 161 6.16 -29.69 -11.62
N GLN C 162 7.28 -29.06 -11.26
CA GLN C 162 7.48 -28.53 -9.91
C GLN C 162 8.11 -27.15 -10.02
N GLU C 163 7.68 -26.21 -9.19
CA GLU C 163 8.31 -24.89 -9.21
C GLU C 163 8.92 -24.55 -7.87
N SER C 164 9.98 -23.72 -7.92
CA SER C 164 10.63 -23.18 -6.74
C SER C 164 10.85 -21.68 -6.95
N VAL C 165 10.70 -20.92 -5.87
CA VAL C 165 10.80 -19.46 -5.89
C VAL C 165 11.90 -19.04 -4.95
N THR C 166 12.68 -18.03 -5.34
CA THR C 166 13.60 -17.42 -4.39
C THR C 166 12.86 -16.40 -3.51
N GLU C 167 13.44 -16.12 -2.35
CA GLU C 167 12.95 -15.01 -1.54
CA GLU C 167 13.00 -15.01 -1.52
C GLU C 167 13.41 -13.69 -2.17
N GLN C 168 12.80 -12.60 -1.69
CA GLN C 168 13.06 -11.29 -2.27
C GLN C 168 14.55 -11.00 -2.33
N ASP C 169 15.00 -10.50 -3.48
CA ASP C 169 16.43 -10.32 -3.67
C ASP C 169 16.95 -9.18 -2.81
N SER C 170 18.20 -9.32 -2.35
CA SER C 170 18.76 -8.35 -1.43
CA SER C 170 18.78 -8.35 -1.43
C SER C 170 19.09 -7.02 -2.13
N LYS C 171 19.36 -7.07 -3.43
CA LYS C 171 19.74 -5.86 -4.16
C LYS C 171 18.53 -5.12 -4.73
N ASP C 172 17.62 -5.82 -5.40
CA ASP C 172 16.55 -5.16 -6.13
C ASP C 172 15.14 -5.55 -5.70
N SER C 173 14.98 -6.43 -4.71
CA SER C 173 13.67 -6.77 -4.13
C SER C 173 12.74 -7.49 -5.12
N THR C 174 13.28 -8.16 -6.13
CA THR C 174 12.46 -8.99 -7.02
C THR C 174 12.51 -10.45 -6.58
N TYR C 175 11.67 -11.26 -7.23
CA TYR C 175 11.66 -12.71 -7.11
C TYR C 175 12.17 -13.34 -8.39
N SER C 176 12.60 -14.60 -8.30
CA SER C 176 12.85 -15.43 -9.47
C SER C 176 12.18 -16.79 -9.26
N LEU C 177 11.85 -17.46 -10.36
CA LEU C 177 11.16 -18.74 -10.27
C LEU C 177 11.71 -19.73 -11.28
N SER C 178 11.78 -21.00 -10.88
CA SER C 178 12.15 -22.07 -11.80
C SER C 178 11.02 -23.09 -11.84
N SER C 179 10.61 -23.49 -13.04
CA SER C 179 9.66 -24.57 -13.23
C SER C 179 10.35 -25.69 -13.98
N THR C 180 10.32 -26.88 -13.40
CA THR C 180 11.03 -28.04 -13.94
C THR C 180 10.02 -29.08 -14.40
N LEU C 181 10.03 -29.38 -15.68
CA LEU C 181 9.18 -30.42 -16.26
C LEU C 181 9.98 -31.72 -16.33
N THR C 182 9.50 -32.76 -15.65
CA THR C 182 10.18 -34.04 -15.62
C THR C 182 9.37 -35.07 -16.40
N LEU C 183 10.07 -35.83 -17.24
CA LEU C 183 9.45 -36.93 -17.94
C LEU C 183 10.54 -37.89 -18.36
N SER C 184 10.14 -39.12 -18.71
CA SER C 184 11.12 -40.14 -19.02
C SER C 184 11.87 -39.80 -20.30
N LYS C 185 13.07 -40.37 -20.42
CA LYS C 185 13.83 -40.20 -21.66
C LYS C 185 13.05 -40.72 -22.86
N ALA C 186 12.35 -41.84 -22.68
CA ALA C 186 11.56 -42.40 -23.78
C ALA C 186 10.43 -41.46 -24.18
N ASP C 187 9.73 -40.87 -23.21
CA ASP C 187 8.67 -39.92 -23.54
C ASP C 187 9.24 -38.65 -24.18
N TYR C 188 10.38 -38.18 -23.68
CA TYR C 188 11.01 -36.99 -24.26
C TYR C 188 11.25 -37.14 -25.75
N GLU C 189 11.81 -38.28 -26.17
CA GLU C 189 12.17 -38.49 -27.56
C GLU C 189 10.97 -38.76 -28.46
N LYS C 190 9.76 -38.84 -27.91
CA LYS C 190 8.55 -39.06 -28.69
C LYS C 190 7.86 -37.78 -29.11
N HIS C 191 8.40 -36.61 -28.75
CA HIS C 191 7.75 -35.35 -29.02
C HIS C 191 8.78 -34.32 -29.50
N LYS C 192 8.28 -33.27 -30.16
CA LYS C 192 9.13 -32.28 -30.80
C LYS C 192 9.11 -30.94 -30.09
N VAL C 193 7.94 -30.34 -29.92
CA VAL C 193 7.82 -28.95 -29.47
C VAL C 193 7.60 -28.93 -27.96
N TYR C 194 8.47 -28.20 -27.26
CA TYR C 194 8.39 -28.01 -25.82
C TYR C 194 8.30 -26.52 -25.55
N ALA C 195 7.27 -26.10 -24.84
CA ALA C 195 6.99 -24.68 -24.63
C ALA C 195 6.60 -24.43 -23.18
N CYS C 196 7.01 -23.26 -22.67
CA CYS C 196 6.54 -22.78 -21.37
C CYS C 196 5.98 -21.38 -21.55
N GLU C 197 4.77 -21.15 -21.01
CA GLU C 197 4.03 -19.90 -21.19
C GLU C 197 3.83 -19.25 -19.83
N VAL C 198 4.15 -17.97 -19.74
CA VAL C 198 4.24 -17.26 -18.47
C VAL C 198 3.23 -16.11 -18.46
N THR C 199 2.44 -16.03 -17.39
CA THR C 199 1.51 -14.93 -17.16
C THR C 199 1.93 -14.19 -15.89
N HIS C 200 1.93 -12.86 -15.96
CA HIS C 200 2.35 -12.04 -14.83
C HIS C 200 1.78 -10.64 -15.01
N GLN C 201 1.52 -9.99 -13.87
CA GLN C 201 0.94 -8.64 -13.87
C GLN C 201 1.71 -7.66 -14.75
N GLY C 202 3.03 -7.80 -14.82
CA GLY C 202 3.81 -6.88 -15.65
C GLY C 202 3.78 -7.16 -17.14
N LEU C 203 3.14 -8.23 -17.57
CA LEU C 203 3.08 -8.60 -18.99
C LEU C 203 1.67 -8.32 -19.50
N SER C 204 1.57 -7.53 -20.57
CA SER C 204 0.27 -7.23 -21.15
C SER C 204 -0.35 -8.43 -21.83
N SER C 205 0.47 -9.40 -22.21
CA SER C 205 0.03 -10.64 -22.85
CA SER C 205 0.03 -10.64 -22.85
C SER C 205 1.01 -11.73 -22.46
N PRO C 206 0.55 -12.98 -22.32
CA PRO C 206 1.47 -14.06 -21.91
C PRO C 206 2.65 -14.23 -22.87
N VAL C 207 3.80 -14.55 -22.29
CA VAL C 207 5.03 -14.79 -23.04
C VAL C 207 5.27 -16.29 -23.13
N THR C 208 5.67 -16.76 -24.31
CA THR C 208 5.96 -18.16 -24.55
C THR C 208 7.39 -18.30 -25.03
N LYS C 209 8.15 -19.17 -24.39
CA LYS C 209 9.44 -19.62 -24.89
C LYS C 209 9.33 -21.09 -25.24
N SER C 210 9.96 -21.50 -26.33
CA SER C 210 9.88 -22.89 -26.77
C SER C 210 11.16 -23.28 -27.50
N PHE C 211 11.30 -24.58 -27.73
CA PHE C 211 12.34 -25.12 -28.58
C PHE C 211 11.81 -26.39 -29.23
N ASN C 212 12.52 -26.85 -30.25
CA ASN C 212 12.22 -28.10 -30.94
C ASN C 212 13.32 -29.11 -30.63
N ARG C 213 12.91 -30.30 -30.16
CA ARG C 213 13.88 -31.31 -29.76
C ARG C 213 14.78 -31.69 -30.93
N GLY C 214 16.10 -31.65 -30.68
CA GLY C 214 17.07 -32.08 -31.66
C GLY C 214 17.47 -31.04 -32.68
N GLU C 215 16.73 -29.95 -32.83
CA GLU C 215 17.04 -28.93 -33.82
C GLU C 215 18.05 -27.93 -33.27
N CYS C 216 18.52 -27.05 -34.16
CA CYS C 216 19.61 -26.11 -33.90
C CYS C 216 20.93 -26.86 -33.68
N LYS D 32 -16.21 -31.19 68.69
CA LYS D 32 -16.32 -32.33 67.81
C LYS D 32 -17.17 -32.01 66.58
N ILE D 33 -16.75 -32.52 65.44
CA ILE D 33 -17.46 -32.34 64.18
C ILE D 33 -18.43 -33.51 64.01
N GLU D 34 -19.66 -33.19 63.61
CA GLU D 34 -20.69 -34.21 63.47
C GLU D 34 -20.38 -35.14 62.29
N GLU D 35 -20.45 -36.45 62.53
CA GLU D 35 -20.23 -37.43 61.49
C GLU D 35 -21.50 -37.65 60.70
N GLY D 36 -21.36 -37.85 59.39
CA GLY D 36 -22.50 -38.13 58.54
C GLY D 36 -23.13 -36.91 57.90
N LYS D 37 -22.44 -35.78 57.86
CA LYS D 37 -22.92 -34.60 57.18
C LYS D 37 -21.71 -33.70 56.95
N LEU D 38 -21.90 -32.68 56.12
CA LEU D 38 -20.83 -31.75 55.78
C LEU D 38 -21.20 -30.35 56.23
N VAL D 39 -20.27 -29.69 56.91
CA VAL D 39 -20.36 -28.26 57.20
C VAL D 39 -19.25 -27.58 56.39
N ILE D 40 -19.63 -26.56 55.62
CA ILE D 40 -18.73 -25.86 54.71
C ILE D 40 -18.71 -24.38 55.10
N TRP D 41 -17.50 -23.79 55.18
CA TRP D 41 -17.32 -22.35 55.36
C TRP D 41 -16.76 -21.74 54.07
N ILE D 42 -17.34 -20.62 53.65
CA ILE D 42 -16.86 -19.84 52.51
C ILE D 42 -17.14 -18.38 52.82
N ASN D 43 -16.34 -17.49 52.23
CA ASN D 43 -16.48 -16.07 52.57
C ASN D 43 -17.82 -15.51 52.11
N GLY D 44 -18.30 -14.50 52.84
CA GLY D 44 -19.62 -13.93 52.60
C GLY D 44 -19.76 -13.21 51.27
N ASP D 45 -18.65 -12.87 50.61
CA ASP D 45 -18.76 -12.20 49.32
C ASP D 45 -18.78 -13.18 48.15
N LYS D 46 -18.72 -14.49 48.40
CA LYS D 46 -18.76 -15.51 47.35
C LYS D 46 -20.18 -16.05 47.17
N GLY D 47 -20.35 -16.93 46.19
CA GLY D 47 -21.66 -17.47 45.89
C GLY D 47 -22.09 -18.61 46.79
N TYR D 48 -22.35 -18.30 48.06
CA TYR D 48 -22.64 -19.37 49.02
C TYR D 48 -24.02 -19.98 48.82
N ASN D 49 -24.97 -19.21 48.29
CA ASN D 49 -26.28 -19.77 47.97
C ASN D 49 -26.21 -20.73 46.79
N GLY D 50 -25.38 -20.40 45.78
CA GLY D 50 -25.17 -21.32 44.69
C GLY D 50 -24.46 -22.59 45.13
N LEU D 51 -23.46 -22.45 46.01
CA LEU D 51 -22.79 -23.63 46.56
C LEU D 51 -23.76 -24.50 47.35
N ALA D 52 -24.72 -23.88 48.05
CA ALA D 52 -25.72 -24.63 48.79
C ALA D 52 -26.64 -25.41 47.85
N GLU D 53 -26.85 -24.91 46.62
CA GLU D 53 -27.62 -25.67 45.66
C GLU D 53 -26.88 -26.91 45.20
N VAL D 54 -25.55 -26.82 45.08
CA VAL D 54 -24.76 -28.03 44.83
C VAL D 54 -24.89 -28.98 46.01
N GLY D 55 -24.98 -28.44 47.22
CA GLY D 55 -25.11 -29.30 48.39
C GLY D 55 -26.47 -29.94 48.50
N LYS D 56 -27.51 -29.30 47.94
CA LYS D 56 -28.83 -29.93 47.96
C LYS D 56 -28.87 -31.09 46.98
N LYS D 57 -28.21 -30.96 45.83
CA LYS D 57 -28.10 -32.07 44.89
C LYS D 57 -27.32 -33.24 45.50
N PHE D 58 -26.25 -32.93 46.24
CA PHE D 58 -25.52 -33.96 46.96
C PHE D 58 -26.41 -34.71 47.94
N GLU D 59 -27.30 -33.96 48.62
CA GLU D 59 -28.20 -34.56 49.60
C GLU D 59 -29.28 -35.41 48.94
N LYS D 60 -29.75 -35.01 47.76
CA LYS D 60 -30.78 -35.78 47.08
C LYS D 60 -30.24 -37.13 46.61
N ASP D 61 -28.98 -37.14 46.15
CA ASP D 61 -28.36 -38.35 45.61
C ASP D 61 -27.86 -39.28 46.72
N THR D 62 -27.32 -38.72 47.80
CA THR D 62 -26.65 -39.52 48.81
C THR D 62 -27.35 -39.56 50.15
N GLY D 63 -28.30 -38.65 50.40
CA GLY D 63 -28.91 -38.55 51.71
C GLY D 63 -28.11 -37.77 52.73
N ILE D 64 -26.95 -37.22 52.36
CA ILE D 64 -26.08 -36.51 53.28
C ILE D 64 -26.32 -35.01 53.17
N LYS D 65 -26.69 -34.38 54.28
CA LYS D 65 -26.97 -32.95 54.29
C LYS D 65 -25.68 -32.13 54.31
N VAL D 66 -25.67 -31.07 53.49
CA VAL D 66 -24.56 -30.13 53.40
C VAL D 66 -25.05 -28.78 53.90
N THR D 67 -24.39 -28.24 54.92
CA THR D 67 -24.72 -26.92 55.49
C THR D 67 -23.60 -25.94 55.15
N VAL D 68 -23.93 -24.88 54.40
CA VAL D 68 -22.96 -23.86 54.01
C VAL D 68 -23.13 -22.64 54.92
N GLU D 69 -22.04 -22.20 55.55
CA GLU D 69 -22.06 -21.04 56.43
C GLU D 69 -20.99 -20.05 55.97
N HIS D 70 -21.17 -18.78 56.33
CA HIS D 70 -20.21 -17.73 55.94
C HIS D 70 -19.93 -16.83 57.13
N PRO D 71 -19.21 -17.34 58.14
CA PRO D 71 -18.95 -16.52 59.33
C PRO D 71 -18.00 -15.37 59.02
N ASP D 72 -18.10 -14.33 59.84
CA ASP D 72 -17.20 -13.19 59.70
C ASP D 72 -15.79 -13.59 60.12
N LYS D 73 -14.80 -13.06 59.41
CA LYS D 73 -13.39 -13.31 59.71
CA LYS D 73 -13.39 -13.30 59.73
C LYS D 73 -13.10 -14.81 59.77
N LEU D 74 -13.71 -15.56 58.85
CA LEU D 74 -13.55 -17.01 58.91
C LEU D 74 -12.11 -17.46 58.70
N GLU D 75 -11.28 -16.65 58.03
CA GLU D 75 -9.87 -17.02 57.85
C GLU D 75 -9.07 -16.87 59.13
N GLU D 76 -9.58 -16.11 60.11
CA GLU D 76 -8.99 -16.07 61.44
C GLU D 76 -9.66 -17.05 62.40
N LYS D 77 -10.96 -17.31 62.21
CA LYS D 77 -11.66 -18.24 63.08
C LYS D 77 -11.27 -19.68 62.80
N PHE D 78 -11.07 -20.04 61.53
CA PHE D 78 -10.76 -21.43 61.22
C PHE D 78 -9.54 -21.96 61.96
N PRO D 79 -8.37 -21.31 61.95
CA PRO D 79 -7.23 -21.87 62.69
C PRO D 79 -7.45 -21.97 64.19
N GLN D 80 -8.33 -21.15 64.77
CA GLN D 80 -8.61 -21.19 66.19
C GLN D 80 -9.50 -22.36 66.55
N VAL D 81 -10.59 -22.57 65.80
CA VAL D 81 -11.49 -23.66 66.14
C VAL D 81 -10.95 -25.00 65.63
N ALA D 82 -10.28 -25.01 64.46
CA ALA D 82 -9.77 -26.27 63.93
C ALA D 82 -8.66 -26.84 64.79
N ALA D 83 -7.84 -25.98 65.42
CA ALA D 83 -6.76 -26.50 66.25
C ALA D 83 -7.31 -27.33 67.41
N THR D 84 -8.49 -27.01 67.94
CA THR D 84 -9.05 -27.78 69.05
C THR D 84 -9.95 -28.93 68.57
N GLY D 85 -9.98 -29.20 67.28
CA GLY D 85 -10.76 -30.29 66.73
C GLY D 85 -12.18 -29.96 66.33
N ASP D 86 -12.52 -28.66 66.27
CA ASP D 86 -13.82 -28.17 65.88
C ASP D 86 -13.74 -27.56 64.47
N GLY D 87 -14.78 -26.85 64.07
CA GLY D 87 -14.78 -26.14 62.80
C GLY D 87 -15.54 -26.86 61.70
N PRO D 88 -15.44 -26.36 60.48
CA PRO D 88 -16.13 -27.00 59.36
C PRO D 88 -15.35 -28.21 58.84
N ASP D 89 -16.06 -29.05 58.08
CA ASP D 89 -15.41 -30.15 57.37
C ASP D 89 -14.54 -29.64 56.22
N ILE D 90 -15.03 -28.62 55.52
CA ILE D 90 -14.37 -28.02 54.36
C ILE D 90 -14.31 -26.52 54.58
N ILE D 91 -13.17 -25.92 54.24
CA ILE D 91 -12.99 -24.48 54.31
C ILE D 91 -12.57 -23.97 52.94
N PHE D 92 -13.22 -22.91 52.48
CA PHE D 92 -12.89 -22.23 51.23
C PHE D 92 -12.17 -20.92 51.54
N TRP D 93 -11.03 -20.71 50.91
CA TRP D 93 -10.33 -19.43 50.96
C TRP D 93 -9.33 -19.39 49.82
N ALA D 94 -8.84 -18.19 49.51
CA ALA D 94 -7.73 -18.08 48.58
C ALA D 94 -6.52 -18.87 49.12
N HIS D 95 -5.68 -19.35 48.19
CA HIS D 95 -4.65 -20.33 48.53
C HIS D 95 -3.58 -19.79 49.49
N ASP D 96 -3.47 -18.47 49.67
CA ASP D 96 -2.33 -17.91 50.40
C ASP D 96 -2.31 -18.26 51.89
N ARG D 97 -3.47 -18.56 52.48
CA ARG D 97 -3.56 -18.88 53.90
C ARG D 97 -3.35 -20.35 54.21
N PHE D 98 -3.33 -21.22 53.20
CA PHE D 98 -3.33 -22.66 53.45
C PHE D 98 -1.99 -23.20 53.91
N GLY D 99 -0.88 -22.52 53.60
CA GLY D 99 0.40 -22.97 54.10
C GLY D 99 0.49 -22.89 55.62
N GLY D 100 0.00 -21.79 56.20
CA GLY D 100 -0.04 -21.69 57.65
C GLY D 100 -0.95 -22.72 58.28
N TYR D 101 -2.10 -22.96 57.67
CA TYR D 101 -2.99 -24.03 58.15
C TYR D 101 -2.30 -25.38 58.06
N ALA D 102 -1.59 -25.64 56.97
CA ALA D 102 -0.90 -26.92 56.80
C ALA D 102 0.23 -27.11 57.81
N GLN D 103 1.02 -26.05 58.04
CA GLN D 103 2.12 -26.12 58.99
C GLN D 103 1.62 -26.37 60.41
N SER D 104 0.43 -25.86 60.76
CA SER D 104 -0.17 -26.08 62.07
C SER D 104 -0.89 -27.42 62.19
N GLY D 105 -0.85 -28.25 61.14
CA GLY D 105 -1.47 -29.56 61.15
C GLY D 105 -2.97 -29.57 61.02
N LEU D 106 -3.55 -28.52 60.45
CA LEU D 106 -5.00 -28.36 60.45
C LEU D 106 -5.68 -28.94 59.22
N LEU D 107 -4.92 -29.39 58.21
CA LEU D 107 -5.48 -29.80 56.94
C LEU D 107 -5.10 -31.24 56.61
N ALA D 108 -6.04 -31.98 56.03
CA ALA D 108 -5.73 -33.29 55.51
C ALA D 108 -5.04 -33.19 54.15
N GLU D 109 -4.05 -34.06 53.93
CA GLU D 109 -3.53 -34.21 52.58
C GLU D 109 -4.64 -34.76 51.69
N ILE D 110 -4.89 -34.11 50.55
CA ILE D 110 -5.96 -34.60 49.69
C ILE D 110 -5.41 -35.71 48.79
N THR D 111 -6.30 -36.54 48.26
CA THR D 111 -5.90 -37.75 47.52
C THR D 111 -6.58 -37.87 46.16
N PRO D 112 -6.48 -36.87 45.29
CA PRO D 112 -7.02 -37.04 43.92
C PRO D 112 -6.15 -38.00 43.11
N ASP D 113 -6.80 -38.86 42.32
CA ASP D 113 -6.01 -39.76 41.49
C ASP D 113 -5.54 -39.00 40.25
N LYS D 114 -4.72 -39.67 39.42
CA LYS D 114 -4.10 -39.03 38.27
C LYS D 114 -5.13 -38.55 37.27
N ALA D 115 -6.19 -39.31 37.05
CA ALA D 115 -7.23 -38.86 36.13
C ALA D 115 -7.89 -37.59 36.63
N PHE D 116 -8.14 -37.49 37.93
CA PHE D 116 -8.78 -36.26 38.39
C PHE D 116 -7.83 -35.07 38.34
N GLN D 117 -6.55 -35.26 38.69
CA GLN D 117 -5.60 -34.15 38.63
C GLN D 117 -5.50 -33.62 37.21
N ASP D 118 -5.62 -34.49 36.21
CA ASP D 118 -5.60 -34.06 34.81
C ASP D 118 -6.84 -33.27 34.40
N LYS D 119 -7.83 -33.11 35.27
CA LYS D 119 -9.00 -32.32 34.94
C LYS D 119 -8.83 -30.83 35.25
N LEU D 120 -7.81 -30.44 36.01
CA LEU D 120 -7.60 -29.04 36.35
C LEU D 120 -6.28 -28.57 35.76
N TYR D 121 -6.13 -27.25 35.57
CA TYR D 121 -4.91 -26.73 34.94
C TYR D 121 -3.71 -26.98 35.87
N PRO D 122 -2.55 -27.36 35.32
CA PRO D 122 -1.40 -27.66 36.18
C PRO D 122 -0.98 -26.53 37.11
N PHE D 123 -0.98 -25.28 36.65
CA PHE D 123 -0.57 -24.20 37.52
C PHE D 123 -1.50 -24.01 38.72
N THR D 124 -2.76 -24.41 38.63
CA THR D 124 -3.62 -24.29 39.81
C THR D 124 -3.26 -25.32 40.86
N TRP D 125 -2.78 -26.50 40.45
CA TRP D 125 -2.28 -27.49 41.41
C TRP D 125 -0.99 -27.02 42.06
N ASP D 126 -0.16 -26.30 41.32
CA ASP D 126 1.07 -25.76 41.90
C ASP D 126 0.74 -24.80 43.05
N ALA D 127 -0.39 -24.10 42.96
CA ALA D 127 -0.71 -23.10 43.99
C ALA D 127 -1.10 -23.74 45.32
N VAL D 128 -1.56 -24.99 45.32
CA VAL D 128 -2.01 -25.67 46.54
C VAL D 128 -1.03 -26.77 46.96
N ARG D 129 0.24 -26.68 46.54
CA ARG D 129 1.27 -27.58 47.04
C ARG D 129 1.96 -26.93 48.22
N TYR D 130 2.16 -27.68 49.29
CA TYR D 130 2.93 -27.18 50.41
C TYR D 130 3.83 -28.29 50.92
N ASN D 131 5.13 -28.02 50.96
CA ASN D 131 6.13 -29.03 51.34
C ASN D 131 5.97 -30.27 50.47
N GLY D 132 5.69 -30.04 49.19
CA GLY D 132 5.55 -31.10 48.22
C GLY D 132 4.17 -31.71 48.12
N LYS D 133 3.29 -31.50 49.10
CA LYS D 133 2.00 -32.19 49.18
C LYS D 133 0.86 -31.29 48.77
N LEU D 134 -0.17 -31.89 48.17
CA LEU D 134 -1.42 -31.19 47.86
C LEU D 134 -2.27 -31.07 49.12
N ILE D 135 -2.58 -29.84 49.52
CA ILE D 135 -3.31 -29.61 50.76
CA ILE D 135 -3.31 -29.59 50.76
C ILE D 135 -4.69 -28.99 50.50
N ALA D 136 -5.12 -28.88 49.25
CA ALA D 136 -6.44 -28.34 48.97
C ALA D 136 -6.76 -28.55 47.48
N TYR D 137 -8.07 -28.47 47.16
CA TYR D 137 -8.54 -28.53 45.77
C TYR D 137 -8.64 -27.11 45.20
N PRO D 138 -8.00 -26.83 44.07
CA PRO D 138 -8.18 -25.51 43.45
C PRO D 138 -9.56 -25.41 42.86
N ILE D 139 -10.17 -24.22 42.98
CA ILE D 139 -11.52 -23.98 42.44
C ILE D 139 -11.50 -22.99 41.27
N ALA D 140 -10.93 -21.79 41.48
CA ALA D 140 -11.00 -20.73 40.48
C ALA D 140 -9.86 -19.76 40.70
N VAL D 141 -9.49 -19.07 39.63
CA VAL D 141 -8.40 -18.08 39.68
C VAL D 141 -9.01 -16.69 39.72
N GLU D 142 -8.55 -15.88 40.66
CA GLU D 142 -9.09 -14.55 40.93
C GLU D 142 -8.02 -13.48 40.73
N ALA D 143 -8.40 -12.38 40.10
CA ALA D 143 -7.54 -11.19 40.07
C ALA D 143 -8.43 -9.95 40.05
N LEU D 144 -7.93 -8.86 40.61
CA LEU D 144 -8.65 -7.60 40.59
C LEU D 144 -8.57 -6.99 39.20
N SER D 145 -9.66 -6.33 38.78
CA SER D 145 -9.70 -5.58 37.53
C SER D 145 -10.25 -4.19 37.81
N LEU D 146 -10.10 -3.30 36.83
CA LEU D 146 -10.72 -1.99 36.86
C LEU D 146 -12.14 -2.10 36.30
N ILE D 147 -13.11 -1.65 37.07
CA ILE D 147 -14.52 -1.67 36.69
C ILE D 147 -14.98 -0.22 36.55
N TYR D 148 -15.55 0.11 35.40
CA TYR D 148 -15.89 1.49 35.09
C TYR D 148 -17.31 1.56 34.55
N ASN D 149 -17.94 2.72 34.81
CA ASN D 149 -19.28 3.04 34.35
C ASN D 149 -19.16 3.63 32.95
N LYS D 150 -19.66 2.91 31.93
CA LYS D 150 -19.51 3.33 30.54
C LYS D 150 -20.26 4.62 30.22
N ASP D 151 -21.39 4.84 30.87
CA ASP D 151 -22.16 6.06 30.63
C ASP D 151 -21.42 7.29 31.14
N LEU D 152 -20.85 7.21 32.35
CA LEU D 152 -20.09 8.32 32.90
C LEU D 152 -18.71 8.44 32.29
N LEU D 153 -18.14 7.33 31.81
CA LEU D 153 -16.73 7.29 31.42
C LEU D 153 -16.55 6.24 30.34
N PRO D 154 -16.80 6.59 29.08
CA PRO D 154 -16.64 5.61 27.99
C PRO D 154 -15.19 5.27 27.69
N ASN D 155 -14.23 6.14 28.03
CA ASN D 155 -12.80 5.88 27.84
C ASN D 155 -12.13 5.89 29.20
N PRO D 156 -12.04 4.73 29.88
CA PRO D 156 -11.43 4.72 31.21
C PRO D 156 -9.95 5.07 31.13
N PRO D 157 -9.39 5.63 32.21
CA PRO D 157 -8.00 6.06 32.16
C PRO D 157 -7.02 4.89 32.19
N LYS D 158 -5.88 5.08 31.53
CA LYS D 158 -4.87 4.05 31.47
C LYS D 158 -3.82 4.19 32.56
N THR D 159 -3.72 5.37 33.18
CA THR D 159 -2.70 5.62 34.19
C THR D 159 -3.33 6.13 35.48
N TRP D 160 -2.70 5.76 36.61
CA TRP D 160 -3.09 6.34 37.88
C TRP D 160 -2.88 7.86 37.88
N GLU D 161 -1.91 8.34 37.11
CA GLU D 161 -1.51 9.74 37.20
C GLU D 161 -2.61 10.69 36.74
N GLU D 162 -3.50 10.23 35.87
CA GLU D 162 -4.53 11.12 35.33
C GLU D 162 -5.83 11.08 36.12
N ILE D 163 -5.88 10.33 37.22
CA ILE D 163 -7.10 10.22 38.03
C ILE D 163 -7.37 11.51 38.80
N PRO D 164 -6.35 12.19 39.36
CA PRO D 164 -6.65 13.48 40.02
C PRO D 164 -7.35 14.49 39.13
N ALA D 165 -6.88 14.67 37.89
CA ALA D 165 -7.55 15.59 36.99
C ALA D 165 -8.94 15.09 36.62
N LEU D 166 -9.07 13.78 36.42
CA LEU D 166 -10.39 13.21 36.12
C LEU D 166 -11.36 13.43 37.28
N ASP D 167 -10.90 13.30 38.53
CA ASP D 167 -11.79 13.50 39.66
C ASP D 167 -12.23 14.95 39.77
N LYS D 168 -11.35 15.90 39.43
CA LYS D 168 -11.74 17.31 39.46
CA LYS D 168 -11.75 17.31 39.47
C LYS D 168 -12.90 17.58 38.51
N GLU D 169 -12.90 16.94 37.34
CA GLU D 169 -13.97 17.16 36.37
C GLU D 169 -15.28 16.56 36.85
N LEU D 170 -15.24 15.33 37.36
CA LEU D 170 -16.47 14.66 37.75
C LEU D 170 -17.08 15.28 39.01
N LYS D 171 -16.24 15.88 39.86
CA LYS D 171 -16.77 16.55 41.05
C LYS D 171 -17.62 17.76 40.67
N ALA D 172 -17.33 18.37 39.51
CA ALA D 172 -18.17 19.47 39.02
C ALA D 172 -19.59 19.00 38.74
N LYS D 173 -19.77 17.71 38.41
CA LYS D 173 -21.09 17.16 38.11
C LYS D 173 -21.67 16.35 39.26
N GLY D 174 -21.11 16.48 40.46
CA GLY D 174 -21.61 15.77 41.62
C GLY D 174 -21.20 14.32 41.71
N LYS D 175 -20.21 13.88 40.96
CA LYS D 175 -19.72 12.51 40.93
C LYS D 175 -18.28 12.49 41.45
N SER D 176 -17.67 11.31 41.40
CA SER D 176 -16.25 11.15 41.71
C SER D 176 -15.64 10.17 40.74
N ALA D 177 -14.30 10.14 40.68
CA ALA D 177 -13.62 9.30 39.70
C ALA D 177 -13.57 7.84 40.16
N LEU D 178 -13.16 7.60 41.41
CA LEU D 178 -12.81 6.25 41.82
C LEU D 178 -13.08 6.05 43.31
N MET D 179 -13.70 4.93 43.64
CA MET D 179 -13.87 4.51 45.03
C MET D 179 -13.62 3.01 45.11
N PHE D 180 -12.75 2.60 46.02
CA PHE D 180 -12.58 1.17 46.26
C PHE D 180 -12.18 1.00 47.73
N ASN D 181 -12.16 -0.26 48.16
CA ASN D 181 -11.96 -0.61 49.56
C ASN D 181 -10.53 -0.29 49.97
N LEU D 182 -10.37 0.73 50.82
CA LEU D 182 -9.07 1.11 51.36
C LEU D 182 -8.76 0.44 52.69
N GLN D 183 -9.65 -0.41 53.18
CA GLN D 183 -9.44 -1.07 54.47
C GLN D 183 -8.73 -2.41 54.34
N GLU D 184 -8.66 -2.98 53.14
CA GLU D 184 -8.01 -4.28 52.96
C GLU D 184 -6.85 -4.12 51.99
N PRO D 185 -5.62 -4.48 52.39
CA PRO D 185 -4.45 -4.23 51.53
C PRO D 185 -4.43 -5.00 50.22
N TYR D 186 -5.28 -6.03 50.07
CA TYR D 186 -5.41 -6.72 48.80
C TYR D 186 -5.73 -5.75 47.67
N PHE D 187 -6.53 -4.71 47.96
CA PHE D 187 -6.99 -3.79 46.91
C PHE D 187 -5.97 -2.71 46.59
N THR D 188 -5.12 -2.33 47.55
CA THR D 188 -4.09 -1.33 47.28
C THR D 188 -2.77 -1.96 46.88
N TRP D 189 -2.60 -3.27 47.07
CA TRP D 189 -1.35 -3.91 46.69
C TRP D 189 -0.99 -3.74 45.21
N PRO D 190 -1.91 -3.79 44.24
CA PRO D 190 -1.46 -3.65 42.84
C PRO D 190 -0.69 -2.36 42.57
N LEU D 191 -1.07 -1.28 43.25
CA LEU D 191 -0.38 0.00 43.11
C LEU D 191 0.96 0.01 43.83
N ILE D 192 1.01 -0.57 45.04
CA ILE D 192 2.24 -0.62 45.83
C ILE D 192 3.30 -1.45 45.10
N ALA D 193 2.88 -2.55 44.47
CA ALA D 193 3.82 -3.45 43.80
C ALA D 193 4.25 -2.95 42.42
N ALA D 194 3.55 -1.98 41.83
CA ALA D 194 3.79 -1.61 40.44
C ALA D 194 5.23 -1.16 40.22
N ASP D 195 5.68 -0.15 40.97
CA ASP D 195 7.00 0.44 40.76
C ASP D 195 8.10 -0.30 41.52
N GLY D 196 7.78 -1.43 42.09
CA GLY D 196 8.67 -2.23 42.89
C GLY D 196 7.92 -2.67 44.12
N GLY D 197 8.65 -3.14 45.11
CA GLY D 197 7.96 -3.60 46.30
C GLY D 197 7.38 -4.97 46.09
N TYR D 198 7.55 -5.82 47.08
CA TYR D 198 7.20 -7.23 46.99
C TYR D 198 6.94 -7.72 48.40
N ALA D 199 6.45 -8.96 48.51
CA ALA D 199 6.24 -9.53 49.82
C ALA D 199 7.54 -10.16 50.31
N PHE D 200 7.87 -11.35 49.83
CA PHE D 200 9.10 -12.02 50.24
C PHE D 200 9.98 -12.26 49.03
N LYS D 201 11.29 -12.08 49.21
CA LYS D 201 12.24 -12.27 48.13
C LYS D 201 12.44 -13.76 47.90
N TYR D 202 12.33 -14.18 46.64
CA TYR D 202 12.55 -15.58 46.26
C TYR D 202 13.84 -15.65 45.46
N GLU D 203 14.79 -16.45 45.95
CA GLU D 203 16.09 -16.57 45.31
C GLU D 203 16.65 -17.96 45.61
N ASN D 204 17.33 -18.54 44.61
CA ASN D 204 17.98 -19.84 44.78
C ASN D 204 16.97 -20.91 45.16
N GLY D 205 15.81 -20.88 44.52
CA GLY D 205 14.81 -21.90 44.79
C GLY D 205 14.18 -21.87 46.16
N LYS D 206 14.17 -20.73 46.85
CA LYS D 206 13.49 -20.64 48.15
C LYS D 206 13.24 -19.18 48.49
N TYR D 207 12.34 -18.97 49.46
CA TYR D 207 12.07 -17.62 49.94
C TYR D 207 13.05 -17.25 51.04
N ASP D 208 13.36 -15.96 51.14
CA ASP D 208 14.06 -15.41 52.28
C ASP D 208 13.02 -14.65 53.10
N ILE D 209 12.53 -15.28 54.17
CA ILE D 209 11.47 -14.63 54.95
C ILE D 209 11.94 -13.40 55.70
N LYS D 210 13.26 -13.18 55.78
CA LYS D 210 13.80 -11.97 56.38
C LYS D 210 13.96 -10.84 55.38
N ASP D 211 13.72 -11.09 54.10
CA ASP D 211 13.85 -10.09 53.04
C ASP D 211 12.45 -9.71 52.56
N VAL D 212 11.90 -8.65 53.16
CA VAL D 212 10.56 -8.16 52.86
C VAL D 212 10.69 -6.86 52.10
N GLY D 213 9.88 -6.70 51.04
CA GLY D 213 9.99 -5.53 50.17
C GLY D 213 8.86 -4.53 50.34
N VAL D 214 8.42 -4.32 51.58
CA VAL D 214 7.31 -3.41 51.86
C VAL D 214 7.76 -1.95 52.03
N ASP D 215 9.07 -1.70 52.19
CA ASP D 215 9.51 -0.34 52.47
C ASP D 215 10.61 0.12 51.52
N ASN D 216 10.71 -0.48 50.32
CA ASN D 216 11.69 -0.01 49.36
C ASN D 216 11.15 1.21 48.61
N ALA D 217 11.95 1.70 47.65
CA ALA D 217 11.58 2.92 46.93
C ALA D 217 10.27 2.74 46.16
N GLY D 218 10.08 1.58 45.53
CA GLY D 218 8.87 1.35 44.76
C GLY D 218 7.62 1.32 45.62
N ALA D 219 7.69 0.66 46.79
CA ALA D 219 6.52 0.62 47.67
C ALA D 219 6.17 2.02 48.17
N LYS D 220 7.19 2.78 48.58
CA LYS D 220 6.94 4.12 49.09
C LYS D 220 6.29 5.01 48.04
N ALA D 221 6.71 4.88 46.78
CA ALA D 221 6.13 5.68 45.71
C ALA D 221 4.65 5.34 45.51
N GLY D 222 4.31 4.05 45.56
CA GLY D 222 2.92 3.65 45.38
C GLY D 222 2.05 4.14 46.52
N LEU D 223 2.49 3.93 47.76
CA LEU D 223 1.70 4.38 48.90
C LEU D 223 1.64 5.90 48.98
N THR D 224 2.72 6.59 48.59
CA THR D 224 2.68 8.06 48.55
C THR D 224 1.63 8.55 47.57
N PHE D 225 1.51 7.90 46.42
CA PHE D 225 0.48 8.32 45.46
C PHE D 225 -0.92 8.12 46.02
N LEU D 226 -1.13 7.04 46.78
CA LEU D 226 -2.42 6.80 47.39
C LEU D 226 -2.74 7.82 48.47
N VAL D 227 -1.76 8.14 49.32
CA VAL D 227 -1.99 9.10 50.39
C VAL D 227 -2.28 10.48 49.83
N ASP D 228 -1.61 10.83 48.73
CA ASP D 228 -1.84 12.13 48.10
C ASP D 228 -3.26 12.24 47.54
N LEU D 229 -3.76 11.16 46.93
CA LEU D 229 -5.14 11.14 46.48
C LEU D 229 -6.10 11.45 47.63
N ILE D 230 -5.76 11.03 48.85
CA ILE D 230 -6.62 11.31 49.99
C ILE D 230 -6.37 12.72 50.52
N LYS D 231 -5.09 13.14 50.59
CA LYS D 231 -4.77 14.50 51.02
C LYS D 231 -5.51 15.52 50.16
N ASN D 232 -5.58 15.29 48.85
CA ASN D 232 -6.23 16.18 47.91
C ASN D 232 -7.71 15.88 47.72
N LYS D 233 -8.30 15.10 48.62
CA LYS D 233 -9.75 14.89 48.68
C LYS D 233 -10.29 14.22 47.40
N HIS D 234 -9.44 13.49 46.69
CA HIS D 234 -9.92 12.66 45.59
C HIS D 234 -10.44 11.30 46.08
N MET D 235 -10.03 10.88 47.27
CA MET D 235 -10.60 9.70 47.90
C MET D 235 -10.70 9.98 49.38
N ASN D 236 -11.45 9.12 50.06
CA ASN D 236 -11.71 9.20 51.49
C ASN D 236 -11.07 8.02 52.18
N ALA D 237 -10.32 8.28 53.23
CA ALA D 237 -9.58 7.24 53.93
C ALA D 237 -10.48 6.18 54.55
N ASP D 238 -11.74 6.51 54.83
CA ASP D 238 -12.66 5.61 55.52
C ASP D 238 -13.38 4.63 54.58
N THR D 239 -13.25 4.79 53.26
CA THR D 239 -14.00 3.98 52.32
C THR D 239 -13.67 2.52 52.48
N ASP D 240 -14.70 1.69 52.64
CA ASP D 240 -14.54 0.24 52.75
C ASP D 240 -15.26 -0.44 51.59
N TYR D 241 -15.43 -1.76 51.70
CA TYR D 241 -16.01 -2.53 50.61
C TYR D 241 -17.46 -2.12 50.35
N SER D 242 -18.28 -2.08 51.40
CA SER D 242 -19.70 -1.81 51.23
C SER D 242 -19.94 -0.41 50.68
N ILE D 243 -19.19 0.57 51.18
CA ILE D 243 -19.39 1.96 50.77
C ILE D 243 -19.04 2.13 49.30
N ALA D 244 -17.91 1.58 48.87
CA ALA D 244 -17.53 1.69 47.46
C ALA D 244 -18.50 0.94 46.56
N GLU D 245 -18.96 -0.23 47.00
CA GLU D 245 -19.91 -0.98 46.19
C GLU D 245 -21.21 -0.22 46.02
N ALA D 246 -21.77 0.30 47.13
CA ALA D 246 -22.99 1.08 47.02
C ALA D 246 -22.79 2.28 46.11
N ALA D 247 -21.65 2.96 46.22
CA ALA D 247 -21.42 4.15 45.42
C ALA D 247 -21.32 3.83 43.92
N PHE D 248 -20.61 2.76 43.55
CA PHE D 248 -20.53 2.42 42.14
C PHE D 248 -21.86 1.90 41.63
N ASN D 249 -22.53 1.06 42.43
CA ASN D 249 -23.78 0.48 41.96
C ASN D 249 -24.94 1.47 41.95
N LYS D 250 -24.77 2.66 42.54
CA LYS D 250 -25.77 3.70 42.45
C LYS D 250 -25.38 4.77 41.44
N GLY D 251 -24.28 4.57 40.71
CA GLY D 251 -23.86 5.51 39.69
C GLY D 251 -23.25 6.79 40.23
N GLU D 252 -22.75 6.76 41.46
CA GLU D 252 -22.17 7.94 42.09
C GLU D 252 -20.68 8.09 41.81
N THR D 253 -19.98 6.99 41.54
CA THR D 253 -18.57 7.05 41.18
C THR D 253 -18.34 6.29 39.88
N ALA D 254 -17.41 6.79 39.07
CA ALA D 254 -17.21 6.28 37.72
C ALA D 254 -16.36 5.02 37.68
N MET D 255 -15.61 4.73 38.74
CA MET D 255 -14.76 3.56 38.73
C MET D 255 -14.73 2.92 40.11
N THR D 256 -14.45 1.62 40.13
CA THR D 256 -14.11 0.90 41.33
C THR D 256 -13.10 -0.19 40.94
N ILE D 257 -12.54 -0.84 41.96
CA ILE D 257 -11.58 -1.92 41.81
C ILE D 257 -12.13 -3.11 42.59
N ASN D 258 -12.40 -4.21 41.90
CA ASN D 258 -13.01 -5.35 42.57
C ASN D 258 -12.77 -6.60 41.71
N GLY D 259 -13.14 -7.75 42.27
CA GLY D 259 -12.99 -9.01 41.59
C GLY D 259 -14.29 -9.58 41.06
N PRO D 260 -14.23 -10.78 40.47
CA PRO D 260 -15.40 -11.34 39.78
C PRO D 260 -16.60 -11.59 40.67
N TRP D 261 -16.39 -11.86 41.97
CA TRP D 261 -17.52 -12.05 42.87
C TRP D 261 -18.47 -10.85 42.89
N ALA D 262 -17.98 -9.65 42.54
CA ALA D 262 -18.79 -8.44 42.67
C ALA D 262 -19.70 -8.17 41.47
N TRP D 263 -19.51 -8.88 40.35
CA TRP D 263 -20.22 -8.56 39.11
C TRP D 263 -21.74 -8.79 39.21
N SER D 264 -22.17 -9.73 40.04
CA SER D 264 -23.59 -10.05 40.14
CA SER D 264 -23.59 -10.05 40.15
C SER D 264 -24.38 -8.87 40.69
N ASN D 265 -23.87 -8.22 41.74
CA ASN D 265 -24.59 -7.08 42.27
C ASN D 265 -24.58 -5.90 41.30
N ILE D 266 -23.56 -5.80 40.45
CA ILE D 266 -23.58 -4.73 39.46
C ILE D 266 -24.64 -5.02 38.40
N ASP D 267 -24.80 -6.29 38.02
CA ASP D 267 -25.85 -6.67 37.08
C ASP D 267 -27.23 -6.30 37.63
N THR D 268 -27.45 -6.51 38.94
CA THR D 268 -28.73 -6.20 39.56
C THR D 268 -29.02 -4.70 39.53
N SER D 269 -27.98 -3.87 39.66
CA SER D 269 -28.13 -2.43 39.67
C SER D 269 -28.36 -1.84 38.28
N LYS D 270 -28.16 -2.62 37.21
CA LYS D 270 -28.36 -2.22 35.82
C LYS D 270 -27.38 -1.16 35.33
N VAL D 271 -26.38 -0.80 36.15
CA VAL D 271 -25.31 0.07 35.68
C VAL D 271 -24.64 -0.52 34.45
N ASN D 272 -24.37 0.32 33.45
CA ASN D 272 -23.74 -0.11 32.21
C ASN D 272 -22.23 -0.11 32.42
N TYR D 273 -21.69 -1.22 32.92
CA TYR D 273 -20.31 -1.25 33.39
C TYR D 273 -19.41 -2.04 32.46
N GLY D 274 -18.11 -1.75 32.56
CA GLY D 274 -17.10 -2.51 31.85
C GLY D 274 -16.00 -2.95 32.81
N VAL D 275 -15.27 -3.98 32.37
CA VAL D 275 -14.17 -4.59 33.12
C VAL D 275 -12.93 -4.57 32.23
N THR D 276 -11.85 -3.95 32.71
CA THR D 276 -10.69 -3.74 31.87
C THR D 276 -9.43 -3.78 32.73
N VAL D 277 -8.30 -3.45 32.13
CA VAL D 277 -7.00 -3.60 32.77
C VAL D 277 -6.80 -2.49 33.79
N LEU D 278 -6.19 -2.82 34.94
CA LEU D 278 -5.85 -1.83 35.93
C LEU D 278 -4.93 -0.76 35.37
N PRO D 279 -4.96 0.45 35.92
CA PRO D 279 -4.11 1.53 35.41
C PRO D 279 -2.64 1.30 35.74
N THR D 280 -1.78 1.88 34.90
CA THR D 280 -0.35 1.83 35.11
C THR D 280 0.10 2.90 36.09
N PHE D 281 1.30 2.72 36.63
CA PHE D 281 1.90 3.69 37.54
C PHE D 281 3.36 3.86 37.17
N LYS D 282 3.76 5.10 36.90
CA LYS D 282 5.12 5.38 36.45
C LYS D 282 5.49 4.52 35.25
N GLY D 283 4.53 4.34 34.34
CA GLY D 283 4.73 3.60 33.10
C GLY D 283 4.69 2.09 33.22
N GLN D 284 4.54 1.55 34.42
CA GLN D 284 4.57 0.12 34.66
C GLN D 284 3.19 -0.42 35.04
N PRO D 285 2.87 -1.65 34.65
CA PRO D 285 1.54 -2.19 34.94
C PRO D 285 1.32 -2.38 36.43
N SER D 286 0.05 -2.23 36.86
CA SER D 286 -0.33 -2.67 38.19
C SER D 286 -0.08 -4.18 38.31
N LYS D 287 0.36 -4.60 39.49
CA LYS D 287 0.77 -5.98 39.73
C LYS D 287 -0.10 -6.57 40.82
N PRO D 288 -1.33 -6.95 40.51
CA PRO D 288 -2.20 -7.55 41.53
C PRO D 288 -1.72 -8.92 41.93
N PHE D 289 -1.84 -9.23 43.23
CA PHE D 289 -1.65 -10.61 43.66
C PHE D 289 -2.76 -11.49 43.09
N VAL D 290 -2.37 -12.66 42.57
CA VAL D 290 -3.34 -13.58 41.98
C VAL D 290 -3.68 -14.65 43.01
N GLY D 291 -4.97 -14.85 43.25
CA GLY D 291 -5.44 -15.81 44.23
C GLY D 291 -6.11 -17.00 43.55
N VAL D 292 -5.93 -18.17 44.13
CA VAL D 292 -6.62 -19.37 43.68
C VAL D 292 -7.57 -19.76 44.81
N LEU D 293 -8.87 -19.51 44.61
CA LEU D 293 -9.85 -19.98 45.56
C LEU D 293 -9.72 -21.49 45.67
N SER D 294 -9.61 -21.99 46.91
CA SER D 294 -9.32 -23.39 47.14
C SER D 294 -10.14 -23.91 48.31
N ALA D 295 -10.35 -25.23 48.32
CA ALA D 295 -11.15 -25.90 49.32
C ALA D 295 -10.28 -26.90 50.06
N GLY D 296 -10.11 -26.69 51.37
CA GLY D 296 -9.31 -27.57 52.20
C GLY D 296 -10.20 -28.43 53.06
N ILE D 297 -9.69 -29.61 53.42
CA ILE D 297 -10.42 -30.57 54.26
C ILE D 297 -9.81 -30.53 55.65
N ASN D 298 -10.64 -30.22 56.65
CA ASN D 298 -10.21 -30.14 58.05
C ASN D 298 -9.61 -31.48 58.48
N ALA D 299 -8.38 -31.44 59.01
CA ALA D 299 -7.75 -32.68 59.49
C ALA D 299 -8.54 -33.34 60.60
N ALA D 300 -9.35 -32.59 61.33
CA ALA D 300 -10.16 -33.16 62.40
C ALA D 300 -11.50 -33.71 61.90
N SER D 301 -11.78 -33.61 60.60
CA SER D 301 -13.08 -34.05 60.11
C SER D 301 -13.18 -35.57 60.10
N PRO D 302 -14.28 -36.15 60.57
CA PRO D 302 -14.55 -37.57 60.34
C PRO D 302 -15.29 -37.85 59.03
N ASN D 303 -15.37 -36.86 58.14
CA ASN D 303 -16.10 -36.98 56.88
C ASN D 303 -15.20 -36.71 55.68
N LYS D 304 -13.92 -37.07 55.80
CA LYS D 304 -12.97 -36.75 54.74
C LYS D 304 -13.35 -37.41 53.42
N GLU D 305 -13.88 -38.64 53.48
CA GLU D 305 -14.31 -39.33 52.26
C GLU D 305 -15.55 -38.68 51.66
N LEU D 306 -16.50 -38.24 52.50
CA LEU D 306 -17.63 -37.48 51.98
C LEU D 306 -17.17 -36.18 51.35
N ALA D 307 -16.24 -35.48 52.01
CA ALA D 307 -15.75 -34.19 51.51
C ALA D 307 -15.11 -34.34 50.13
N LYS D 308 -14.31 -35.40 49.96
CA LYS D 308 -13.70 -35.67 48.65
C LYS D 308 -14.75 -35.89 47.58
N GLU D 309 -15.78 -36.70 47.89
CA GLU D 309 -16.80 -36.99 46.89
C GLU D 309 -17.59 -35.74 46.53
N PHE D 310 -17.91 -34.90 47.51
CA PHE D 310 -18.60 -33.66 47.19
C PHE D 310 -17.74 -32.78 46.27
N LEU D 311 -16.46 -32.61 46.61
CA LEU D 311 -15.61 -31.68 45.87
C LEU D 311 -15.25 -32.22 44.48
N GLU D 312 -14.87 -33.49 44.39
CA GLU D 312 -14.42 -34.06 43.12
C GLU D 312 -15.59 -34.34 42.19
N ASN D 313 -16.67 -34.91 42.72
CA ASN D 313 -17.74 -35.45 41.90
C ASN D 313 -18.98 -34.57 41.82
N TYR D 314 -19.05 -33.49 42.60
CA TYR D 314 -20.22 -32.60 42.53
C TYR D 314 -19.81 -31.16 42.26
N LEU D 315 -18.89 -30.61 43.04
CA LEU D 315 -18.52 -29.20 42.85
C LEU D 315 -17.72 -28.99 41.59
N LEU D 316 -16.61 -29.72 41.45
CA LEU D 316 -15.69 -29.57 40.32
C LEU D 316 -16.20 -30.33 39.10
N THR D 317 -17.43 -30.01 38.72
CA THR D 317 -18.05 -30.46 37.49
C THR D 317 -18.57 -29.23 36.75
N ASP D 318 -18.88 -29.41 35.46
CA ASP D 318 -19.43 -28.29 34.70
C ASP D 318 -20.71 -27.76 35.35
N GLU D 319 -21.59 -28.65 35.78
CA GLU D 319 -22.87 -28.20 36.30
C GLU D 319 -22.76 -27.69 37.74
N GLY D 320 -21.81 -28.21 38.52
CA GLY D 320 -21.60 -27.67 39.86
C GLY D 320 -21.00 -26.27 39.83
N LEU D 321 -19.98 -26.08 39.01
CA LEU D 321 -19.38 -24.74 38.87
C LEU D 321 -20.36 -23.76 38.27
N GLU D 322 -21.19 -24.21 37.32
CA GLU D 322 -22.21 -23.35 36.74
C GLU D 322 -23.15 -22.81 37.82
N ALA D 323 -23.58 -23.70 38.74
CA ALA D 323 -24.52 -23.31 39.78
C ALA D 323 -23.93 -22.26 40.71
N VAL D 324 -22.66 -22.41 41.08
CA VAL D 324 -22.04 -21.39 41.92
C VAL D 324 -21.85 -20.11 41.12
N ASN D 325 -21.40 -20.24 39.86
CA ASN D 325 -21.12 -19.07 39.01
C ASN D 325 -22.37 -18.22 38.83
N LYS D 326 -23.54 -18.84 38.74
CA LYS D 326 -24.78 -18.09 38.55
C LYS D 326 -25.12 -17.25 39.77
N ASP D 327 -24.75 -17.69 40.97
CA ASP D 327 -24.94 -16.90 42.18
C ASP D 327 -24.01 -15.70 42.17
N LYS D 328 -22.70 -15.95 42.22
CA LYS D 328 -21.64 -14.94 42.16
C LYS D 328 -20.48 -15.49 41.35
N PRO D 329 -20.05 -14.82 40.28
CA PRO D 329 -19.03 -15.41 39.42
C PRO D 329 -17.74 -15.72 40.18
N LEU D 330 -17.21 -16.93 39.92
CA LEU D 330 -16.00 -17.41 40.58
C LEU D 330 -14.73 -16.88 39.96
N GLY D 331 -14.78 -16.41 38.71
CA GLY D 331 -13.59 -16.08 37.97
C GLY D 331 -13.23 -17.19 37.00
N ALA D 332 -11.94 -17.42 36.76
CA ALA D 332 -11.48 -18.45 35.81
C ALA D 332 -11.40 -19.78 36.54
N VAL D 333 -12.47 -20.56 36.44
CA VAL D 333 -12.52 -21.83 37.19
C VAL D 333 -11.39 -22.75 36.72
N ALA D 334 -10.95 -23.60 37.63
CA ALA D 334 -9.77 -24.43 37.38
C ALA D 334 -10.05 -25.61 36.46
N LEU D 335 -11.31 -25.89 36.16
CA LEU D 335 -11.68 -27.10 35.43
C LEU D 335 -11.49 -26.89 33.92
N LYS D 336 -10.63 -27.72 33.30
CA LYS D 336 -10.28 -27.57 31.89
C LYS D 336 -11.49 -27.55 30.98
N SER D 337 -12.47 -28.41 31.23
CA SER D 337 -13.60 -28.52 30.31
C SER D 337 -14.50 -27.29 30.31
N TYR D 338 -14.32 -26.36 31.25
CA TYR D 338 -15.14 -25.15 31.33
C TYR D 338 -14.56 -23.99 30.54
N GLU D 339 -13.36 -24.14 29.98
CA GLU D 339 -12.68 -22.99 29.37
C GLU D 339 -13.42 -22.45 28.16
N GLU D 340 -14.07 -23.33 27.39
CA GLU D 340 -14.87 -22.88 26.25
C GLU D 340 -15.99 -21.97 26.71
N GLU D 341 -16.60 -22.29 27.86
CA GLU D 341 -17.66 -21.45 28.40
C GLU D 341 -17.10 -20.13 28.94
N LEU D 342 -15.95 -20.19 29.61
CA LEU D 342 -15.29 -18.98 30.09
C LEU D 342 -14.98 -18.02 28.95
N ALA D 343 -14.51 -18.54 27.83
CA ALA D 343 -14.12 -17.69 26.72
C ALA D 343 -15.27 -16.87 26.16
N LYS D 344 -16.52 -17.30 26.39
CA LYS D 344 -17.66 -16.50 25.98
C LYS D 344 -17.89 -15.28 26.86
N ASP D 345 -17.24 -15.19 28.04
CA ASP D 345 -17.40 -14.09 28.98
C ASP D 345 -16.21 -13.15 28.85
N PRO D 346 -16.33 -12.02 28.17
CA PRO D 346 -15.17 -11.12 28.01
C PRO D 346 -14.68 -10.53 29.34
N ARG D 347 -15.51 -10.56 30.39
CA ARG D 347 -15.03 -10.10 31.69
C ARG D 347 -13.97 -11.04 32.26
N ILE D 348 -13.97 -12.30 31.83
CA ILE D 348 -12.95 -13.27 32.25
C ILE D 348 -11.65 -13.03 31.49
N ALA D 349 -11.74 -12.67 30.21
CA ALA D 349 -10.52 -12.33 29.49
C ALA D 349 -9.81 -11.16 30.15
N ALA D 350 -10.59 -10.16 30.59
CA ALA D 350 -10.01 -9.02 31.30
C ALA D 350 -9.41 -9.44 32.63
N THR D 351 -10.11 -10.31 33.36
CA THR D 351 -9.56 -10.82 34.62
C THR D 351 -8.20 -11.48 34.40
N MET D 352 -8.10 -12.32 33.37
CA MET D 352 -6.86 -13.04 33.12
C MET D 352 -5.78 -12.16 32.47
N GLU D 353 -6.15 -11.01 31.89
CA GLU D 353 -5.13 -10.07 31.46
C GLU D 353 -4.51 -9.37 32.65
N ASN D 354 -5.31 -9.02 33.66
CA ASN D 354 -4.73 -8.47 34.88
C ASN D 354 -3.90 -9.52 35.62
N ALA D 355 -4.35 -10.78 35.61
CA ALA D 355 -3.57 -11.85 36.23
C ALA D 355 -2.24 -12.07 35.52
N GLN D 356 -2.22 -11.90 34.20
CA GLN D 356 -1.00 -12.04 33.42
C GLN D 356 0.08 -11.06 33.88
N LYS D 357 -0.30 -9.88 34.34
CA LYS D 357 0.63 -8.87 34.82
C LYS D 357 0.86 -8.96 36.32
N GLY D 358 0.34 -10.00 36.97
CA GLY D 358 0.51 -10.14 38.40
C GLY D 358 1.31 -11.36 38.77
N GLU D 359 1.25 -11.73 40.05
CA GLU D 359 1.98 -12.88 40.57
C GLU D 359 1.06 -13.72 41.42
N ILE D 360 1.23 -15.04 41.34
CA ILE D 360 0.54 -15.95 42.23
C ILE D 360 1.05 -15.71 43.64
N MET D 361 0.14 -15.53 44.59
CA MET D 361 0.56 -15.28 45.97
C MET D 361 1.41 -16.43 46.49
N PRO D 362 2.40 -16.15 47.32
CA PRO D 362 3.01 -17.22 48.13
C PRO D 362 1.97 -17.80 49.07
N ASN D 363 2.18 -19.04 49.49
CA ASN D 363 1.33 -19.63 50.52
C ASN D 363 2.06 -19.90 51.83
N ILE D 364 3.26 -19.35 52.01
CA ILE D 364 4.10 -19.65 53.19
C ILE D 364 3.40 -19.19 54.47
N PRO D 365 3.71 -19.79 55.61
CA PRO D 365 3.00 -19.40 56.85
C PRO D 365 3.16 -17.94 57.20
N GLN D 366 4.22 -17.28 56.75
CA GLN D 366 4.42 -15.88 57.10
C GLN D 366 3.44 -14.95 56.38
N MET D 367 2.55 -15.47 55.53
CA MET D 367 1.74 -14.57 54.71
C MET D 367 0.73 -13.79 55.56
N SER D 368 0.16 -14.41 56.60
CA SER D 368 -0.81 -13.68 57.40
C SER D 368 -0.16 -12.49 58.13
N ALA D 369 1.08 -12.67 58.62
CA ALA D 369 1.77 -11.55 59.26
C ALA D 369 2.14 -10.48 58.24
N PHE D 370 2.48 -10.88 57.02
CA PHE D 370 2.70 -9.88 55.97
C PHE D 370 1.45 -9.05 55.75
N TRP D 371 0.29 -9.70 55.62
CA TRP D 371 -0.93 -8.97 55.34
C TRP D 371 -1.29 -8.03 56.48
N TYR D 372 -1.13 -8.48 57.73
CA TYR D 372 -1.43 -7.62 58.87
C TYR D 372 -0.54 -6.39 58.88
N ALA D 373 0.73 -6.55 58.49
CA ALA D 373 1.65 -5.42 58.49
C ALA D 373 1.31 -4.44 57.38
N VAL D 374 0.99 -4.93 56.19
CA VAL D 374 0.62 -4.03 55.10
C VAL D 374 -0.71 -3.34 55.42
N ARG D 375 -1.65 -4.07 56.04
CA ARG D 375 -2.94 -3.48 56.38
C ARG D 375 -2.78 -2.33 57.36
N THR D 376 -1.93 -2.50 58.36
CA THR D 376 -1.71 -1.46 59.34
C THR D 376 -0.99 -0.27 58.72
N ALA D 377 -0.02 -0.52 57.86
CA ALA D 377 0.73 0.59 57.25
C ALA D 377 -0.15 1.43 56.34
N VAL D 378 -1.04 0.79 55.57
CA VAL D 378 -1.89 1.55 54.66
C VAL D 378 -2.92 2.37 55.42
N ILE D 379 -3.54 1.80 56.45
CA ILE D 379 -4.54 2.51 57.22
C ILE D 379 -3.92 3.67 57.99
N ASN D 380 -2.72 3.46 58.55
CA ASN D 380 -2.08 4.53 59.32
C ASN D 380 -1.60 5.65 58.41
N ALA D 381 -1.08 5.32 57.23
CA ALA D 381 -0.66 6.36 56.31
C ALA D 381 -1.86 7.09 55.74
N ALA D 382 -2.88 6.35 55.27
CA ALA D 382 -4.03 6.99 54.62
C ALA D 382 -4.75 7.94 55.57
N SER D 383 -4.81 7.60 56.86
CA SER D 383 -5.50 8.46 57.82
C SER D 383 -4.65 9.64 58.25
N GLY D 384 -3.33 9.59 58.04
CA GLY D 384 -2.45 10.67 58.42
C GLY D 384 -1.80 10.52 59.78
N ARG D 385 -2.14 9.47 60.54
CA ARG D 385 -1.53 9.27 61.85
C ARG D 385 -0.03 8.96 61.73
N GLN D 386 0.42 8.50 60.57
CA GLN D 386 1.84 8.33 60.30
C GLN D 386 2.11 8.78 58.87
N THR D 387 3.33 9.25 58.62
CA THR D 387 3.72 9.45 57.24
C THR D 387 3.99 8.10 56.60
N VAL D 388 4.21 8.12 55.29
CA VAL D 388 4.49 6.88 54.57
C VAL D 388 5.78 6.24 55.06
N ASP D 389 6.83 7.03 55.26
CA ASP D 389 8.10 6.47 55.71
C ASP D 389 7.97 5.85 57.09
N GLU D 390 7.26 6.51 58.00
CA GLU D 390 7.08 5.95 59.33
C GLU D 390 6.25 4.68 59.28
N ALA D 391 5.22 4.65 58.42
CA ALA D 391 4.31 3.53 58.38
C ALA D 391 4.96 2.29 57.80
N LEU D 392 5.68 2.45 56.68
CA LEU D 392 6.31 1.30 56.05
C LEU D 392 7.52 0.82 56.85
N LYS D 393 8.17 1.71 57.60
CA LYS D 393 9.25 1.27 58.48
C LYS D 393 8.73 0.35 59.58
N ASP D 394 7.54 0.64 60.10
CA ASP D 394 6.95 -0.24 61.11
C ASP D 394 6.53 -1.58 60.52
N ALA D 395 6.18 -1.60 59.24
CA ALA D 395 5.85 -2.87 58.59
C ALA D 395 7.08 -3.73 58.38
N GLN D 396 8.28 -3.14 58.36
CA GLN D 396 9.51 -3.84 58.03
C GLN D 396 10.26 -4.36 59.25
N THR D 397 9.75 -4.11 60.47
CA THR D 397 10.46 -4.42 61.70
C THR D 397 10.97 -5.85 61.77
N ASN D 398 12.00 -6.07 62.59
CA ASN D 398 12.69 -7.36 62.72
C ASN D 398 11.75 -8.56 62.81
N SER E 3 11.53 42.79 -22.43
CA SER E 3 10.07 42.82 -22.62
C SER E 3 9.45 41.47 -22.24
N GLU E 4 8.81 41.42 -21.08
CA GLU E 4 8.28 40.17 -20.55
C GLU E 4 6.93 39.83 -21.16
N VAL E 5 6.73 38.54 -21.47
CA VAL E 5 5.40 38.07 -21.88
C VAL E 5 4.49 38.03 -20.67
N GLN E 6 3.28 38.57 -20.81
CA GLN E 6 2.30 38.39 -19.75
C GLN E 6 0.87 38.57 -20.27
N LEU E 7 -0.06 38.00 -19.51
CA LEU E 7 -1.48 38.01 -19.80
C LEU E 7 -2.20 38.45 -18.54
N VAL E 8 -3.21 39.30 -18.71
CA VAL E 8 -3.93 39.89 -17.58
C VAL E 8 -5.42 39.77 -17.85
N GLU E 9 -6.11 38.94 -17.05
CA GLU E 9 -7.56 38.78 -17.17
C GLU E 9 -8.29 39.85 -16.37
N SER E 10 -9.42 40.33 -16.92
CA SER E 10 -10.31 41.18 -16.14
C SER E 10 -11.75 40.88 -16.54
N GLY E 11 -12.67 41.49 -15.79
CA GLY E 11 -14.09 41.34 -16.03
C GLY E 11 -14.81 40.46 -15.04
N GLY E 12 -14.10 39.77 -14.15
CA GLY E 12 -14.77 38.91 -13.20
C GLY E 12 -15.71 39.67 -12.30
N GLY E 13 -16.67 38.94 -11.75
CA GLY E 13 -17.57 39.51 -10.76
C GLY E 13 -18.73 38.58 -10.49
N LEU E 14 -19.71 39.12 -9.77
CA LEU E 14 -20.93 38.40 -9.44
C LEU E 14 -21.99 38.66 -10.49
N VAL E 15 -22.67 37.59 -10.92
CA VAL E 15 -23.72 37.70 -11.93
C VAL E 15 -24.83 36.71 -11.59
N GLN E 16 -26.07 37.06 -11.97
CA GLN E 16 -27.22 36.22 -11.67
C GLN E 16 -27.33 35.08 -12.67
N PRO E 17 -27.88 33.93 -12.26
CA PRO E 17 -28.16 32.86 -13.22
C PRO E 17 -29.00 33.39 -14.38
N GLY E 18 -28.65 32.95 -15.58
CA GLY E 18 -29.24 33.49 -16.79
C GLY E 18 -28.55 34.70 -17.33
N GLY E 19 -27.63 35.30 -16.56
CA GLY E 19 -26.98 36.53 -16.95
C GLY E 19 -25.82 36.34 -17.91
N SER E 20 -25.23 37.47 -18.29
CA SER E 20 -24.12 37.50 -19.23
CA SER E 20 -24.14 37.50 -19.24
C SER E 20 -22.94 38.22 -18.61
N LEU E 21 -21.75 37.82 -19.02
CA LEU E 21 -20.51 38.41 -18.57
C LEU E 21 -19.46 38.24 -19.66
N ARG E 22 -18.69 39.30 -19.93
CA ARG E 22 -17.59 39.23 -20.88
C ARG E 22 -16.27 39.45 -20.15
N LEU E 23 -15.40 38.45 -20.24
CA LEU E 23 -14.03 38.51 -19.74
C LEU E 23 -13.07 39.03 -20.82
N SER E 24 -11.99 39.66 -20.36
CA SER E 24 -10.95 40.19 -21.22
C SER E 24 -9.59 39.64 -20.80
N CYS E 25 -8.73 39.45 -21.78
CA CYS E 25 -7.39 38.93 -21.60
C CYS E 25 -6.45 39.82 -22.40
N ALA E 26 -5.75 40.72 -21.71
CA ALA E 26 -4.86 41.67 -22.36
C ALA E 26 -3.44 41.11 -22.38
N ALA E 27 -2.86 41.01 -23.56
CA ALA E 27 -1.53 40.45 -23.74
C ALA E 27 -0.50 41.55 -23.98
N SER E 28 0.71 41.32 -23.47
CA SER E 28 1.82 42.22 -23.76
C SER E 28 3.11 41.42 -23.86
N GLY E 29 4.08 41.97 -24.59
CA GLY E 29 5.36 41.33 -24.79
C GLY E 29 5.38 40.33 -25.92
N PHE E 30 4.28 40.15 -26.64
CA PHE E 30 4.24 39.28 -27.80
C PHE E 30 3.01 39.65 -28.62
N ASN E 31 3.01 39.24 -29.88
CA ASN E 31 1.91 39.51 -30.79
C ASN E 31 0.88 38.38 -30.64
N LEU E 32 -0.31 38.70 -30.16
CA LEU E 32 -1.32 37.69 -29.90
C LEU E 32 -1.76 36.98 -31.17
N SER E 33 -1.70 37.68 -32.32
CA SER E 33 -2.17 37.12 -33.57
C SER E 33 -1.32 35.95 -34.07
N SER E 34 -0.08 35.80 -33.61
CA SER E 34 0.72 34.66 -34.02
C SER E 34 0.70 33.50 -33.04
N SER E 35 -0.03 33.62 -31.93
CA SER E 35 -0.17 32.57 -30.94
C SER E 35 -1.60 32.01 -30.93
N SER E 36 -1.76 30.84 -30.30
CA SER E 36 -3.08 30.35 -29.92
C SER E 36 -3.41 30.84 -28.51
N ILE E 37 -4.70 31.08 -28.27
CA ILE E 37 -5.16 31.63 -27.00
C ILE E 37 -6.24 30.71 -26.44
N HIS E 38 -6.11 30.34 -25.18
CA HIS E 38 -7.02 29.41 -24.54
C HIS E 38 -7.58 30.00 -23.25
N TRP E 39 -8.82 29.65 -22.96
CA TRP E 39 -9.46 29.93 -21.68
C TRP E 39 -9.62 28.62 -20.93
N VAL E 40 -9.22 28.64 -19.66
CA VAL E 40 -9.27 27.46 -18.79
C VAL E 40 -9.82 27.94 -17.45
N ARG E 41 -10.72 27.15 -16.86
CA ARG E 41 -11.32 27.57 -15.61
C ARG E 41 -11.10 26.49 -14.56
N GLN E 42 -11.26 26.90 -13.30
CA GLN E 42 -10.99 26.05 -12.15
C GLN E 42 -12.06 26.38 -11.10
N ALA E 43 -13.03 25.50 -10.95
CA ALA E 43 -14.07 25.74 -9.97
C ALA E 43 -13.47 25.59 -8.57
N PRO E 44 -14.03 26.29 -7.57
CA PRO E 44 -13.41 26.30 -6.23
C PRO E 44 -13.14 24.90 -5.69
N GLY E 45 -11.88 24.64 -5.32
CA GLY E 45 -11.50 23.35 -4.80
C GLY E 45 -11.40 22.23 -5.82
N LYS E 46 -11.52 22.53 -7.11
CA LYS E 46 -11.61 21.50 -8.15
C LYS E 46 -10.43 21.64 -9.13
N GLY E 47 -10.43 20.77 -10.14
CA GLY E 47 -9.35 20.70 -11.09
C GLY E 47 -9.52 21.68 -12.25
N LEU E 48 -8.54 21.67 -13.14
CA LEU E 48 -8.55 22.52 -14.33
C LEU E 48 -9.53 22.00 -15.37
N GLU E 49 -10.29 22.91 -15.97
CA GLU E 49 -11.22 22.55 -17.03
C GLU E 49 -11.06 23.51 -18.21
N TRP E 50 -10.69 22.97 -19.36
CA TRP E 50 -10.53 23.77 -20.58
C TRP E 50 -11.89 24.21 -21.10
N VAL E 51 -11.96 25.47 -21.57
CA VAL E 51 -13.22 26.11 -21.94
C VAL E 51 -13.31 26.41 -23.43
N ALA E 52 -12.28 27.06 -24.00
CA ALA E 52 -12.39 27.48 -25.40
C ALA E 52 -11.02 27.86 -25.94
N SER E 53 -10.89 27.82 -27.28
CA SER E 53 -9.61 28.16 -27.90
C SER E 53 -9.82 28.85 -29.25
N ILE E 54 -8.90 29.75 -29.61
CA ILE E 54 -8.59 30.11 -30.99
C ILE E 54 -7.28 29.38 -31.31
N TYR E 55 -7.34 28.41 -32.20
CA TYR E 55 -6.24 27.47 -32.32
C TYR E 55 -5.55 27.42 -33.68
N SER E 56 -5.96 28.21 -34.66
CA SER E 56 -5.32 28.04 -35.96
C SER E 56 -4.97 29.38 -36.58
N TYR E 57 -4.09 29.31 -37.58
CA TYR E 57 -3.76 30.50 -38.37
C TYR E 57 -5.02 31.14 -38.97
N TYR E 58 -5.98 30.32 -39.35
CA TYR E 58 -7.18 30.82 -40.03
C TYR E 58 -8.25 31.30 -39.04
N GLY E 59 -7.98 31.22 -37.74
CA GLY E 59 -8.89 31.78 -36.76
C GLY E 59 -9.97 30.83 -36.27
N SER E 60 -9.79 29.52 -36.48
CA SER E 60 -10.75 28.52 -36.05
C SER E 60 -10.84 28.49 -34.53
N THR E 61 -12.06 28.22 -34.02
CA THR E 61 -12.34 28.15 -32.60
C THR E 61 -12.90 26.78 -32.21
N SER E 62 -12.73 26.44 -30.95
CA SER E 62 -13.28 25.21 -30.43
C SER E 62 -13.69 25.44 -28.99
N TYR E 63 -14.63 24.62 -28.52
CA TYR E 63 -15.23 24.80 -27.21
C TYR E 63 -15.45 23.46 -26.55
N ALA E 64 -15.45 23.46 -25.22
CA ALA E 64 -15.85 22.28 -24.48
C ALA E 64 -17.36 22.12 -24.55
N ASP E 65 -17.82 20.86 -24.50
CA ASP E 65 -19.26 20.61 -24.66
C ASP E 65 -20.10 21.35 -23.63
N SER E 66 -19.61 21.52 -22.40
CA SER E 66 -20.42 22.11 -21.34
C SER E 66 -20.71 23.59 -21.57
N VAL E 67 -19.97 24.26 -22.45
CA VAL E 67 -20.16 25.67 -22.71
C VAL E 67 -20.60 25.96 -24.15
N LYS E 68 -20.70 24.92 -24.98
CA LYS E 68 -21.00 25.11 -26.40
C LYS E 68 -22.37 25.72 -26.57
N GLY E 69 -22.47 26.74 -27.43
CA GLY E 69 -23.70 27.44 -27.64
C GLY E 69 -23.96 28.57 -26.67
N ARG E 70 -23.26 28.63 -25.54
CA ARG E 70 -23.41 29.68 -24.54
C ARG E 70 -22.24 30.65 -24.49
N PHE E 71 -21.00 30.17 -24.69
CA PHE E 71 -19.78 30.98 -24.66
C PHE E 71 -19.28 31.25 -26.06
N THR E 72 -18.65 32.40 -26.26
CA THR E 72 -17.99 32.71 -27.53
C THR E 72 -16.61 33.31 -27.26
N ILE E 73 -15.55 32.73 -27.83
CA ILE E 73 -14.21 33.27 -27.72
C ILE E 73 -13.94 34.15 -28.94
N SER E 74 -13.24 35.27 -28.74
CA SER E 74 -12.93 36.20 -29.83
C SER E 74 -11.67 36.98 -29.47
N ALA E 75 -11.21 37.81 -30.40
CA ALA E 75 -9.98 38.57 -30.18
C ALA E 75 -9.98 39.85 -31.02
N ASP E 76 -9.33 40.87 -30.48
CA ASP E 76 -9.12 42.16 -31.17
C ASP E 76 -7.62 42.32 -31.38
N THR E 77 -7.17 42.05 -32.60
CA THR E 77 -5.75 42.12 -32.92
CA THR E 77 -5.75 42.11 -32.90
C THR E 77 -5.20 43.52 -32.74
N SER E 78 -6.02 44.54 -32.99
CA SER E 78 -5.53 45.91 -32.87
C SER E 78 -5.25 46.28 -31.42
N LYS E 79 -5.88 45.60 -30.48
CA LYS E 79 -5.68 45.86 -29.05
C LYS E 79 -4.88 44.77 -28.37
N ASN E 80 -4.47 43.73 -29.11
CA ASN E 80 -3.71 42.61 -28.54
C ASN E 80 -4.45 42.00 -27.36
N THR E 81 -5.78 41.86 -27.49
CA THR E 81 -6.64 41.42 -26.40
C THR E 81 -7.53 40.29 -26.91
N ALA E 82 -7.76 39.30 -26.05
CA ALA E 82 -8.73 38.26 -26.33
C ALA E 82 -9.90 38.36 -25.34
N TYR E 83 -11.00 37.69 -25.66
CA TYR E 83 -12.25 37.86 -24.93
C TYR E 83 -12.97 36.52 -24.78
N LEU E 84 -13.78 36.42 -23.73
CA LEU E 84 -14.70 35.31 -23.52
C LEU E 84 -16.05 35.89 -23.16
N GLN E 85 -17.00 35.83 -24.11
CA GLN E 85 -18.37 36.25 -23.86
C GLN E 85 -19.15 35.06 -23.31
N MET E 86 -19.69 35.21 -22.11
CA MET E 86 -20.36 34.12 -21.41
C MET E 86 -21.82 34.49 -21.25
N ASN E 87 -22.70 33.73 -21.89
CA ASN E 87 -24.13 33.99 -21.82
C ASN E 87 -24.84 32.81 -21.15
N SER E 88 -26.10 33.04 -20.77
CA SER E 88 -26.92 32.01 -20.11
C SER E 88 -26.14 31.29 -19.00
N LEU E 89 -25.56 32.08 -18.11
CA LEU E 89 -24.64 31.53 -17.12
C LEU E 89 -25.40 30.72 -16.07
N ARG E 90 -24.72 29.76 -15.48
CA ARG E 90 -25.31 28.88 -14.49
C ARG E 90 -24.41 28.80 -13.28
N ALA E 91 -24.98 28.32 -12.17
CA ALA E 91 -24.21 28.19 -10.93
C ALA E 91 -22.93 27.41 -11.15
N GLU E 92 -22.99 26.35 -11.96
CA GLU E 92 -21.83 25.49 -12.24
C GLU E 92 -20.71 26.22 -12.98
N ASP E 93 -20.96 27.38 -13.56
CA ASP E 93 -19.92 28.16 -14.23
C ASP E 93 -19.10 29.01 -13.27
N THR E 94 -19.43 29.02 -11.98
CA THR E 94 -18.62 29.72 -10.99
C THR E 94 -17.22 29.13 -10.97
N ALA E 95 -16.20 29.98 -11.06
CA ALA E 95 -14.82 29.49 -11.17
C ALA E 95 -13.87 30.67 -11.30
N VAL E 96 -12.58 30.38 -11.10
CA VAL E 96 -11.53 31.26 -11.55
C VAL E 96 -11.28 30.99 -13.03
N TYR E 97 -11.33 32.05 -13.83
CA TYR E 97 -11.14 31.93 -15.28
C TYR E 97 -9.74 32.43 -15.66
N TYR E 98 -8.96 31.57 -16.27
CA TYR E 98 -7.60 31.83 -16.69
C TYR E 98 -7.55 31.92 -18.21
N CYS E 99 -6.79 32.86 -18.72
CA CYS E 99 -6.39 32.82 -20.11
CA CYS E 99 -6.37 32.91 -20.10
C CYS E 99 -4.93 32.40 -20.19
N ALA E 100 -4.59 31.71 -21.27
CA ALA E 100 -3.25 31.16 -21.45
C ALA E 100 -2.93 31.08 -22.93
N ARG E 101 -1.66 31.33 -23.26
CA ARG E 101 -1.25 31.32 -24.66
C ARG E 101 -0.42 30.08 -24.96
N GLU E 102 -0.50 29.65 -26.21
CA GLU E 102 0.28 28.54 -26.76
C GLU E 102 0.97 29.06 -28.01
N TYR E 103 2.30 28.90 -28.09
CA TYR E 103 3.08 29.39 -29.22
C TYR E 103 4.25 28.45 -29.49
N HIS E 104 4.53 28.21 -30.77
CA HIS E 104 5.70 27.43 -31.19
C HIS E 104 6.41 28.20 -32.29
N SER E 105 7.70 28.48 -32.10
CA SER E 105 8.39 29.40 -33.01
C SER E 105 8.49 28.87 -34.44
N TYR E 106 8.32 27.56 -34.65
CA TYR E 106 8.41 27.00 -35.98
C TYR E 106 7.04 26.88 -36.67
N TRP E 107 5.95 27.29 -36.01
CA TRP E 107 4.65 27.29 -36.68
C TRP E 107 4.73 28.10 -37.96
N SER E 108 3.94 27.69 -38.95
CA SER E 108 3.84 28.39 -40.24
C SER E 108 2.37 28.73 -40.51
N TYR E 109 1.88 28.43 -41.71
CA TYR E 109 0.44 28.40 -41.88
C TYR E 109 -0.18 27.22 -41.16
N SER E 110 0.62 26.19 -40.89
CA SER E 110 0.23 25.05 -40.08
C SER E 110 0.70 25.28 -38.66
N TRP E 111 -0.24 25.29 -37.72
CA TRP E 111 0.11 25.45 -36.30
C TRP E 111 0.22 24.06 -35.68
N TRP E 112 1.25 23.33 -36.12
CA TRP E 112 1.65 21.98 -35.71
C TRP E 112 3.13 21.98 -35.38
N PRO E 113 3.56 21.27 -34.32
CA PRO E 113 2.78 20.47 -33.36
C PRO E 113 2.11 21.31 -32.30
N ARG E 114 1.19 20.73 -31.54
CA ARG E 114 0.56 21.45 -30.45
C ARG E 114 1.46 21.34 -29.22
N VAL E 115 1.76 22.48 -28.61
CA VAL E 115 2.72 22.48 -27.51
C VAL E 115 2.05 22.92 -26.20
N GLY E 116 2.85 23.24 -25.21
CA GLY E 116 2.30 23.54 -23.91
C GLY E 116 1.76 24.95 -23.82
N LEU E 117 0.96 25.18 -22.79
CA LEU E 117 0.46 26.52 -22.45
C LEU E 117 1.52 27.16 -21.56
N ASP E 118 2.33 28.06 -22.12
CA ASP E 118 3.55 28.44 -21.38
C ASP E 118 3.37 29.67 -20.51
N TYR E 119 2.44 30.55 -20.84
CA TYR E 119 2.15 31.73 -20.03
C TYR E 119 0.67 31.74 -19.72
N TRP E 120 0.35 31.86 -18.44
CA TRP E 120 -1.00 31.99 -17.91
C TRP E 120 -1.13 33.34 -17.23
N GLY E 121 -2.35 33.86 -17.16
CA GLY E 121 -2.61 35.00 -16.32
C GLY E 121 -2.85 34.60 -14.87
N GLN E 122 -3.10 35.60 -14.04
CA GLN E 122 -3.40 35.35 -12.63
C GLN E 122 -4.82 34.81 -12.42
N GLY E 123 -5.72 34.99 -13.37
CA GLY E 123 -7.08 34.51 -13.22
C GLY E 123 -8.02 35.60 -12.70
N THR E 124 -9.27 35.52 -13.14
CA THR E 124 -10.32 36.41 -12.64
C THR E 124 -11.50 35.55 -12.18
N LEU E 125 -12.13 35.96 -11.09
CA LEU E 125 -13.12 35.13 -10.40
C LEU E 125 -14.53 35.50 -10.85
N VAL E 126 -15.29 34.51 -11.27
CA VAL E 126 -16.67 34.68 -11.72
C VAL E 126 -17.58 33.92 -10.77
N THR E 127 -18.53 34.63 -10.16
CA THR E 127 -19.51 34.00 -9.28
C THR E 127 -20.91 34.15 -9.87
N VAL E 128 -21.57 33.03 -10.12
CA VAL E 128 -22.94 33.00 -10.62
C VAL E 128 -23.83 32.56 -9.47
N SER E 129 -24.69 33.45 -9.02
CA SER E 129 -25.58 33.17 -7.89
C SER E 129 -26.67 34.21 -7.84
N SER E 130 -27.83 33.81 -7.34
CA SER E 130 -28.93 34.75 -7.15
C SER E 130 -29.05 35.24 -5.70
N ALA E 131 -28.11 34.87 -4.84
CA ALA E 131 -28.14 35.28 -3.43
C ALA E 131 -27.88 36.79 -3.30
N SER E 132 -28.48 37.37 -2.25
CA SER E 132 -28.19 38.74 -1.84
C SER E 132 -27.11 38.75 -0.77
N THR E 133 -26.43 39.88 -0.65
CA THR E 133 -25.46 40.05 0.43
C THR E 133 -26.13 39.78 1.76
N LYS E 134 -25.57 38.84 2.52
CA LYS E 134 -26.10 38.49 3.83
C LYS E 134 -24.95 38.20 4.78
N GLY E 135 -25.03 38.78 5.97
CA GLY E 135 -24.05 38.56 7.01
C GLY E 135 -24.32 37.28 7.76
N PRO E 136 -23.29 36.73 8.38
CA PRO E 136 -23.42 35.44 9.05
C PRO E 136 -23.96 35.56 10.46
N SER E 137 -24.58 34.48 10.92
CA SER E 137 -24.92 34.29 12.32
C SER E 137 -23.91 33.31 12.92
N VAL E 138 -23.23 33.74 13.98
CA VAL E 138 -22.15 32.99 14.60
C VAL E 138 -22.70 32.26 15.82
N PHE E 139 -22.47 30.96 15.89
CA PHE E 139 -22.93 30.15 17.01
C PHE E 139 -21.75 29.50 17.72
N PRO E 140 -21.82 29.33 19.03
CA PRO E 140 -20.72 28.66 19.75
C PRO E 140 -20.71 27.17 19.51
N LEU E 141 -19.50 26.61 19.53
CA LEU E 141 -19.29 25.16 19.59
C LEU E 141 -18.68 24.89 20.97
N ALA E 142 -19.56 24.77 21.97
CA ALA E 142 -19.14 24.73 23.35
C ALA E 142 -18.33 23.47 23.64
N PRO E 143 -17.24 23.59 24.42
CA PRO E 143 -16.47 22.40 24.78
C PRO E 143 -17.33 21.38 25.52
N SER E 144 -17.08 20.10 25.22
CA SER E 144 -17.86 19.04 25.83
C SER E 144 -17.67 19.04 27.35
N SER E 145 -18.75 18.76 28.07
CA SER E 145 -18.69 18.68 29.51
C SER E 145 -18.01 17.41 30.00
N LYS E 146 -17.77 16.44 29.12
CA LYS E 146 -17.02 15.23 29.44
C LYS E 146 -15.61 15.26 28.83
N SER E 147 -15.01 16.46 28.78
CA SER E 147 -13.69 16.60 28.19
C SER E 147 -12.65 15.85 29.00
N THR E 148 -11.79 15.10 28.31
CA THR E 148 -10.74 14.33 28.97
C THR E 148 -9.89 15.23 29.85
N SER E 149 -9.88 14.94 31.15
CA SER E 149 -9.18 15.77 32.11
C SER E 149 -7.69 15.45 32.12
N GLY E 150 -6.89 16.47 32.40
CA GLY E 150 -5.45 16.34 32.23
C GLY E 150 -5.01 16.22 30.79
N GLY E 151 -5.92 16.42 29.84
CA GLY E 151 -5.59 16.34 28.42
C GLY E 151 -6.00 17.58 27.65
N THR E 152 -6.80 17.40 26.61
CA THR E 152 -7.13 18.48 25.69
C THR E 152 -8.61 18.45 25.34
N ALA E 153 -9.23 19.62 25.36
CA ALA E 153 -10.63 19.79 24.96
C ALA E 153 -10.72 20.65 23.70
N ALA E 154 -11.80 20.45 22.95
CA ALA E 154 -12.00 21.16 21.69
C ALA E 154 -13.21 22.08 21.78
N LEU E 155 -13.09 23.27 21.18
CA LEU E 155 -14.18 24.22 21.08
C LEU E 155 -14.03 25.04 19.81
N GLY E 156 -15.01 25.89 19.53
CA GLY E 156 -14.95 26.73 18.34
C GLY E 156 -16.22 27.53 18.19
N CYS E 157 -16.35 28.18 17.02
CA CYS E 157 -17.60 28.82 16.63
C CYS E 157 -17.96 28.42 15.20
N LEU E 158 -19.27 28.34 14.97
CA LEU E 158 -19.84 27.98 13.67
C LEU E 158 -20.38 29.24 13.00
N VAL E 159 -19.83 29.58 11.83
CA VAL E 159 -20.18 30.79 11.09
C VAL E 159 -21.06 30.35 9.92
N LYS E 160 -22.36 30.62 10.01
CA LYS E 160 -23.32 30.02 9.09
C LYS E 160 -24.12 31.07 8.34
N ASP E 161 -24.45 30.73 7.08
CA ASP E 161 -25.42 31.45 6.26
C ASP E 161 -24.97 32.88 5.97
N TYR E 162 -23.89 32.97 5.20
CA TYR E 162 -23.42 34.26 4.71
C TYR E 162 -23.22 34.19 3.20
N PHE E 163 -23.13 35.38 2.60
CA PHE E 163 -22.87 35.52 1.17
C PHE E 163 -22.44 36.94 0.90
N PRO E 164 -21.39 37.16 0.10
CA PRO E 164 -20.58 36.11 -0.50
C PRO E 164 -19.34 35.82 0.33
N GLU E 165 -18.44 35.01 -0.21
CA GLU E 165 -17.12 34.81 0.39
C GLU E 165 -16.33 36.11 0.35
N PRO E 166 -15.36 36.30 1.28
CA PRO E 166 -15.03 35.39 2.39
C PRO E 166 -15.35 35.94 3.79
N VAL E 167 -15.17 35.09 4.80
CA VAL E 167 -15.09 35.53 6.18
C VAL E 167 -13.71 35.19 6.71
N THR E 168 -13.26 35.95 7.70
CA THR E 168 -12.01 35.68 8.41
C THR E 168 -12.33 35.50 9.88
N VAL E 169 -11.63 34.57 10.53
CA VAL E 169 -11.87 34.25 11.93
C VAL E 169 -10.54 34.28 12.67
N SER E 170 -10.54 34.89 13.84
CA SER E 170 -9.41 34.91 14.76
CA SER E 170 -9.41 34.90 14.76
C SER E 170 -9.91 34.51 16.14
N TRP E 171 -8.96 34.39 17.08
CA TRP E 171 -9.29 34.02 18.45
C TRP E 171 -8.52 34.94 19.40
N ASN E 172 -9.24 35.47 20.39
CA ASN E 172 -8.66 36.42 21.35
C ASN E 172 -7.87 37.51 20.65
N SER E 173 -8.43 38.00 19.55
CA SER E 173 -7.89 39.13 18.80
C SER E 173 -6.51 38.85 18.25
N GLY E 174 -6.26 37.59 17.88
CA GLY E 174 -5.00 37.19 17.30
C GLY E 174 -3.98 36.68 18.28
N ALA E 175 -4.27 36.76 19.59
CA ALA E 175 -3.31 36.28 20.58
C ALA E 175 -3.24 34.76 20.59
N LEU E 176 -4.38 34.10 20.39
CA LEU E 176 -4.46 32.63 20.39
C LEU E 176 -4.39 32.16 18.94
N THR E 177 -3.22 31.65 18.54
CA THR E 177 -3.02 31.12 17.20
C THR E 177 -2.57 29.67 17.18
N SER E 178 -2.09 29.12 18.29
CA SER E 178 -1.60 27.75 18.34
C SER E 178 -2.79 26.78 18.43
N GLY E 179 -2.83 25.82 17.52
CA GLY E 179 -3.87 24.82 17.53
C GLY E 179 -5.17 25.23 16.88
N VAL E 180 -5.19 26.30 16.08
CA VAL E 180 -6.39 26.81 15.43
C VAL E 180 -6.51 26.23 14.04
N HIS E 181 -7.68 25.69 13.72
CA HIS E 181 -8.02 25.21 12.37
C HIS E 181 -9.30 25.89 11.91
N THR E 182 -9.18 26.78 10.93
CA THR E 182 -10.33 27.38 10.29
C THR E 182 -10.55 26.67 8.96
N PHE E 183 -11.67 25.93 8.85
CA PHE E 183 -11.92 25.01 7.75
C PHE E 183 -12.38 25.77 6.51
N PRO E 184 -12.14 25.22 5.33
CA PRO E 184 -12.69 25.83 4.11
C PRO E 184 -14.20 25.88 4.17
N ALA E 185 -14.77 26.94 3.62
CA ALA E 185 -16.22 27.11 3.64
C ALA E 185 -16.88 26.09 2.71
N VAL E 186 -18.14 25.79 2.99
CA VAL E 186 -18.94 24.92 2.15
C VAL E 186 -20.14 25.71 1.63
N LEU E 187 -20.51 25.45 0.38
CA LEU E 187 -21.67 26.07 -0.23
C LEU E 187 -22.88 25.19 0.04
N GLN E 188 -23.81 25.68 0.87
CA GLN E 188 -25.03 24.97 1.18
C GLN E 188 -25.98 25.00 -0.02
N SER E 189 -26.98 24.13 0.02
CA SER E 189 -27.95 24.06 -1.07
C SER E 189 -28.82 25.31 -1.14
N SER E 190 -28.83 26.10 -0.07
CA SER E 190 -29.55 27.37 -0.05
C SER E 190 -28.87 28.45 -0.86
N GLY E 191 -27.61 28.25 -1.26
CA GLY E 191 -26.84 29.29 -1.89
C GLY E 191 -26.01 30.12 -0.93
N LEU E 192 -26.03 29.80 0.36
CA LEU E 192 -25.24 30.50 1.37
C LEU E 192 -24.09 29.62 1.82
N TYR E 193 -23.02 30.26 2.30
CA TYR E 193 -21.83 29.55 2.74
C TYR E 193 -21.88 29.31 4.25
N SER E 194 -21.00 28.42 4.71
CA SER E 194 -20.87 28.05 6.11
C SER E 194 -19.48 27.50 6.34
N LEU E 195 -18.86 27.88 7.46
CA LEU E 195 -17.59 27.28 7.84
C LEU E 195 -17.50 27.20 9.36
N SER E 196 -16.49 26.49 9.84
CA SER E 196 -16.20 26.39 11.26
CA SER E 196 -16.20 26.39 11.26
C SER E 196 -14.75 26.75 11.52
N SER E 197 -14.48 27.14 12.76
CA SER E 197 -13.13 27.46 13.21
C SER E 197 -12.97 26.93 14.63
N VAL E 198 -12.12 25.92 14.79
CA VAL E 198 -11.98 25.24 16.07
C VAL E 198 -10.59 25.52 16.67
N VAL E 199 -10.43 25.14 17.93
CA VAL E 199 -9.14 25.25 18.59
C VAL E 199 -9.12 24.28 19.76
N THR E 200 -7.95 23.68 19.99
CA THR E 200 -7.75 22.75 21.09
C THR E 200 -7.03 23.48 22.22
N VAL E 201 -7.51 23.29 23.45
CA VAL E 201 -6.97 23.95 24.63
C VAL E 201 -6.93 22.95 25.78
N PRO E 202 -6.06 23.19 26.77
CA PRO E 202 -6.04 22.32 27.96
C PRO E 202 -7.40 22.29 28.67
N SER E 203 -7.81 21.10 29.11
CA SER E 203 -9.11 20.94 29.75
C SER E 203 -9.18 21.63 31.11
N SER E 204 -8.04 21.87 31.77
CA SER E 204 -8.05 22.55 33.05
C SER E 204 -8.20 24.05 32.94
N SER E 205 -8.19 24.60 31.73
CA SER E 205 -8.33 26.04 31.52
C SER E 205 -9.73 26.45 31.08
N LEU E 206 -10.69 25.51 31.02
CA LEU E 206 -12.04 25.84 30.59
C LEU E 206 -12.74 26.76 31.58
N GLY E 207 -12.46 26.61 32.87
CA GLY E 207 -13.06 27.44 33.90
C GLY E 207 -12.23 28.62 34.33
N THR E 208 -11.06 28.83 33.75
CA THR E 208 -10.16 29.90 34.16
C THR E 208 -9.68 30.80 33.02
N GLN E 209 -9.85 30.38 31.76
CA GLN E 209 -9.39 31.16 30.63
C GLN E 209 -10.56 31.51 29.72
N THR E 210 -10.46 32.66 29.08
CA THR E 210 -11.51 33.19 28.22
C THR E 210 -11.13 32.97 26.75
N TYR E 211 -12.05 32.37 25.99
CA TYR E 211 -11.83 32.10 24.57
C TYR E 211 -12.92 32.80 23.75
N ILE E 212 -12.53 33.82 23.00
CA ILE E 212 -13.44 34.58 22.16
C ILE E 212 -12.97 34.49 20.71
N CYS E 213 -13.89 34.11 19.83
CA CYS E 213 -13.63 34.05 18.39
C CYS E 213 -14.17 35.32 17.73
N ASN E 214 -13.35 35.94 16.90
CA ASN E 214 -13.69 37.18 16.22
C ASN E 214 -13.98 36.88 14.75
N VAL E 215 -15.19 37.16 14.31
CA VAL E 215 -15.65 36.89 12.94
C VAL E 215 -15.78 38.21 12.19
N ASN E 216 -15.23 38.26 10.98
CA ASN E 216 -15.29 39.44 10.13
CA ASN E 216 -15.31 39.44 10.14
C ASN E 216 -15.81 39.04 8.76
N HIS E 217 -16.87 39.70 8.32
CA HIS E 217 -17.46 39.50 6.99
C HIS E 217 -17.53 40.87 6.35
N LYS E 218 -16.46 41.25 5.65
CA LYS E 218 -16.41 42.58 5.06
C LYS E 218 -17.56 42.87 4.09
N PRO E 219 -18.02 41.93 3.25
CA PRO E 219 -19.10 42.29 2.31
C PRO E 219 -20.35 42.87 2.96
N SER E 220 -20.67 42.47 4.20
CA SER E 220 -21.83 42.95 4.93
C SER E 220 -21.46 43.82 6.13
N ASN E 221 -20.18 44.07 6.37
CA ASN E 221 -19.71 44.89 7.49
C ASN E 221 -20.16 44.32 8.83
N THR E 222 -20.12 43.00 8.94
CA THR E 222 -20.44 42.30 10.18
C THR E 222 -19.16 41.97 10.91
N LYS E 223 -19.06 42.40 12.17
CA LYS E 223 -17.98 42.04 13.09
C LYS E 223 -18.62 41.49 14.35
N VAL E 224 -18.45 40.20 14.59
CA VAL E 224 -18.97 39.54 15.78
C VAL E 224 -17.79 39.09 16.62
N ASP E 225 -17.93 39.27 17.94
CA ASP E 225 -17.12 38.56 18.93
C ASP E 225 -18.05 37.63 19.69
N LYS E 226 -17.70 36.35 19.76
CA LYS E 226 -18.55 35.35 20.41
C LYS E 226 -17.73 34.66 21.50
N LYS E 227 -18.12 34.86 22.74
CA LYS E 227 -17.48 34.20 23.87
C LYS E 227 -17.97 32.76 23.94
N VAL E 228 -17.04 31.81 23.86
CA VAL E 228 -17.35 30.39 23.94
C VAL E 228 -16.98 29.89 25.32
N GLU E 229 -17.86 29.09 25.92
CA GLU E 229 -17.70 28.61 27.28
C GLU E 229 -18.58 27.38 27.47
N PRO E 230 -18.31 26.55 28.47
CA PRO E 230 -19.16 25.39 28.72
C PRO E 230 -20.61 25.79 28.98
N LYS E 231 -21.53 24.91 28.61
CA LYS E 231 -22.96 25.19 28.77
C LYS E 231 -23.40 24.90 30.19
N SER E 232 -24.27 25.75 30.71
CA SER E 232 -24.80 25.62 32.06
C SER E 232 -26.06 24.73 32.05
N CYS E 233 -26.24 24.01 33.14
CA CYS E 233 -27.36 23.08 33.27
C CYS E 233 -28.11 23.29 34.58
N GLN F 4 -10.72 11.92 -23.09
CA GLN F 4 -10.61 11.60 -21.67
C GLN F 4 -9.18 11.21 -21.29
N MET F 5 -8.64 11.89 -20.28
CA MET F 5 -7.30 11.65 -19.75
C MET F 5 -7.42 11.22 -18.30
N THR F 6 -7.23 9.94 -18.04
CA THR F 6 -7.42 9.38 -16.70
C THR F 6 -6.11 9.50 -15.93
N GLN F 7 -6.07 10.39 -14.95
CA GLN F 7 -4.86 10.59 -14.15
C GLN F 7 -4.91 9.73 -12.89
N SER F 8 -3.76 9.15 -12.52
CA SER F 8 -3.60 8.27 -11.35
C SER F 8 -2.20 8.42 -10.77
N PRO F 9 -2.07 8.41 -9.43
CA PRO F 9 -3.17 8.42 -8.47
C PRO F 9 -3.69 9.82 -8.19
N SER F 10 -4.83 9.91 -7.50
CA SER F 10 -5.37 11.22 -7.16
C SER F 10 -4.52 11.92 -6.13
N SER F 11 -3.80 11.15 -5.30
CA SER F 11 -2.92 11.72 -4.29
CA SER F 11 -2.91 11.73 -4.30
C SER F 11 -1.83 10.72 -3.98
N LEU F 12 -0.63 11.21 -3.72
CA LEU F 12 0.46 10.34 -3.35
C LEU F 12 1.33 11.05 -2.33
N SER F 13 1.77 10.29 -1.33
CA SER F 13 2.65 10.81 -0.29
CA SER F 13 2.65 10.80 -0.28
C SER F 13 4.09 10.37 -0.56
N ALA F 14 5.04 11.26 -0.29
CA ALA F 14 6.43 11.01 -0.60
C ALA F 14 7.32 11.83 0.32
N SER F 15 8.62 11.53 0.30
CA SER F 15 9.60 12.26 1.09
C SER F 15 10.64 12.93 0.18
N VAL F 16 11.26 13.99 0.71
CA VAL F 16 12.37 14.63 0.02
C VAL F 16 13.41 13.58 -0.36
N GLY F 17 13.75 13.53 -1.64
CA GLY F 17 14.69 12.56 -2.18
C GLY F 17 14.04 11.37 -2.88
N ASP F 18 12.73 11.23 -2.81
CA ASP F 18 12.05 10.12 -3.46
C ASP F 18 11.99 10.31 -4.97
N ARG F 19 11.86 9.19 -5.67
CA ARG F 19 11.52 9.17 -7.08
C ARG F 19 10.01 9.01 -7.23
N VAL F 20 9.37 9.99 -7.87
CA VAL F 20 7.92 10.11 -7.93
C VAL F 20 7.45 9.88 -9.36
N THR F 21 6.37 9.12 -9.54
CA THR F 21 5.83 8.76 -10.84
C THR F 21 4.33 9.03 -10.91
N ILE F 22 3.89 9.73 -11.96
CA ILE F 22 2.48 10.03 -12.18
C ILE F 22 2.13 9.69 -13.62
N THR F 23 1.01 8.99 -13.82
CA THR F 23 0.69 8.49 -15.15
C THR F 23 -0.75 8.85 -15.54
N CYS F 24 -0.91 9.29 -16.79
CA CYS F 24 -2.21 9.53 -17.40
CA CYS F 24 -2.22 9.50 -17.38
C CYS F 24 -2.38 8.59 -18.59
N ARG F 25 -3.58 8.02 -18.72
CA ARG F 25 -3.88 7.08 -19.80
C ARG F 25 -4.84 7.73 -20.78
N ALA F 26 -4.44 7.81 -22.05
CA ALA F 26 -5.29 8.39 -23.07
C ALA F 26 -6.18 7.32 -23.68
N SER F 27 -7.45 7.66 -23.93
CA SER F 27 -8.42 6.72 -24.45
C SER F 27 -8.84 7.13 -25.86
N GLN F 28 -8.78 6.17 -26.78
CA GLN F 28 -9.24 6.37 -28.16
C GLN F 28 -8.56 7.58 -28.80
N SER F 29 -7.25 7.67 -28.61
CA SER F 29 -6.47 8.81 -29.05
C SER F 29 -5.08 8.37 -29.47
N VAL F 30 -4.53 9.00 -30.50
CA VAL F 30 -3.16 8.73 -30.93
C VAL F 30 -2.27 9.97 -30.83
N SER F 31 -2.78 11.05 -30.26
CA SER F 31 -1.99 12.27 -30.11
C SER F 31 -0.87 12.10 -29.10
N SER F 32 0.32 12.61 -29.44
CA SER F 32 1.41 12.73 -28.45
C SER F 32 1.55 14.15 -27.90
N ALA F 33 0.57 15.03 -28.14
CA ALA F 33 0.59 16.40 -27.63
C ALA F 33 0.17 16.38 -26.16
N VAL F 34 1.09 15.98 -25.30
CA VAL F 34 0.78 15.78 -23.89
C VAL F 34 1.71 16.66 -23.06
N ALA F 35 1.11 17.50 -22.21
CA ALA F 35 1.85 18.44 -21.39
C ALA F 35 1.53 18.20 -19.92
N TRP F 36 2.46 18.63 -19.07
CA TRP F 36 2.33 18.49 -17.62
C TRP F 36 2.49 19.86 -16.95
N TYR F 37 1.67 20.11 -15.94
CA TYR F 37 1.66 21.40 -15.25
C TYR F 37 1.77 21.19 -13.74
N GLN F 38 2.35 22.19 -13.06
CA GLN F 38 2.43 22.22 -11.61
C GLN F 38 1.66 23.44 -11.09
N GLN F 39 0.90 23.24 -10.01
CA GLN F 39 0.10 24.33 -9.44
C GLN F 39 0.20 24.32 -7.93
N LYS F 40 0.58 25.46 -7.34
CA LYS F 40 0.55 25.66 -5.89
C LYS F 40 -0.76 26.33 -5.48
N PRO F 41 -1.15 26.21 -4.21
CA PRO F 41 -2.39 26.87 -3.75
C PRO F 41 -2.39 28.36 -4.04
N GLY F 42 -3.51 28.85 -4.59
CA GLY F 42 -3.69 30.26 -4.88
C GLY F 42 -2.96 30.77 -6.11
N LYS F 43 -2.26 29.92 -6.86
CA LYS F 43 -1.45 30.37 -7.98
C LYS F 43 -1.90 29.75 -9.29
N ALA F 44 -1.51 30.40 -10.39
CA ALA F 44 -1.76 29.88 -11.73
C ALA F 44 -0.87 28.66 -12.00
N PRO F 45 -1.30 27.76 -12.89
CA PRO F 45 -0.45 26.62 -13.22
C PRO F 45 0.83 27.04 -13.93
N LYS F 46 1.83 26.16 -13.86
CA LYS F 46 3.12 26.42 -14.50
C LYS F 46 3.50 25.21 -15.35
N LEU F 47 3.94 25.48 -16.57
CA LEU F 47 4.25 24.42 -17.53
C LEU F 47 5.55 23.72 -17.17
N LEU F 48 5.53 22.39 -17.25
CA LEU F 48 6.68 21.55 -16.93
C LEU F 48 7.24 20.83 -18.16
N ILE F 49 6.38 20.08 -18.85
CA ILE F 49 6.75 19.21 -19.97
C ILE F 49 5.75 19.50 -21.07
N TYR F 50 6.20 19.40 -22.31
CA TYR F 50 5.30 19.43 -23.46
C TYR F 50 5.76 18.39 -24.47
N SER F 51 4.89 18.09 -25.42
CA SER F 51 5.17 17.09 -26.46
C SER F 51 5.62 15.76 -25.85
N ALA F 52 4.94 15.36 -24.76
CA ALA F 52 5.17 14.12 -24.04
C ALA F 52 6.50 14.09 -23.28
N SER F 53 7.58 14.60 -23.88
CA SER F 53 8.89 14.35 -23.33
C SER F 53 9.85 15.53 -23.39
N SER F 54 9.45 16.67 -23.92
CA SER F 54 10.33 17.83 -24.01
C SER F 54 10.25 18.64 -22.73
N LEU F 55 11.41 18.91 -22.13
CA LEU F 55 11.48 19.71 -20.92
C LEU F 55 11.36 21.19 -21.26
N TYR F 56 10.37 21.86 -20.67
CA TYR F 56 10.21 23.28 -20.87
C TYR F 56 11.40 24.05 -20.31
N SER F 57 11.84 25.06 -21.04
CA SER F 57 13.00 25.84 -20.68
C SER F 57 12.87 26.44 -19.28
N GLY F 58 13.95 26.34 -18.49
CA GLY F 58 13.95 26.84 -17.14
C GLY F 58 13.48 25.84 -16.08
N VAL F 59 12.84 24.75 -16.48
CA VAL F 59 12.37 23.75 -15.52
C VAL F 59 13.54 22.87 -15.11
N PRO F 60 13.69 22.57 -13.81
CA PRO F 60 14.84 21.78 -13.38
C PRO F 60 14.89 20.40 -14.02
N SER F 61 16.10 19.82 -14.04
CA SER F 61 16.34 18.59 -14.77
C SER F 61 15.65 17.37 -14.14
N ARG F 62 15.26 17.45 -12.88
CA ARG F 62 14.64 16.29 -12.23
C ARG F 62 13.25 15.97 -12.78
N PHE F 63 12.67 16.85 -13.59
CA PHE F 63 11.37 16.59 -14.19
C PHE F 63 11.55 16.00 -15.58
N SER F 64 10.78 14.96 -15.88
CA SER F 64 10.88 14.33 -17.20
C SER F 64 9.57 13.65 -17.57
N GLY F 65 9.29 13.62 -18.87
CA GLY F 65 8.11 12.94 -19.38
C GLY F 65 8.46 11.78 -20.31
N SER F 66 7.56 10.80 -20.37
CA SER F 66 7.75 9.66 -21.27
CA SER F 66 7.75 9.68 -21.28
C SER F 66 6.39 9.11 -21.67
N ARG F 67 6.39 8.34 -22.75
CA ARG F 67 5.18 7.68 -23.24
C ARG F 67 5.44 6.19 -23.36
N SER F 68 4.46 5.40 -22.90
CA SER F 68 4.51 3.94 -23.02
C SER F 68 3.13 3.48 -23.51
N GLY F 69 3.02 3.22 -24.81
CA GLY F 69 1.71 2.90 -25.36
C GLY F 69 0.78 4.09 -25.20
N THR F 70 -0.38 3.86 -24.59
CA THR F 70 -1.35 4.94 -24.38
C THR F 70 -1.15 5.65 -23.05
N ASP F 71 -0.09 5.33 -22.31
CA ASP F 71 0.14 5.83 -20.96
C ASP F 71 1.27 6.84 -20.97
N PHE F 72 0.99 8.04 -20.45
CA PHE F 72 2.00 9.09 -20.35
C PHE F 72 2.34 9.29 -18.88
N THR F 73 3.63 9.46 -18.58
CA THR F 73 4.11 9.50 -17.21
C THR F 73 5.03 10.70 -17.00
N LEU F 74 4.82 11.39 -15.88
CA LEU F 74 5.72 12.43 -15.39
C LEU F 74 6.57 11.84 -14.27
N THR F 75 7.88 12.04 -14.34
CA THR F 75 8.80 11.50 -13.33
C THR F 75 9.55 12.64 -12.66
N ILE F 76 9.62 12.61 -11.34
CA ILE F 76 10.49 13.49 -10.57
C ILE F 76 11.56 12.61 -9.95
N SER F 77 12.82 12.80 -10.36
CA SER F 77 13.86 11.82 -10.03
C SER F 77 14.23 11.90 -8.55
N SER F 78 14.30 13.11 -7.99
CA SER F 78 14.65 13.31 -6.58
C SER F 78 13.81 14.46 -6.05
N LEU F 79 12.70 14.12 -5.39
CA LEU F 79 11.74 15.11 -4.91
C LEU F 79 12.40 16.12 -3.96
N GLN F 80 12.22 17.41 -4.27
CA GLN F 80 12.72 18.55 -3.50
C GLN F 80 11.61 19.21 -2.70
N PRO F 81 11.94 19.96 -1.64
CA PRO F 81 10.88 20.55 -0.80
C PRO F 81 9.91 21.46 -1.54
N GLU F 82 10.36 22.16 -2.58
CA GLU F 82 9.47 23.02 -3.35
C GLU F 82 8.60 22.26 -4.35
N ASP F 83 8.71 20.93 -4.40
CA ASP F 83 7.97 20.11 -5.36
C ASP F 83 6.65 19.55 -4.82
N PHE F 84 6.34 19.77 -3.55
CA PHE F 84 5.02 19.40 -3.03
C PHE F 84 3.98 20.38 -3.56
N ALA F 85 3.01 19.88 -4.31
CA ALA F 85 2.07 20.70 -5.08
C ALA F 85 1.08 19.75 -5.75
N THR F 86 0.29 20.29 -6.67
CA THR F 86 -0.60 19.46 -7.48
C THR F 86 -0.14 19.51 -8.93
N TYR F 87 -0.22 18.36 -9.62
CA TYR F 87 0.26 18.21 -10.97
C TYR F 87 -0.88 17.80 -11.89
N TYR F 88 -0.92 18.40 -13.09
CA TYR F 88 -1.97 18.13 -14.05
C TYR F 88 -1.36 17.70 -15.39
N CYS F 89 -1.91 16.63 -15.95
CA CYS F 89 -1.61 16.27 -17.32
CA CYS F 89 -1.65 16.19 -17.31
C CYS F 89 -2.64 16.88 -18.26
N GLN F 90 -2.25 17.04 -19.52
CA GLN F 90 -3.11 17.71 -20.47
C GLN F 90 -2.83 17.19 -21.88
N GLN F 91 -3.88 16.90 -22.64
CA GLN F 91 -3.72 16.46 -24.02
C GLN F 91 -4.43 17.41 -24.97
N ALA F 92 -3.79 17.70 -26.09
CA ALA F 92 -4.42 18.38 -27.22
C ALA F 92 -4.79 17.30 -28.25
N SER F 93 -6.09 17.10 -28.46
CA SER F 93 -6.53 16.06 -29.37
C SER F 93 -6.31 16.51 -30.82
N LEU F 94 -6.28 15.53 -31.74
CA LEU F 94 -6.22 15.85 -33.16
C LEU F 94 -7.46 16.59 -33.63
N THR F 95 -8.55 16.50 -32.87
CA THR F 95 -9.78 17.28 -33.11
C THR F 95 -9.72 18.67 -32.49
N ALA F 96 -8.57 19.10 -31.98
CA ALA F 96 -8.35 20.47 -31.49
C ALA F 96 -9.13 20.77 -30.20
N LEU F 97 -9.38 19.73 -29.39
CA LEU F 97 -9.94 19.87 -28.07
C LEU F 97 -8.84 19.64 -27.04
N LEU F 98 -8.93 20.35 -25.92
CA LEU F 98 -8.00 20.17 -24.80
C LEU F 98 -8.69 19.41 -23.68
N THR F 99 -7.95 18.51 -23.04
CA THR F 99 -8.47 17.79 -21.87
C THR F 99 -7.40 17.74 -20.79
N PHE F 100 -7.78 18.10 -19.57
CA PHE F 100 -6.89 18.00 -18.41
C PHE F 100 -7.22 16.76 -17.59
N GLY F 101 -6.18 16.08 -17.13
CA GLY F 101 -6.35 15.07 -16.10
C GLY F 101 -6.97 15.65 -14.84
N GLN F 102 -7.43 14.76 -13.96
CA GLN F 102 -8.11 15.19 -12.73
C GLN F 102 -7.13 15.81 -11.74
N GLY F 103 -5.85 15.48 -11.82
CA GLY F 103 -4.85 16.08 -10.96
C GLY F 103 -4.33 15.10 -9.91
N THR F 104 -3.12 15.38 -9.42
CA THR F 104 -2.46 14.55 -8.42
C THR F 104 -1.82 15.44 -7.37
N LYS F 105 -2.20 15.23 -6.11
CA LYS F 105 -1.60 15.95 -4.99
C LYS F 105 -0.39 15.17 -4.50
N VAL F 106 0.78 15.79 -4.56
CA VAL F 106 1.99 15.22 -3.97
C VAL F 106 2.18 15.88 -2.62
N GLU F 107 2.09 15.09 -1.55
CA GLU F 107 2.11 15.61 -0.19
C GLU F 107 3.19 14.92 0.64
N ILE F 108 3.44 15.48 1.82
CA ILE F 108 4.56 15.09 2.67
C ILE F 108 4.19 13.86 3.47
N LYS F 109 4.99 12.80 3.36
CA LYS F 109 4.78 11.57 4.10
C LYS F 109 5.23 11.75 5.54
N ARG F 110 4.49 11.12 6.46
CA ARG F 110 4.83 11.17 7.88
C ARG F 110 4.25 9.94 8.55
N THR F 111 4.50 9.81 9.85
CA THR F 111 4.03 8.65 10.59
C THR F 111 2.51 8.69 10.75
N VAL F 112 1.87 7.53 10.52
CA VAL F 112 0.43 7.42 10.66
C VAL F 112 0.00 7.86 12.06
N ALA F 113 -1.08 8.64 12.13
CA ALA F 113 -1.53 9.23 13.38
C ALA F 113 -3.05 9.26 13.42
N ALA F 114 -3.63 8.67 14.46
CA ALA F 114 -5.07 8.59 14.56
C ALA F 114 -5.67 9.94 14.96
N PRO F 115 -6.89 10.24 14.53
CA PRO F 115 -7.53 11.51 14.92
C PRO F 115 -8.08 11.49 16.34
N SER F 116 -8.02 12.64 16.99
CA SER F 116 -8.85 12.88 18.16
C SER F 116 -10.21 13.38 17.67
N VAL F 117 -11.28 12.75 18.16
CA VAL F 117 -12.63 12.98 17.65
C VAL F 117 -13.44 13.70 18.73
N PHE F 118 -14.20 14.71 18.30
CA PHE F 118 -15.08 15.46 19.19
C PHE F 118 -16.41 15.66 18.48
N ILE F 119 -17.49 15.75 19.27
CA ILE F 119 -18.82 16.03 18.75
C ILE F 119 -19.39 17.22 19.48
N PHE F 120 -20.09 18.09 18.75
CA PHE F 120 -20.64 19.31 19.30
C PHE F 120 -22.14 19.35 19.05
N PRO F 121 -22.96 19.54 20.08
CA PRO F 121 -24.39 19.70 19.87
C PRO F 121 -24.72 21.09 19.40
N PRO F 122 -25.85 21.28 18.72
CA PRO F 122 -26.24 22.64 18.30
C PRO F 122 -26.50 23.53 19.50
N SER F 123 -26.05 24.78 19.39
CA SER F 123 -26.24 25.73 20.48
C SER F 123 -27.71 26.09 20.64
N ASP F 124 -28.04 26.64 21.81
CA ASP F 124 -29.42 27.08 22.05
C ASP F 124 -29.78 28.26 21.16
N SER F 125 -28.84 29.19 20.96
CA SER F 125 -29.13 30.36 20.13
C SER F 125 -29.44 29.98 18.69
N GLN F 126 -28.88 28.87 18.21
CA GLN F 126 -29.23 28.40 16.87
C GLN F 126 -30.61 27.77 16.85
N LEU F 127 -30.88 26.82 17.75
CA LEU F 127 -32.20 26.22 17.85
C LEU F 127 -33.29 27.27 17.96
N LYS F 128 -32.96 28.44 18.50
CA LYS F 128 -33.85 29.58 18.60
C LYS F 128 -34.37 30.04 17.23
N SER F 129 -33.77 29.59 16.13
CA SER F 129 -34.14 30.07 14.80
C SER F 129 -34.75 28.99 13.90
N GLY F 130 -34.70 27.71 14.28
CA GLY F 130 -35.40 26.67 13.56
C GLY F 130 -34.53 25.65 12.84
N THR F 131 -33.20 25.73 12.94
CA THR F 131 -32.31 24.77 12.32
C THR F 131 -31.27 24.33 13.34
N ALA F 132 -30.82 23.08 13.22
CA ALA F 132 -29.86 22.49 14.14
C ALA F 132 -28.69 21.90 13.36
N SER F 133 -27.48 22.33 13.67
CA SER F 133 -26.26 21.82 13.07
C SER F 133 -25.47 21.03 14.10
N VAL F 134 -25.10 19.80 13.74
CA VAL F 134 -24.30 18.93 14.58
C VAL F 134 -22.93 18.78 13.93
N VAL F 135 -21.88 19.10 14.68
CA VAL F 135 -20.52 19.18 14.17
C VAL F 135 -19.68 18.08 14.79
N CYS F 136 -18.95 17.35 13.95
CA CYS F 136 -17.98 16.34 14.37
C CYS F 136 -16.59 16.78 13.92
N LEU F 137 -15.65 16.85 14.85
CA LEU F 137 -14.29 17.31 14.57
C LEU F 137 -13.30 16.16 14.62
N LEU F 138 -12.49 16.02 13.57
CA LEU F 138 -11.36 15.11 13.53
C LEU F 138 -10.08 15.94 13.49
N ASN F 139 -9.29 15.88 14.55
CA ASN F 139 -8.14 16.78 14.71
C ASN F 139 -6.82 16.06 14.47
N ASN F 140 -6.00 16.63 13.60
CA ASN F 140 -4.58 16.30 13.44
C ASN F 140 -4.36 14.80 13.20
N PHE F 141 -4.79 14.34 12.02
CA PHE F 141 -4.62 12.94 11.67
C PHE F 141 -3.80 12.80 10.39
N TYR F 142 -3.39 11.56 10.12
CA TYR F 142 -2.62 11.22 8.92
C TYR F 142 -2.65 9.71 8.70
N PRO F 143 -2.94 9.25 7.46
CA PRO F 143 -3.11 10.06 6.27
C PRO F 143 -4.51 10.69 6.17
N ARG F 144 -4.78 11.30 5.01
CA ARG F 144 -5.95 12.14 4.82
C ARG F 144 -7.24 11.31 4.71
N GLU F 145 -7.14 10.09 4.21
CA GLU F 145 -8.34 9.28 4.01
C GLU F 145 -8.99 8.94 5.35
N ALA F 146 -10.26 9.30 5.49
CA ALA F 146 -11.01 9.07 6.71
C ALA F 146 -12.49 8.96 6.36
N LYS F 147 -13.24 8.20 7.16
CA LYS F 147 -14.65 7.99 6.93
C LYS F 147 -15.45 8.44 8.14
N VAL F 148 -16.34 9.41 7.95
CA VAL F 148 -17.22 9.91 8.99
C VAL F 148 -18.64 9.46 8.68
N GLN F 149 -19.28 8.79 9.64
CA GLN F 149 -20.63 8.28 9.48
C GLN F 149 -21.50 8.82 10.61
N TRP F 150 -22.59 9.50 10.26
CA TRP F 150 -23.53 10.02 11.24
C TRP F 150 -24.63 9.01 11.54
N LYS F 151 -24.98 8.92 12.82
CA LYS F 151 -26.01 7.99 13.29
C LYS F 151 -26.94 8.73 14.24
N VAL F 152 -28.23 8.75 13.92
CA VAL F 152 -29.25 9.38 14.73
C VAL F 152 -30.18 8.28 15.24
N ASP F 153 -30.13 8.03 16.56
CA ASP F 153 -30.78 6.86 17.16
C ASP F 153 -30.37 5.58 16.45
N ASN F 154 -29.06 5.47 16.17
CA ASN F 154 -28.45 4.32 15.50
C ASN F 154 -28.98 4.12 14.08
N ALA F 155 -29.53 5.17 13.46
CA ALA F 155 -30.00 5.11 12.08
C ALA F 155 -29.01 5.84 11.19
N LEU F 156 -28.65 5.20 10.07
CA LEU F 156 -27.67 5.78 9.16
C LEU F 156 -28.21 7.02 8.46
N GLN F 157 -27.34 8.00 8.27
CA GLN F 157 -27.68 9.25 7.63
C GLN F 157 -26.98 9.36 6.28
N SER F 158 -27.63 10.04 5.34
CA SER F 158 -27.07 10.22 4.00
CA SER F 158 -27.06 10.23 4.01
C SER F 158 -27.75 11.41 3.34
N GLY F 159 -26.95 12.26 2.70
CA GLY F 159 -27.46 13.42 1.99
C GLY F 159 -27.74 14.65 2.82
N ASN F 160 -27.43 14.63 4.12
CA ASN F 160 -27.72 15.74 4.99
C ASN F 160 -26.48 16.19 5.77
N SER F 161 -25.29 15.92 5.21
CA SER F 161 -24.05 16.32 5.85
C SER F 161 -23.05 16.75 4.79
N GLN F 162 -22.18 17.69 5.16
CA GLN F 162 -21.08 18.14 4.32
C GLN F 162 -19.82 18.22 5.18
N GLU F 163 -18.67 18.03 4.53
CA GLU F 163 -17.40 18.08 5.24
C GLU F 163 -16.38 18.89 4.44
N SER F 164 -15.38 19.40 5.16
CA SER F 164 -14.26 20.07 4.54
C SER F 164 -13.01 19.72 5.34
N VAL F 165 -11.86 19.78 4.68
CA VAL F 165 -10.59 19.36 5.23
C VAL F 165 -9.62 20.53 5.14
N THR F 166 -8.74 20.63 6.13
CA THR F 166 -7.72 21.67 6.04
C THR F 166 -6.55 21.20 5.18
N GLU F 167 -5.68 22.15 4.85
CA GLU F 167 -4.43 21.82 4.16
CA GLU F 167 -4.43 21.84 4.17
C GLU F 167 -3.49 21.11 5.13
N GLN F 168 -2.47 20.47 4.56
CA GLN F 168 -1.48 19.79 5.38
C GLN F 168 -0.73 20.81 6.25
N ASP F 169 -0.73 20.56 7.57
CA ASP F 169 -0.12 21.50 8.50
C ASP F 169 1.37 21.70 8.17
N SER F 170 1.84 22.94 8.33
CA SER F 170 3.19 23.28 7.90
C SER F 170 4.28 22.68 8.79
N LYS F 171 3.97 22.27 10.01
CA LYS F 171 4.97 21.72 10.91
C LYS F 171 4.80 20.22 11.15
N ASP F 172 3.64 19.78 11.62
CA ASP F 172 3.45 18.36 11.87
C ASP F 172 2.79 17.63 10.71
N SER F 173 2.52 18.31 9.58
CA SER F 173 2.10 17.65 8.34
C SER F 173 0.81 16.82 8.51
N THR F 174 -0.06 17.21 9.43
CA THR F 174 -1.31 16.48 9.65
C THR F 174 -2.49 17.19 8.97
N TYR F 175 -3.64 16.52 8.98
CA TYR F 175 -4.89 17.05 8.46
C TYR F 175 -5.92 17.18 9.58
N SER F 176 -6.88 18.06 9.37
CA SER F 176 -8.06 18.13 10.23
C SER F 176 -9.30 18.15 9.36
N LEU F 177 -10.37 17.53 9.85
CA LEU F 177 -11.61 17.41 9.11
C LEU F 177 -12.76 17.88 10.00
N SER F 178 -13.75 18.48 9.36
CA SER F 178 -14.96 18.94 10.05
C SER F 178 -16.16 18.44 9.26
N SER F 179 -17.12 17.84 9.96
CA SER F 179 -18.35 17.37 9.33
C SER F 179 -19.55 17.98 10.04
N THR F 180 -20.45 18.60 9.27
CA THR F 180 -21.62 19.26 9.83
C THR F 180 -22.88 18.49 9.43
N LEU F 181 -23.62 18.02 10.43
CA LEU F 181 -24.91 17.38 10.24
C LEU F 181 -26.00 18.42 10.43
N THR F 182 -26.74 18.72 9.37
CA THR F 182 -27.75 19.76 9.38
C THR F 182 -29.14 19.14 9.38
N LEU F 183 -29.97 19.55 10.35
CA LEU F 183 -31.34 19.09 10.47
C LEU F 183 -32.21 20.27 10.91
N SER F 184 -33.49 20.21 10.55
CA SER F 184 -34.45 21.20 11.03
C SER F 184 -34.68 20.99 12.53
N LYS F 185 -35.16 22.06 13.19
CA LYS F 185 -35.42 21.98 14.63
C LYS F 185 -36.51 20.96 14.93
N ALA F 186 -37.47 20.78 14.02
CA ALA F 186 -38.50 19.78 14.21
C ALA F 186 -37.92 18.37 14.22
N ASP F 187 -37.09 18.05 13.21
CA ASP F 187 -36.50 16.73 13.12
C ASP F 187 -35.44 16.49 14.19
N TYR F 188 -34.75 17.55 14.62
CA TYR F 188 -33.72 17.40 15.65
C TYR F 188 -34.33 16.98 16.99
N GLU F 189 -35.53 17.46 17.31
CA GLU F 189 -36.17 17.14 18.58
C GLU F 189 -36.99 15.86 18.53
N LYS F 190 -37.16 15.25 17.35
CA LYS F 190 -37.82 13.96 17.24
C LYS F 190 -36.93 12.81 17.69
N HIS F 191 -35.66 13.07 18.00
CA HIS F 191 -34.70 12.00 18.25
C HIS F 191 -33.90 12.29 19.52
N LYS F 192 -33.09 11.31 19.93
CA LYS F 192 -32.41 11.34 21.22
C LYS F 192 -30.90 11.24 21.10
N VAL F 193 -30.38 10.17 20.49
CA VAL F 193 -28.94 9.90 20.45
C VAL F 193 -28.37 10.37 19.12
N TYR F 194 -27.33 11.19 19.17
CA TYR F 194 -26.64 11.69 18.00
C TYR F 194 -25.17 11.31 18.09
N ALA F 195 -24.70 10.54 17.11
CA ALA F 195 -23.33 10.03 17.12
C ALA F 195 -22.66 10.24 15.78
N CYS F 196 -21.33 10.39 15.82
CA CYS F 196 -20.51 10.43 14.62
C CYS F 196 -19.39 9.39 14.75
N GLU F 197 -19.31 8.50 13.76
CA GLU F 197 -18.40 7.37 13.79
C GLU F 197 -17.25 7.61 12.82
N VAL F 198 -16.02 7.39 13.29
CA VAL F 198 -14.81 7.71 12.53
C VAL F 198 -14.04 6.42 12.25
N THR F 199 -13.69 6.21 10.98
CA THR F 199 -12.88 5.07 10.55
C THR F 199 -11.58 5.59 9.98
N HIS F 200 -10.46 5.18 10.57
CA HIS F 200 -9.15 5.67 10.14
C HIS F 200 -8.11 4.57 10.29
N GLN F 201 -7.07 4.63 9.46
CA GLN F 201 -5.99 3.65 9.50
C GLN F 201 -5.29 3.65 10.85
N GLY F 202 -5.16 4.82 11.48
CA GLY F 202 -4.54 4.90 12.79
C GLY F 202 -5.40 4.37 13.92
N LEU F 203 -6.65 4.02 13.65
CA LEU F 203 -7.56 3.48 14.65
C LEU F 203 -7.73 1.98 14.39
N SER F 204 -7.52 1.18 15.45
CA SER F 204 -7.73 -0.26 15.31
C SER F 204 -9.21 -0.58 15.09
N SER F 205 -10.11 0.22 15.66
CA SER F 205 -11.54 0.04 15.51
CA SER F 205 -11.54 0.05 15.50
C SER F 205 -12.21 1.42 15.44
N PRO F 206 -13.32 1.53 14.72
CA PRO F 206 -14.00 2.84 14.62
C PRO F 206 -14.33 3.43 15.98
N VAL F 207 -14.00 4.71 16.14
CA VAL F 207 -14.30 5.47 17.35
C VAL F 207 -15.62 6.21 17.15
N THR F 208 -16.48 6.17 18.17
CA THR F 208 -17.77 6.85 18.12
C THR F 208 -17.88 7.86 19.25
N LYS F 209 -18.21 9.10 18.90
CA LYS F 209 -18.51 10.15 19.87
C LYS F 209 -19.99 10.49 19.76
N SER F 210 -20.67 10.56 20.89
CA SER F 210 -22.12 10.73 20.89
C SER F 210 -22.55 11.64 22.03
N PHE F 211 -23.79 12.11 21.94
CA PHE F 211 -24.44 12.85 23.01
C PHE F 211 -25.93 12.58 22.95
N ASN F 212 -26.62 12.89 24.04
CA ASN F 212 -28.07 12.77 24.12
C ASN F 212 -28.69 14.15 24.12
N ARG F 213 -29.81 14.29 23.41
CA ARG F 213 -30.40 15.60 23.18
C ARG F 213 -30.86 16.23 24.49
N GLY F 214 -30.30 17.39 24.80
CA GLY F 214 -30.77 18.18 25.93
C GLY F 214 -30.63 17.54 27.29
N GLU F 215 -29.54 16.79 27.50
CA GLU F 215 -29.27 16.25 28.84
C GLU F 215 -28.40 17.24 29.60
N CYS F 216 -27.13 17.35 29.21
CA CYS F 216 -26.23 18.39 29.72
C CYS F 216 -24.90 18.35 28.97
#